data_1RB9
# 
_entry.id   1RB9 
# 
_audit_conform.dict_name       mmcif_pdbx.dic 
_audit_conform.dict_version    5.399 
_audit_conform.dict_location   http://mmcif.pdb.org/dictionaries/ascii/mmcif_pdbx.dic 
# 
loop_
_database_2.database_id 
_database_2.database_code 
_database_2.pdbx_database_accession 
_database_2.pdbx_DOI 
PDB   1RB9         pdb_00001rb9 10.2210/pdb1rb9/pdb 
WWPDB D_1000175986 ?            ?                   
# 
loop_
_pdbx_audit_revision_history.ordinal 
_pdbx_audit_revision_history.data_content_type 
_pdbx_audit_revision_history.major_revision 
_pdbx_audit_revision_history.minor_revision 
_pdbx_audit_revision_history.revision_date 
1 'Structure model' 1 0 1999-02-16 
2 'Structure model' 1 1 2008-03-21 
3 'Structure model' 1 2 2011-07-13 
4 'Structure model' 1 3 2023-08-09 
5 'Structure model' 1 4 2024-11-20 
# 
_pdbx_audit_revision_details.ordinal             1 
_pdbx_audit_revision_details.revision_ordinal    1 
_pdbx_audit_revision_details.data_content_type   'Structure model' 
_pdbx_audit_revision_details.provider            repository 
_pdbx_audit_revision_details.type                'Initial release' 
_pdbx_audit_revision_details.description         ? 
_pdbx_audit_revision_details.details             ? 
# 
loop_
_pdbx_audit_revision_group.ordinal 
_pdbx_audit_revision_group.revision_ordinal 
_pdbx_audit_revision_group.data_content_type 
_pdbx_audit_revision_group.group 
1 2 'Structure model' 'Version format compliance' 
2 3 'Structure model' 'Version format compliance' 
3 4 'Structure model' 'Data collection'           
4 4 'Structure model' 'Database references'       
5 4 'Structure model' 'Derived calculations'      
6 4 'Structure model' Other                       
7 4 'Structure model' 'Refinement description'    
8 5 'Structure model' 'Data collection'           
9 5 'Structure model' 'Structure summary'         
# 
loop_
_pdbx_audit_revision_category.ordinal 
_pdbx_audit_revision_category.revision_ordinal 
_pdbx_audit_revision_category.data_content_type 
_pdbx_audit_revision_category.category 
1  4 'Structure model' database_2                    
2  4 'Structure model' diffrn_source                 
3  4 'Structure model' pdbx_database_status          
4  4 'Structure model' pdbx_initial_refinement_model 
5  4 'Structure model' software                      
6  4 'Structure model' struct_conn                   
7  4 'Structure model' struct_conn_type              
8  4 'Structure model' struct_site                   
9  5 'Structure model' chem_comp_atom                
10 5 'Structure model' chem_comp_bond                
11 5 'Structure model' pdbx_entry_details            
12 5 'Structure model' pdbx_modification_feature     
# 
loop_
_pdbx_audit_revision_item.ordinal 
_pdbx_audit_revision_item.revision_ordinal 
_pdbx_audit_revision_item.data_content_type 
_pdbx_audit_revision_item.item 
1  4 'Structure model' '_database_2.pdbx_DOI'                 
2  4 'Structure model' '_database_2.pdbx_database_accession'  
3  4 'Structure model' '_diffrn_source.pdbx_synchrotron_site' 
4  4 'Structure model' '_pdbx_database_status.process_site'   
5  4 'Structure model' '_software.name'                       
6  4 'Structure model' '_struct_conn.conn_type_id'            
7  4 'Structure model' '_struct_conn.id'                      
8  4 'Structure model' '_struct_conn.pdbx_dist_value'         
9  4 'Structure model' '_struct_conn.pdbx_leaving_atom_flag'  
10 4 'Structure model' '_struct_conn.pdbx_ptnr1_label_alt_id' 
11 4 'Structure model' '_struct_conn.ptnr1_auth_comp_id'      
12 4 'Structure model' '_struct_conn.ptnr1_auth_seq_id'       
13 4 'Structure model' '_struct_conn.ptnr1_label_asym_id'     
14 4 'Structure model' '_struct_conn.ptnr1_label_atom_id'     
15 4 'Structure model' '_struct_conn.ptnr1_label_comp_id'     
16 4 'Structure model' '_struct_conn.ptnr1_label_seq_id'      
17 4 'Structure model' '_struct_conn.ptnr2_auth_comp_id'      
18 4 'Structure model' '_struct_conn.ptnr2_auth_seq_id'       
19 4 'Structure model' '_struct_conn.ptnr2_label_asym_id'     
20 4 'Structure model' '_struct_conn.ptnr2_label_atom_id'     
21 4 'Structure model' '_struct_conn.ptnr2_label_comp_id'     
22 4 'Structure model' '_struct_conn.ptnr2_label_seq_id'      
23 4 'Structure model' '_struct_conn_type.id'                 
24 4 'Structure model' '_struct_site.pdbx_auth_asym_id'       
25 4 'Structure model' '_struct_site.pdbx_auth_comp_id'       
26 4 'Structure model' '_struct_site.pdbx_auth_seq_id'        
# 
_pdbx_database_status.status_code                     REL 
_pdbx_database_status.entry_id                        1RB9 
_pdbx_database_status.recvd_initial_deposition_date   1997-12-21 
_pdbx_database_status.deposit_site                    ? 
_pdbx_database_status.process_site                    BNL 
_pdbx_database_status.status_code_sf                  REL 
_pdbx_database_status.status_code_mr                  ? 
_pdbx_database_status.SG_entry                        ? 
_pdbx_database_status.pdb_format_compatible           Y 
_pdbx_database_status.status_code_cs                  ? 
_pdbx_database_status.status_code_nmr_data            ? 
_pdbx_database_status.methods_development_category    ? 
# 
loop_
_audit_author.name 
_audit_author.pdbx_ordinal 
'Dauter, Z.'      1 
'Butterworth, S.' 2 
'Sieker, L.C.'    3 
'Sheldrick, G.'   4 
'Wilson, K.S.'    5 
# 
_citation.id                        primary 
_citation.title                     'Anisotropic Refinement of Rubredoxin from Desulfovibrio Vulgaris' 
_citation.journal_abbrev            'To be Published' 
_citation.journal_volume            ? 
_citation.page_first                ? 
_citation.page_last                 ? 
_citation.year                      ? 
_citation.journal_id_ASTM           ? 
_citation.country                   ? 
_citation.journal_id_ISSN           ? 
_citation.journal_id_CSD            0353 
_citation.book_publisher            ? 
_citation.pdbx_database_id_PubMed   ? 
_citation.pdbx_database_id_DOI      ? 
# 
loop_
_citation_author.citation_id 
_citation_author.name 
_citation_author.ordinal 
_citation_author.identifier_ORCID 
primary 'Dauter, Z.'      1 ? 
primary 'Butterworth, S.' 2 ? 
primary 'Sieker, L.C.'    3 ? 
primary 'Sheldrick, G.'   4 ? 
primary 'Wilson, K.S.'    5 ? 
# 
loop_
_entity.id 
_entity.type 
_entity.src_method 
_entity.pdbx_description 
_entity.formula_weight 
_entity.pdbx_number_of_molecules 
_entity.pdbx_ec 
_entity.pdbx_mutation 
_entity.pdbx_fragment 
_entity.details 
1 polymer     man RUBREDOXIN    5606.185 1  ? ? ? ? 
2 non-polymer syn 'FE (II) ION' 55.845   1  ? ? ? ? 
3 non-polymer syn 'SULFATE ION' 96.063   1  ? ? ? ? 
4 water       nat water         18.015   93 ? ? ? ? 
# 
_entity_poly.entity_id                      1 
_entity_poly.type                           'polypeptide(L)' 
_entity_poly.nstd_linkage                   no 
_entity_poly.nstd_monomer                   yes 
_entity_poly.pdbx_seq_one_letter_code       '(FME)KKYVCTVCGYEYDPAEGDPDNGVKPGTSFDDLPADWVCPVCGAPKSEFEAA' 
_entity_poly.pdbx_seq_one_letter_code_can   MKKYVCTVCGYEYDPAEGDPDNGVKPGTSFDDLPADWVCPVCGAPKSEFEAA 
_entity_poly.pdbx_strand_id                 A 
_entity_poly.pdbx_target_identifier         ? 
# 
loop_
_pdbx_entity_nonpoly.entity_id 
_pdbx_entity_nonpoly.name 
_pdbx_entity_nonpoly.comp_id 
2 'FE (II) ION' FE2 
3 'SULFATE ION' SO4 
4 water         HOH 
# 
loop_
_entity_poly_seq.entity_id 
_entity_poly_seq.num 
_entity_poly_seq.mon_id 
_entity_poly_seq.hetero 
1 1  FME n 
1 2  LYS n 
1 3  LYS n 
1 4  TYR n 
1 5  VAL n 
1 6  CYS n 
1 7  THR n 
1 8  VAL n 
1 9  CYS n 
1 10 GLY n 
1 11 TYR n 
1 12 GLU n 
1 13 TYR n 
1 14 ASP n 
1 15 PRO n 
1 16 ALA n 
1 17 GLU n 
1 18 GLY n 
1 19 ASP n 
1 20 PRO n 
1 21 ASP n 
1 22 ASN n 
1 23 GLY n 
1 24 VAL n 
1 25 LYS n 
1 26 PRO n 
1 27 GLY n 
1 28 THR n 
1 29 SER n 
1 30 PHE n 
1 31 ASP n 
1 32 ASP n 
1 33 LEU n 
1 34 PRO n 
1 35 ALA n 
1 36 ASP n 
1 37 TRP n 
1 38 VAL n 
1 39 CYS n 
1 40 PRO n 
1 41 VAL n 
1 42 CYS n 
1 43 GLY n 
1 44 ALA n 
1 45 PRO n 
1 46 LYS n 
1 47 SER n 
1 48 GLU n 
1 49 PHE n 
1 50 GLU n 
1 51 ALA n 
1 52 ALA n 
# 
_entity_src_gen.entity_id                          1 
_entity_src_gen.pdbx_src_id                        1 
_entity_src_gen.pdbx_alt_source_flag               sample 
_entity_src_gen.pdbx_seq_type                      ? 
_entity_src_gen.pdbx_beg_seq_num                   ? 
_entity_src_gen.pdbx_end_seq_num                   ? 
_entity_src_gen.gene_src_common_name               ? 
_entity_src_gen.gene_src_genus                     Desulfovibrio 
_entity_src_gen.pdbx_gene_src_gene                 ? 
_entity_src_gen.gene_src_species                   'Desulfovibrio vulgaris' 
_entity_src_gen.gene_src_strain                    HILDENBOROUGH 
_entity_src_gen.gene_src_tissue                    ? 
_entity_src_gen.gene_src_tissue_fraction           ? 
_entity_src_gen.gene_src_details                   ? 
_entity_src_gen.pdbx_gene_src_fragment             ? 
_entity_src_gen.pdbx_gene_src_scientific_name      'Desulfovibrio vulgaris subsp. vulgaris str. Hildenborough' 
_entity_src_gen.pdbx_gene_src_ncbi_taxonomy_id     882 
_entity_src_gen.pdbx_gene_src_variant              ? 
_entity_src_gen.pdbx_gene_src_cell_line            ? 
_entity_src_gen.pdbx_gene_src_atcc                 ? 
_entity_src_gen.pdbx_gene_src_organ                ? 
_entity_src_gen.pdbx_gene_src_organelle            ? 
_entity_src_gen.pdbx_gene_src_cell                 ? 
_entity_src_gen.pdbx_gene_src_cellular_location    ? 
_entity_src_gen.host_org_common_name               ? 
_entity_src_gen.pdbx_host_org_scientific_name      'Escherichia coli' 
_entity_src_gen.pdbx_host_org_ncbi_taxonomy_id     562 
_entity_src_gen.host_org_genus                     Escherichia 
_entity_src_gen.pdbx_host_org_gene                 ? 
_entity_src_gen.pdbx_host_org_organ                ? 
_entity_src_gen.host_org_species                   ? 
_entity_src_gen.pdbx_host_org_tissue               ? 
_entity_src_gen.pdbx_host_org_tissue_fraction      ? 
_entity_src_gen.pdbx_host_org_strain               ? 
_entity_src_gen.pdbx_host_org_variant              ? 
_entity_src_gen.pdbx_host_org_cell_line            ? 
_entity_src_gen.pdbx_host_org_atcc                 ? 
_entity_src_gen.pdbx_host_org_culture_collection   ? 
_entity_src_gen.pdbx_host_org_cell                 ? 
_entity_src_gen.pdbx_host_org_organelle            ? 
_entity_src_gen.pdbx_host_org_cellular_location    ? 
_entity_src_gen.pdbx_host_org_vector_type          ? 
_entity_src_gen.pdbx_host_org_vector               ? 
_entity_src_gen.host_org_details                   ? 
_entity_src_gen.expression_system_id               ? 
_entity_src_gen.plasmid_name                       ? 
_entity_src_gen.plasmid_details                    ? 
_entity_src_gen.pdbx_description                   ? 
# 
loop_
_chem_comp.id 
_chem_comp.type 
_chem_comp.mon_nstd_flag 
_chem_comp.name 
_chem_comp.pdbx_synonyms 
_chem_comp.formula 
_chem_comp.formula_weight 
ALA 'L-peptide linking' y ALANINE            ? 'C3 H7 N O2'     89.093  
ASN 'L-peptide linking' y ASPARAGINE         ? 'C4 H8 N2 O3'    132.118 
ASP 'L-peptide linking' y 'ASPARTIC ACID'    ? 'C4 H7 N O4'     133.103 
CYS 'L-peptide linking' y CYSTEINE           ? 'C3 H7 N O2 S'   121.158 
FE2 non-polymer         . 'FE (II) ION'      ? 'Fe 2'           55.845  
FME 'L-peptide linking' n N-FORMYLMETHIONINE ? 'C6 H11 N O3 S'  177.221 
GLU 'L-peptide linking' y 'GLUTAMIC ACID'    ? 'C5 H9 N O4'     147.129 
GLY 'peptide linking'   y GLYCINE            ? 'C2 H5 N O2'     75.067  
HOH non-polymer         . WATER              ? 'H2 O'           18.015  
LEU 'L-peptide linking' y LEUCINE            ? 'C6 H13 N O2'    131.173 
LYS 'L-peptide linking' y LYSINE             ? 'C6 H15 N2 O2 1' 147.195 
PHE 'L-peptide linking' y PHENYLALANINE      ? 'C9 H11 N O2'    165.189 
PRO 'L-peptide linking' y PROLINE            ? 'C5 H9 N O2'     115.130 
SER 'L-peptide linking' y SERINE             ? 'C3 H7 N O3'     105.093 
SO4 non-polymer         . 'SULFATE ION'      ? 'O4 S -2'        96.063  
THR 'L-peptide linking' y THREONINE          ? 'C4 H9 N O3'     119.119 
TRP 'L-peptide linking' y TRYPTOPHAN         ? 'C11 H12 N2 O2'  204.225 
TYR 'L-peptide linking' y TYROSINE           ? 'C9 H11 N O3'    181.189 
VAL 'L-peptide linking' y VALINE             ? 'C5 H11 N O2'    117.146 
# 
loop_
_pdbx_poly_seq_scheme.asym_id 
_pdbx_poly_seq_scheme.entity_id 
_pdbx_poly_seq_scheme.seq_id 
_pdbx_poly_seq_scheme.mon_id 
_pdbx_poly_seq_scheme.ndb_seq_num 
_pdbx_poly_seq_scheme.pdb_seq_num 
_pdbx_poly_seq_scheme.auth_seq_num 
_pdbx_poly_seq_scheme.pdb_mon_id 
_pdbx_poly_seq_scheme.auth_mon_id 
_pdbx_poly_seq_scheme.pdb_strand_id 
_pdbx_poly_seq_scheme.pdb_ins_code 
_pdbx_poly_seq_scheme.hetero 
A 1 1  FME 1  1  1  FME MET A . n 
A 1 2  LYS 2  2  2  LYS LYS A . n 
A 1 3  LYS 3  3  3  LYS LYS A . n 
A 1 4  TYR 4  4  4  TYR TYR A . n 
A 1 5  VAL 5  5  5  VAL VAL A . n 
A 1 6  CYS 6  6  6  CYS CYS A . n 
A 1 7  THR 7  7  7  THR THR A . n 
A 1 8  VAL 8  8  8  VAL VAL A . n 
A 1 9  CYS 9  9  9  CYS CYS A . n 
A 1 10 GLY 10 10 10 GLY GLY A . n 
A 1 11 TYR 11 11 11 TYR TYR A . n 
A 1 12 GLU 12 12 12 GLU GLU A . n 
A 1 13 TYR 13 13 13 TYR TYR A . n 
A 1 14 ASP 14 14 14 ASP ASP A . n 
A 1 15 PRO 15 15 15 PRO PRO A . n 
A 1 16 ALA 16 16 16 ALA ALA A . n 
A 1 17 GLU 17 17 17 GLU GLU A . n 
A 1 18 GLY 18 18 18 GLY GLY A . n 
A 1 19 ASP 19 19 19 ASP ASP A . n 
A 1 20 PRO 20 20 20 PRO PRO A . n 
A 1 21 ASP 21 21 21 ASP ASP A . n 
A 1 22 ASN 22 22 22 ASN ASN A . n 
A 1 23 GLY 23 23 23 GLY GLY A . n 
A 1 24 VAL 24 24 24 VAL VAL A . n 
A 1 25 LYS 25 25 25 LYS LYS A . n 
A 1 26 PRO 26 26 26 PRO PRO A . n 
A 1 27 GLY 27 27 27 GLY GLY A . n 
A 1 28 THR 28 28 28 THR THR A . n 
A 1 29 SER 29 29 29 SER SER A . n 
A 1 30 PHE 30 30 30 PHE PHE A . n 
A 1 31 ASP 31 31 31 ASP ASP A . n 
A 1 32 ASP 32 32 32 ASP ASP A . n 
A 1 33 LEU 33 33 33 LEU LEU A . n 
A 1 34 PRO 34 34 34 PRO PRO A . n 
A 1 35 ALA 35 35 35 ALA ALA A . n 
A 1 36 ASP 36 36 36 ASP ASP A . n 
A 1 37 TRP 37 37 37 TRP TRP A . n 
A 1 38 VAL 38 38 38 VAL VAL A . n 
A 1 39 CYS 39 39 39 CYS CYS A . n 
A 1 40 PRO 40 40 40 PRO PRO A . n 
A 1 41 VAL 41 41 41 VAL VAL A . n 
A 1 42 CYS 42 42 42 CYS CYS A . n 
A 1 43 GLY 43 43 43 GLY GLY A . n 
A 1 44 ALA 44 44 44 ALA ALA A . n 
A 1 45 PRO 45 45 45 PRO PRO A . n 
A 1 46 LYS 46 46 46 LYS LYS A . n 
A 1 47 SER 47 47 47 SER SER A . n 
A 1 48 GLU 48 48 48 GLU GLU A . n 
A 1 49 PHE 49 49 49 PHE PHE A . n 
A 1 50 GLU 50 50 50 GLU GLU A . n 
A 1 51 ALA 51 51 51 ALA ALA A . n 
A 1 52 ALA 52 52 52 ALA ALA A . n 
# 
loop_
_pdbx_nonpoly_scheme.asym_id 
_pdbx_nonpoly_scheme.entity_id 
_pdbx_nonpoly_scheme.mon_id 
_pdbx_nonpoly_scheme.ndb_seq_num 
_pdbx_nonpoly_scheme.pdb_seq_num 
_pdbx_nonpoly_scheme.auth_seq_num 
_pdbx_nonpoly_scheme.pdb_mon_id 
_pdbx_nonpoly_scheme.auth_mon_id 
_pdbx_nonpoly_scheme.pdb_strand_id 
_pdbx_nonpoly_scheme.pdb_ins_code 
B 2 FE2 1  54  54  FE2 FE2 A . 
C 3 SO4 1  56  56  SO4 SO4 A . 
D 4 HOH 1  57  57  HOH HOH A . 
D 4 HOH 2  58  58  HOH HOH A . 
D 4 HOH 3  59  59  HOH HOH A . 
D 4 HOH 4  60  60  HOH HOH A . 
D 4 HOH 5  61  61  HOH HOH A . 
D 4 HOH 6  62  62  HOH HOH A . 
D 4 HOH 7  63  63  HOH HOH A . 
D 4 HOH 8  64  64  HOH HOH A . 
D 4 HOH 9  65  65  HOH HOH A . 
D 4 HOH 10 66  66  HOH HOH A . 
D 4 HOH 11 67  67  HOH HOH A . 
D 4 HOH 12 68  68  HOH HOH A . 
D 4 HOH 13 69  69  HOH HOH A . 
D 4 HOH 14 70  70  HOH HOH A . 
D 4 HOH 15 71  71  HOH HOH A . 
D 4 HOH 16 72  72  HOH HOH A . 
D 4 HOH 17 73  73  HOH HOH A . 
D 4 HOH 18 74  74  HOH HOH A . 
D 4 HOH 19 75  75  HOH HOH A . 
D 4 HOH 20 76  76  HOH HOH A . 
D 4 HOH 21 77  77  HOH HOH A . 
D 4 HOH 22 78  78  HOH HOH A . 
D 4 HOH 23 79  79  HOH HOH A . 
D 4 HOH 24 80  80  HOH HOH A . 
D 4 HOH 25 81  81  HOH HOH A . 
D 4 HOH 26 82  82  HOH HOH A . 
D 4 HOH 27 83  83  HOH HOH A . 
D 4 HOH 28 84  84  HOH HOH A . 
D 4 HOH 29 85  85  HOH HOH A . 
D 4 HOH 30 86  86  HOH HOH A . 
D 4 HOH 31 87  87  HOH HOH A . 
D 4 HOH 32 88  88  HOH HOH A . 
D 4 HOH 33 89  89  HOH HOH A . 
D 4 HOH 34 90  90  HOH HOH A . 
D 4 HOH 35 91  91  HOH HOH A . 
D 4 HOH 36 92  92  HOH HOH A . 
D 4 HOH 37 93  93  HOH HOH A . 
D 4 HOH 38 94  94  HOH HOH A . 
D 4 HOH 39 95  95  HOH HOH A . 
D 4 HOH 40 96  96  HOH HOH A . 
D 4 HOH 41 97  97  HOH HOH A . 
D 4 HOH 42 98  98  HOH HOH A . 
D 4 HOH 43 99  99  HOH HOH A . 
D 4 HOH 44 100 100 HOH HOH A . 
D 4 HOH 45 101 101 HOH HOH A . 
D 4 HOH 46 102 102 HOH HOH A . 
D 4 HOH 47 103 103 HOH HOH A . 
D 4 HOH 48 104 104 HOH HOH A . 
D 4 HOH 49 105 105 HOH HOH A . 
D 4 HOH 50 106 106 HOH HOH A . 
D 4 HOH 51 107 107 HOH HOH A . 
D 4 HOH 52 108 108 HOH HOH A . 
D 4 HOH 53 109 109 HOH HOH A . 
D 4 HOH 54 110 110 HOH HOH A . 
D 4 HOH 55 111 111 HOH HOH A . 
D 4 HOH 56 112 112 HOH HOH A . 
D 4 HOH 57 113 113 HOH HOH A . 
D 4 HOH 58 114 114 HOH HOH A . 
D 4 HOH 59 115 115 HOH HOH A . 
D 4 HOH 60 116 116 HOH HOH A . 
D 4 HOH 61 117 117 HOH HOH A . 
D 4 HOH 62 118 118 HOH HOH A . 
D 4 HOH 63 119 119 HOH HOH A . 
D 4 HOH 64 120 120 HOH HOH A . 
D 4 HOH 65 121 121 HOH HOH A . 
D 4 HOH 66 122 122 HOH HOH A . 
D 4 HOH 67 123 123 HOH HOH A . 
D 4 HOH 68 124 124 HOH HOH A . 
D 4 HOH 69 125 125 HOH HOH A . 
D 4 HOH 70 126 126 HOH HOH A . 
D 4 HOH 71 127 127 HOH HOH A . 
D 4 HOH 72 128 128 HOH HOH A . 
D 4 HOH 73 129 129 HOH HOH A . 
D 4 HOH 74 130 130 HOH HOH A . 
D 4 HOH 75 131 131 HOH HOH A . 
D 4 HOH 76 132 132 HOH HOH A . 
D 4 HOH 77 133 133 HOH HOH A . 
D 4 HOH 78 134 134 HOH HOH A . 
D 4 HOH 79 135 135 HOH HOH A . 
D 4 HOH 80 136 136 HOH HOH A . 
D 4 HOH 81 137 137 HOH HOH A . 
D 4 HOH 82 138 138 HOH HOH A . 
D 4 HOH 83 139 139 HOH HOH A . 
D 4 HOH 84 140 140 HOH HOH A . 
D 4 HOH 85 141 141 HOH HOH A . 
D 4 HOH 86 142 142 HOH HOH A . 
D 4 HOH 87 143 143 HOH HOH A . 
D 4 HOH 88 144 144 HOH HOH A . 
D 4 HOH 89 145 145 HOH HOH A . 
D 4 HOH 90 146 146 HOH HOH A . 
D 4 HOH 91 147 147 HOH HOH A . 
D 4 HOH 92 148 148 HOH HOH A . 
D 4 HOH 93 149 149 HOH HOH A . 
# 
loop_
_software.name 
_software.classification 
_software.version 
_software.citation_id 
_software.pdbx_ordinal 
SHELXL-97 'model building' . ? 1 
SHELXL-97 refinement       . ? 2 
MOSFLM    'data reduction' . ? 3 
Agrovata  'data scaling'   . ? 4 
SHELXL-97 phasing          . ? 5 
# 
_cell.entry_id           1RB9 
_cell.length_a           19.970 
_cell.length_b           41.450 
_cell.length_c           24.410 
_cell.angle_alpha        90.00 
_cell.angle_beta         108.30 
_cell.angle_gamma        90.00 
_cell.Z_PDB              2 
_cell.pdbx_unique_axis   ? 
# 
_symmetry.entry_id                         1RB9 
_symmetry.space_group_name_H-M             'P 1 21 1' 
_symmetry.pdbx_full_space_group_name_H-M   ? 
_symmetry.cell_setting                     ? 
_symmetry.Int_Tables_number                4 
# 
_exptl.entry_id          1RB9 
_exptl.method            'X-RAY DIFFRACTION' 
_exptl.crystals_number   1 
# 
_exptl_crystal.id                    1 
_exptl_crystal.density_meas          ? 
_exptl_crystal.density_Matthews      1.64 
_exptl_crystal.density_percent_sol   25 
_exptl_crystal.description           ? 
# 
_exptl_crystal_grow.crystal_id      1 
_exptl_crystal_grow.method          ? 
_exptl_crystal_grow.temp            ? 
_exptl_crystal_grow.temp_details    ? 
_exptl_crystal_grow.pH              4.5 
_exptl_crystal_grow.pdbx_pH_range   ? 
_exptl_crystal_grow.pdbx_details    'pH 4.5' 
# 
_diffrn.id                     1 
_diffrn.ambient_temp           293 
_diffrn.ambient_temp_details   ? 
_diffrn.crystal_id             1 
# 
_diffrn_detector.diffrn_id              1 
_diffrn_detector.detector               'IMAGE PLATE' 
_diffrn_detector.type                   MARRESEARCH 
_diffrn_detector.pdbx_collection_date   1988-08 
_diffrn_detector.details                MIRRORS 
# 
_diffrn_radiation.diffrn_id                        1 
_diffrn_radiation.wavelength_id                    1 
_diffrn_radiation.pdbx_monochromatic_or_laue_m_l   M 
_diffrn_radiation.monochromator                    'SI(111)' 
_diffrn_radiation.pdbx_diffrn_protocol             ? 
_diffrn_radiation.pdbx_scattering_type             x-ray 
# 
_diffrn_radiation_wavelength.id           1 
_diffrn_radiation_wavelength.wavelength   0.70 
_diffrn_radiation_wavelength.wt           1.0 
# 
_diffrn_source.diffrn_id                   1 
_diffrn_source.source                      SYNCHROTRON 
_diffrn_source.type                        'EMBL/DESY, HAMBURG BEAMLINE X31' 
_diffrn_source.pdbx_synchrotron_site       'EMBL/DESY, HAMBURG' 
_diffrn_source.pdbx_synchrotron_beamline   X31 
_diffrn_source.pdbx_wavelength             0.70 
_diffrn_source.pdbx_wavelength_list        ? 
# 
_reflns.entry_id                     1RB9 
_reflns.observed_criterion_sigma_I   -3.0 
_reflns.observed_criterion_sigma_F   ? 
_reflns.d_resolution_low             20.0 
_reflns.d_resolution_high            0.92 
_reflns.number_obs                   26124 
_reflns.number_all                   ? 
_reflns.percent_possible_obs         98.5 
_reflns.pdbx_Rmerge_I_obs            0.0310000 
_reflns.pdbx_Rsym_value              0.0310000 
_reflns.pdbx_netI_over_sigmaI        10.0 
_reflns.B_iso_Wilson_estimate        ? 
_reflns.pdbx_redundancy              3.7 
_reflns.pdbx_diffrn_id               1 
_reflns.pdbx_ordinal                 1 
# 
_reflns_shell.d_res_high             0.92 
_reflns_shell.d_res_low              0.94 
_reflns_shell.percent_possible_all   98.0 
_reflns_shell.Rmerge_I_obs           0.1480000 
_reflns_shell.pdbx_Rsym_value        0.1480000 
_reflns_shell.meanI_over_sigI_obs    3.1 
_reflns_shell.pdbx_redundancy        3.5 
_reflns_shell.pdbx_diffrn_id         ? 
_reflns_shell.pdbx_ordinal           1 
# 
_refine.entry_id                                 1RB9 
_refine.ls_number_reflns_obs                     ? 
_refine.ls_number_reflns_all                     48061 
_refine.pdbx_ls_sigma_I                          ? 
_refine.pdbx_ls_sigma_F                          0.0 
_refine.pdbx_data_cutoff_high_absF               ? 
_refine.pdbx_data_cutoff_low_absF                ? 
_refine.pdbx_data_cutoff_high_rms_absF           ? 
_refine.ls_d_res_low                             20.0 
_refine.ls_d_res_high                            0.92 
_refine.ls_percent_reflns_obs                    98.5 
_refine.ls_R_factor_obs                          ? 
_refine.ls_R_factor_all                          0.0731000 
_refine.ls_R_factor_R_work                       ? 
_refine.ls_R_factor_R_free                       ? 
_refine.ls_R_factor_R_free_error                 ? 
_refine.ls_R_factor_R_free_error_details         ? 
_refine.ls_percent_reflns_R_free                 ? 
_refine.ls_number_reflns_R_free                  ? 
_refine.ls_number_parameters                     5037 
_refine.ls_number_restraints                     5439 
_refine.occupancy_min                            ? 
_refine.occupancy_max                            ? 
_refine.B_iso_mean                               ? 
_refine.aniso_B[1][1]                            ? 
_refine.aniso_B[2][2]                            ? 
_refine.aniso_B[3][3]                            ? 
_refine.aniso_B[1][2]                            ? 
_refine.aniso_B[1][3]                            ? 
_refine.aniso_B[2][3]                            ? 
_refine.solvent_model_details                    'MOEWS & KRETSINGER' 
_refine.solvent_model_param_ksol                 ? 
_refine.solvent_model_param_bsol                 ? 
_refine.pdbx_ls_cross_valid_method               ? 
_refine.details                                  'FRIEDEL RELATED REFLECTIONS NOT MERGED' 
_refine.pdbx_starting_model                      8RXN 
_refine.pdbx_method_to_determine_struct          'MODEL KNOWN (8RXN)' 
_refine.pdbx_isotropic_thermal_model             ? 
_refine.pdbx_stereochemistry_target_values       'ENGH AND HUBER' 
_refine.pdbx_stereochem_target_val_spec_case     ? 
_refine.pdbx_R_Free_selection_details            ? 
_refine.pdbx_overall_ESU_R                       ? 
_refine.pdbx_overall_ESU_R_Free                  ? 
_refine.overall_SU_ML                            ? 
_refine.overall_SU_B                             ? 
_refine.pdbx_refine_id                           'X-RAY DIFFRACTION' 
_refine.pdbx_diffrn_id                           1 
_refine.pdbx_TLS_residual_ADP_flag               ? 
_refine.correlation_coeff_Fo_to_Fc               ? 
_refine.correlation_coeff_Fo_to_Fc_free          ? 
_refine.pdbx_solvent_vdw_probe_radii             ? 
_refine.pdbx_solvent_ion_probe_radii             ? 
_refine.pdbx_solvent_shrinkage_radii             ? 
_refine.pdbx_overall_phase_error                 ? 
_refine.overall_SU_R_Cruickshank_DPI             ? 
_refine.pdbx_overall_SU_R_free_Cruickshank_DPI   ? 
_refine.pdbx_overall_SU_R_Blow_DPI               ? 
_refine.pdbx_overall_SU_R_free_Blow_DPI          ? 
# 
_refine_analyze.entry_id                        1RB9 
_refine_analyze.Luzzati_coordinate_error_obs    ? 
_refine_analyze.Luzzati_sigma_a_obs             ? 
_refine_analyze.Luzzati_d_res_low_obs           ? 
_refine_analyze.Luzzati_coordinate_error_free   ? 
_refine_analyze.Luzzati_sigma_a_free            ? 
_refine_analyze.Luzzati_d_res_low_free          ? 
_refine_analyze.number_disordered_residues      12 
_refine_analyze.occupancy_sum_hydrogen          524.0 
_refine_analyze.occupancy_sum_non_hydrogen      1426.6 
_refine_analyze.pdbx_refine_id                  'X-RAY DIFFRACTION' 
# 
_refine_hist.pdbx_refine_id                   'X-RAY DIFFRACTION' 
_refine_hist.cycle_id                         LAST 
_refine_hist.pdbx_number_atoms_protein        716 
_refine_hist.pdbx_number_atoms_nucleic_acid   0 
_refine_hist.pdbx_number_atoms_ligand         11 
_refine_hist.number_atoms_solvent             93 
_refine_hist.number_atoms_total               820 
_refine_hist.d_res_high                       0.92 
_refine_hist.d_res_low                        20.0 
# 
loop_
_refine_ls_restr.type 
_refine_ls_restr.dev_ideal 
_refine_ls_restr.dev_ideal_target 
_refine_ls_restr.weight 
_refine_ls_restr.number 
_refine_ls_restr.pdbx_refine_id 
_refine_ls_restr.pdbx_restraint_function 
s_bond_d               0.021 ? ? ? 'X-RAY DIFFRACTION' ? 
s_angle_d              0.038 ? ? ? 'X-RAY DIFFRACTION' ? 
s_similar_dist         0.031 ? ? ? 'X-RAY DIFFRACTION' ? 
s_from_restr_planes    ?     ? ? ? 'X-RAY DIFFRACTION' ? 
s_zero_chiral_vol      0.153 ? ? ? 'X-RAY DIFFRACTION' ? 
s_non_zero_chiral_vol  0.240 ? ? ? 'X-RAY DIFFRACTION' ? 
s_anti_bump_dis_restr  ?     ? ? ? 'X-RAY DIFFRACTION' ? 
s_rigid_bond_adp_cmpnt 0.007 ? ? ? 'X-RAY DIFFRACTION' ? 
s_similar_adp_cmpnt    0.040 ? ? ? 'X-RAY DIFFRACTION' ? 
s_approx_iso_adps      0.102 ? ? ? 'X-RAY DIFFRACTION' ? 
# 
_pdbx_refine.entry_id                                    1RB9 
_pdbx_refine.R_factor_all_no_cutoff                      0.0731000 
_pdbx_refine.R_factor_obs_no_cutoff                      ? 
_pdbx_refine.free_R_factor_no_cutoff                     ? 
_pdbx_refine.free_R_val_test_set_size_perc_no_cutoff     ? 
_pdbx_refine.free_R_val_test_set_ct_no_cutoff            ? 
_pdbx_refine.R_factor_all_4sig_cutoff                    0.0711000 
_pdbx_refine.R_factor_obs_4sig_cutoff                    ? 
_pdbx_refine.free_R_factor_4sig_cutoff                   ? 
_pdbx_refine.free_R_val_test_set_size_perc_4sig_cutoff   ? 
_pdbx_refine.free_R_val_test_set_ct_4sig_cutoff          ? 
_pdbx_refine.number_reflns_obs_4sig_cutoff               44545 
_pdbx_refine.pdbx_refine_id                              'X-RAY DIFFRACTION' 
_pdbx_refine.free_R_error_no_cutoff                      ? 
# 
_struct.entry_id                  1RB9 
_struct.title                     'RUBREDOXIN FROM DESULFOVIBRIO VULGARIS REFINED ANISOTROPICALLY AT 0.92 ANGSTROMS RESOLUTION' 
_struct.pdbx_model_details        ? 
_struct.pdbx_CASP_flag            ? 
_struct.pdbx_model_type_details   ? 
# 
_struct_keywords.entry_id        1RB9 
_struct_keywords.pdbx_keywords   'IRON-SULFUR PROTEIN' 
_struct_keywords.text            'IRON-SULFUR PROTEIN, RUBREDOXIN, ATOMIC RESOLUTION, ANISOTROPIC REFINEMENT' 
# 
loop_
_struct_asym.id 
_struct_asym.pdbx_blank_PDB_chainid_flag 
_struct_asym.pdbx_modified 
_struct_asym.entity_id 
_struct_asym.details 
A N N 1 ? 
B N N 2 ? 
C N N 3 ? 
D N N 4 ? 
# 
_struct_ref.id                         1 
_struct_ref.db_name                    UNP 
_struct_ref.db_code                    RUBR_DESVH 
_struct_ref.entity_id                  1 
_struct_ref.pdbx_db_accession          P00269 
_struct_ref.pdbx_align_begin           1 
_struct_ref.pdbx_seq_one_letter_code   MKKYVCTVCGYEYDPAEGDPDNGVKPGTSFDDLPADWVCPVCGAPKSEFEAA 
_struct_ref.pdbx_db_isoform            ? 
# 
_struct_ref_seq.align_id                      1 
_struct_ref_seq.ref_id                        1 
_struct_ref_seq.pdbx_PDB_id_code              1RB9 
_struct_ref_seq.pdbx_strand_id                A 
_struct_ref_seq.seq_align_beg                 1 
_struct_ref_seq.pdbx_seq_align_beg_ins_code   ? 
_struct_ref_seq.seq_align_end                 52 
_struct_ref_seq.pdbx_seq_align_end_ins_code   ? 
_struct_ref_seq.pdbx_db_accession             P00269 
_struct_ref_seq.db_align_beg                  1 
_struct_ref_seq.pdbx_db_align_beg_ins_code    ? 
_struct_ref_seq.db_align_end                  52 
_struct_ref_seq.pdbx_db_align_end_ins_code    ? 
_struct_ref_seq.pdbx_auth_seq_align_beg       1 
_struct_ref_seq.pdbx_auth_seq_align_end       52 
# 
_pdbx_struct_assembly.id                   1 
_pdbx_struct_assembly.details              author_defined_assembly 
_pdbx_struct_assembly.method_details       ? 
_pdbx_struct_assembly.oligomeric_details   monomeric 
_pdbx_struct_assembly.oligomeric_count     1 
# 
_pdbx_struct_assembly_gen.assembly_id       1 
_pdbx_struct_assembly_gen.oper_expression   1 
_pdbx_struct_assembly_gen.asym_id_list      A,B,C,D 
# 
_pdbx_struct_oper_list.id                   1 
_pdbx_struct_oper_list.type                 'identity operation' 
_pdbx_struct_oper_list.name                 1_555 
_pdbx_struct_oper_list.symmetry_operation   x,y,z 
_pdbx_struct_oper_list.matrix[1][1]         1.0000000000 
_pdbx_struct_oper_list.matrix[1][2]         0.0000000000 
_pdbx_struct_oper_list.matrix[1][3]         0.0000000000 
_pdbx_struct_oper_list.vector[1]            0.0000000000 
_pdbx_struct_oper_list.matrix[2][1]         0.0000000000 
_pdbx_struct_oper_list.matrix[2][2]         1.0000000000 
_pdbx_struct_oper_list.matrix[2][3]         0.0000000000 
_pdbx_struct_oper_list.vector[2]            0.0000000000 
_pdbx_struct_oper_list.matrix[3][1]         0.0000000000 
_pdbx_struct_oper_list.matrix[3][2]         0.0000000000 
_pdbx_struct_oper_list.matrix[3][3]         1.0000000000 
_pdbx_struct_oper_list.vector[3]            0.0000000000 
# 
_struct_biol.id   1 
# 
loop_
_struct_conf.conf_type_id 
_struct_conf.id 
_struct_conf.pdbx_PDB_helix_id 
_struct_conf.beg_label_comp_id 
_struct_conf.beg_label_asym_id 
_struct_conf.beg_label_seq_id 
_struct_conf.pdbx_beg_PDB_ins_code 
_struct_conf.end_label_comp_id 
_struct_conf.end_label_asym_id 
_struct_conf.end_label_seq_id 
_struct_conf.pdbx_end_PDB_ins_code 
_struct_conf.beg_auth_comp_id 
_struct_conf.beg_auth_asym_id 
_struct_conf.beg_auth_seq_id 
_struct_conf.end_auth_comp_id 
_struct_conf.end_auth_asym_id 
_struct_conf.end_auth_seq_id 
_struct_conf.pdbx_PDB_helix_class 
_struct_conf.details 
_struct_conf.pdbx_PDB_helix_length 
HELX_P HELX_P1 1 PRO A 20 ? ASN A 22 ? PRO A 20 ASN A 22 5 ? 3 
HELX_P HELX_P2 2 PHE A 30 ? ASP A 32 ? PHE A 30 ASP A 32 5 ? 3 
HELX_P HELX_P3 3 SER A 47 ? GLU A 48 ? SER A 47 GLU A 48 1 ? 2 
# 
_struct_conf_type.id          HELX_P 
_struct_conf_type.criteria    ? 
_struct_conf_type.reference   ? 
# 
loop_
_struct_conn.id 
_struct_conn.conn_type_id 
_struct_conn.pdbx_leaving_atom_flag 
_struct_conn.pdbx_PDB_id 
_struct_conn.ptnr1_label_asym_id 
_struct_conn.ptnr1_label_comp_id 
_struct_conn.ptnr1_label_seq_id 
_struct_conn.ptnr1_label_atom_id 
_struct_conn.pdbx_ptnr1_label_alt_id 
_struct_conn.pdbx_ptnr1_PDB_ins_code 
_struct_conn.pdbx_ptnr1_standard_comp_id 
_struct_conn.ptnr1_symmetry 
_struct_conn.ptnr2_label_asym_id 
_struct_conn.ptnr2_label_comp_id 
_struct_conn.ptnr2_label_seq_id 
_struct_conn.ptnr2_label_atom_id 
_struct_conn.pdbx_ptnr2_label_alt_id 
_struct_conn.pdbx_ptnr2_PDB_ins_code 
_struct_conn.ptnr1_auth_asym_id 
_struct_conn.ptnr1_auth_comp_id 
_struct_conn.ptnr1_auth_seq_id 
_struct_conn.ptnr2_auth_asym_id 
_struct_conn.ptnr2_auth_comp_id 
_struct_conn.ptnr2_auth_seq_id 
_struct_conn.ptnr2_symmetry 
_struct_conn.pdbx_ptnr3_label_atom_id 
_struct_conn.pdbx_ptnr3_label_seq_id 
_struct_conn.pdbx_ptnr3_label_comp_id 
_struct_conn.pdbx_ptnr3_label_asym_id 
_struct_conn.pdbx_ptnr3_label_alt_id 
_struct_conn.pdbx_ptnr3_PDB_ins_code 
_struct_conn.details 
_struct_conn.pdbx_dist_value 
_struct_conn.pdbx_value_order 
_struct_conn.pdbx_role 
covale1 covale both ? A FME 1  C  A ? ? 1_555 A LYS 2 N  ? ? A FME 1  A LYS 2  1_555 ? ? ? ? ? ? ? 1.331 ? ? 
covale2 covale both ? A FME 1  C  B ? ? 1_555 A LYS 2 N  ? ? A FME 1  A LYS 2  1_555 ? ? ? ? ? ? ? 1.282 ? ? 
metalc1 metalc ?    ? A CYS 6  SG ? ? ? 1_555 B FE2 . FE ? ? A CYS 6  A FE2 54 1_555 ? ? ? ? ? ? ? 2.282 ? ? 
metalc2 metalc ?    ? A CYS 9  SG ? ? ? 1_555 B FE2 . FE ? ? A CYS 9  A FE2 54 1_555 ? ? ? ? ? ? ? 2.266 ? ? 
metalc3 metalc ?    ? A CYS 39 SG ? ? ? 1_555 B FE2 . FE ? ? A CYS 39 A FE2 54 1_555 ? ? ? ? ? ? ? 2.293 ? ? 
metalc4 metalc ?    ? A CYS 42 SG ? ? ? 1_555 B FE2 . FE ? ? A CYS 42 A FE2 54 1_555 ? ? ? ? ? ? ? 2.244 ? ? 
# 
loop_
_struct_conn_type.id 
_struct_conn_type.criteria 
_struct_conn_type.reference 
covale ? ? 
metalc ? ? 
# 
loop_
_pdbx_struct_conn_angle.id 
_pdbx_struct_conn_angle.ptnr1_label_atom_id 
_pdbx_struct_conn_angle.ptnr1_label_alt_id 
_pdbx_struct_conn_angle.ptnr1_label_asym_id 
_pdbx_struct_conn_angle.ptnr1_label_comp_id 
_pdbx_struct_conn_angle.ptnr1_label_seq_id 
_pdbx_struct_conn_angle.ptnr1_auth_atom_id 
_pdbx_struct_conn_angle.ptnr1_auth_asym_id 
_pdbx_struct_conn_angle.ptnr1_auth_comp_id 
_pdbx_struct_conn_angle.ptnr1_auth_seq_id 
_pdbx_struct_conn_angle.ptnr1_PDB_ins_code 
_pdbx_struct_conn_angle.ptnr1_symmetry 
_pdbx_struct_conn_angle.ptnr2_label_atom_id 
_pdbx_struct_conn_angle.ptnr2_label_alt_id 
_pdbx_struct_conn_angle.ptnr2_label_asym_id 
_pdbx_struct_conn_angle.ptnr2_label_comp_id 
_pdbx_struct_conn_angle.ptnr2_label_seq_id 
_pdbx_struct_conn_angle.ptnr2_auth_atom_id 
_pdbx_struct_conn_angle.ptnr2_auth_asym_id 
_pdbx_struct_conn_angle.ptnr2_auth_comp_id 
_pdbx_struct_conn_angle.ptnr2_auth_seq_id 
_pdbx_struct_conn_angle.ptnr2_PDB_ins_code 
_pdbx_struct_conn_angle.ptnr2_symmetry 
_pdbx_struct_conn_angle.ptnr3_label_atom_id 
_pdbx_struct_conn_angle.ptnr3_label_alt_id 
_pdbx_struct_conn_angle.ptnr3_label_asym_id 
_pdbx_struct_conn_angle.ptnr3_label_comp_id 
_pdbx_struct_conn_angle.ptnr3_label_seq_id 
_pdbx_struct_conn_angle.ptnr3_auth_atom_id 
_pdbx_struct_conn_angle.ptnr3_auth_asym_id 
_pdbx_struct_conn_angle.ptnr3_auth_comp_id 
_pdbx_struct_conn_angle.ptnr3_auth_seq_id 
_pdbx_struct_conn_angle.ptnr3_PDB_ins_code 
_pdbx_struct_conn_angle.ptnr3_symmetry 
_pdbx_struct_conn_angle.value 
_pdbx_struct_conn_angle.value_esd 
1 SG ? A CYS 6  ? A CYS 6  ? 1_555 FE ? B FE2 . ? A FE2 54 ? 1_555 SG ? A CYS 9  ? A CYS 9  ? 1_555 114.9 ? 
2 SG ? A CYS 6  ? A CYS 6  ? 1_555 FE ? B FE2 . ? A FE2 54 ? 1_555 SG ? A CYS 39 ? A CYS 39 ? 1_555 110.5 ? 
3 SG ? A CYS 9  ? A CYS 9  ? 1_555 FE ? B FE2 . ? A FE2 54 ? 1_555 SG ? A CYS 39 ? A CYS 39 ? 1_555 104.3 ? 
4 SG ? A CYS 6  ? A CYS 6  ? 1_555 FE ? B FE2 . ? A FE2 54 ? 1_555 SG ? A CYS 42 ? A CYS 42 ? 1_555 105.1 ? 
5 SG ? A CYS 9  ? A CYS 9  ? 1_555 FE ? B FE2 . ? A FE2 54 ? 1_555 SG ? A CYS 42 ? A CYS 42 ? 1_555 110.5 ? 
6 SG ? A CYS 39 ? A CYS 39 ? 1_555 FE ? B FE2 . ? A FE2 54 ? 1_555 SG ? A CYS 42 ? A CYS 42 ? 1_555 111.8 ? 
# 
loop_
_pdbx_modification_feature.ordinal 
_pdbx_modification_feature.label_comp_id 
_pdbx_modification_feature.label_asym_id 
_pdbx_modification_feature.label_seq_id 
_pdbx_modification_feature.label_alt_id 
_pdbx_modification_feature.modified_residue_label_comp_id 
_pdbx_modification_feature.modified_residue_label_asym_id 
_pdbx_modification_feature.modified_residue_label_seq_id 
_pdbx_modification_feature.modified_residue_label_alt_id 
_pdbx_modification_feature.auth_comp_id 
_pdbx_modification_feature.auth_asym_id 
_pdbx_modification_feature.auth_seq_id 
_pdbx_modification_feature.PDB_ins_code 
_pdbx_modification_feature.symmetry 
_pdbx_modification_feature.modified_residue_auth_comp_id 
_pdbx_modification_feature.modified_residue_auth_asym_id 
_pdbx_modification_feature.modified_residue_auth_seq_id 
_pdbx_modification_feature.modified_residue_PDB_ins_code 
_pdbx_modification_feature.modified_residue_symmetry 
_pdbx_modification_feature.comp_id_linking_atom 
_pdbx_modification_feature.modified_residue_id_linking_atom 
_pdbx_modification_feature.modified_residue_id 
_pdbx_modification_feature.ref_pcm_id 
_pdbx_modification_feature.ref_comp_id 
_pdbx_modification_feature.type 
_pdbx_modification_feature.category 
1 FME A 1 A . . . . FME A 1 ? 1_555 . . . . . . . MET 1 FME Formylation 'Named protein modification' 
2 FME A 1 B . . . . FME A 1 ? 1_555 . . . . . . . MET 1 FME Formylation 'Named protein modification' 
# 
loop_
_struct_sheet.id 
_struct_sheet.type 
_struct_sheet.number_strands 
_struct_sheet.details 
A ? 2 ? 
B ? 2 ? 
# 
loop_
_struct_sheet_order.sheet_id 
_struct_sheet_order.range_id_1 
_struct_sheet_order.range_id_2 
_struct_sheet_order.offset 
_struct_sheet_order.sense 
A 1 2 ? anti-parallel 
B 1 2 ? parallel      
# 
loop_
_struct_sheet_range.sheet_id 
_struct_sheet_range.id 
_struct_sheet_range.beg_label_comp_id 
_struct_sheet_range.beg_label_asym_id 
_struct_sheet_range.beg_label_seq_id 
_struct_sheet_range.pdbx_beg_PDB_ins_code 
_struct_sheet_range.end_label_comp_id 
_struct_sheet_range.end_label_asym_id 
_struct_sheet_range.end_label_seq_id 
_struct_sheet_range.pdbx_end_PDB_ins_code 
_struct_sheet_range.beg_auth_comp_id 
_struct_sheet_range.beg_auth_asym_id 
_struct_sheet_range.beg_auth_seq_id 
_struct_sheet_range.end_auth_comp_id 
_struct_sheet_range.end_auth_asym_id 
_struct_sheet_range.end_auth_seq_id 
A 1 TYR A 4  ? CYS A 6  ? TYR A 4  CYS A 6  
A 2 PHE A 49 ? ALA A 51 ? PHE A 49 ALA A 51 
B 1 ALA A 44 ? GLU A 48 ? ALA A 44 GLU A 48 
B 2 PRO A 45 ? GLU A 48 ? PRO A 45 GLU A 48 
# 
loop_
_pdbx_struct_sheet_hbond.sheet_id 
_pdbx_struct_sheet_hbond.range_id_1 
_pdbx_struct_sheet_hbond.range_id_2 
_pdbx_struct_sheet_hbond.range_1_label_atom_id 
_pdbx_struct_sheet_hbond.range_1_label_comp_id 
_pdbx_struct_sheet_hbond.range_1_label_asym_id 
_pdbx_struct_sheet_hbond.range_1_label_seq_id 
_pdbx_struct_sheet_hbond.range_1_PDB_ins_code 
_pdbx_struct_sheet_hbond.range_1_auth_atom_id 
_pdbx_struct_sheet_hbond.range_1_auth_comp_id 
_pdbx_struct_sheet_hbond.range_1_auth_asym_id 
_pdbx_struct_sheet_hbond.range_1_auth_seq_id 
_pdbx_struct_sheet_hbond.range_2_label_atom_id 
_pdbx_struct_sheet_hbond.range_2_label_comp_id 
_pdbx_struct_sheet_hbond.range_2_label_asym_id 
_pdbx_struct_sheet_hbond.range_2_label_seq_id 
_pdbx_struct_sheet_hbond.range_2_PDB_ins_code 
_pdbx_struct_sheet_hbond.range_2_auth_atom_id 
_pdbx_struct_sheet_hbond.range_2_auth_comp_id 
_pdbx_struct_sheet_hbond.range_2_auth_asym_id 
_pdbx_struct_sheet_hbond.range_2_auth_seq_id 
A 1 2 O VAL A 5  ? O VAL A 5  N GLU A 50 ? N GLU A 50 
B 1 2 O PRO A 45 ? O PRO A 45 N PRO A 45 ? N PRO A 45 
# 
loop_
_struct_site.id 
_struct_site.pdbx_evidence_code 
_struct_site.pdbx_auth_asym_id 
_struct_site.pdbx_auth_comp_id 
_struct_site.pdbx_auth_seq_id 
_struct_site.pdbx_auth_ins_code 
_struct_site.pdbx_num_residues 
_struct_site.details 
AC1 Software A FE2 54 ? 4  'BINDING SITE FOR RESIDUE FE2 A 54' 
AC2 Software A SO4 56 ? 13 'BINDING SITE FOR RESIDUE SO4 A 56' 
# 
loop_
_struct_site_gen.id 
_struct_site_gen.site_id 
_struct_site_gen.pdbx_num_res 
_struct_site_gen.label_comp_id 
_struct_site_gen.label_asym_id 
_struct_site_gen.label_seq_id 
_struct_site_gen.pdbx_auth_ins_code 
_struct_site_gen.auth_comp_id 
_struct_site_gen.auth_asym_id 
_struct_site_gen.auth_seq_id 
_struct_site_gen.label_atom_id 
_struct_site_gen.label_alt_id 
_struct_site_gen.symmetry 
_struct_site_gen.details 
1  AC1 4  CYS A 6  ? CYS A 6   . ? 1_555 ? 
2  AC1 4  CYS A 9  ? CYS A 9   . ? 1_555 ? 
3  AC1 4  CYS A 39 ? CYS A 39  . ? 1_555 ? 
4  AC1 4  CYS A 42 ? CYS A 42  . ? 1_555 ? 
5  AC2 13 LYS A 3  ? LYS A 3   . ? 1_556 ? 
6  AC2 13 ALA A 35 ? ALA A 35  . ? 1_555 ? 
7  AC2 13 TRP A 37 ? TRP A 37  . ? 1_555 ? 
8  AC2 13 PRO A 45 ? PRO A 45  . ? 1_555 ? 
9  AC2 13 LYS A 46 ? LYS A 46  . ? 1_555 ? 
10 AC2 13 SER A 47 ? SER A 47  . ? 1_555 ? 
11 AC2 13 HOH D .  ? HOH A 85  . ? 1_555 ? 
12 AC2 13 HOH D .  ? HOH A 95  . ? 1_555 ? 
13 AC2 13 HOH D .  ? HOH A 96  . ? 1_555 ? 
14 AC2 13 HOH D .  ? HOH A 103 . ? 1_555 ? 
15 AC2 13 HOH D .  ? HOH A 125 . ? 1_555 ? 
16 AC2 13 HOH D .  ? HOH A 126 . ? 1_555 ? 
17 AC2 13 HOH D .  ? HOH A 146 . ? 1_555 ? 
# 
_pdbx_entry_details.entry_id                   1RB9 
_pdbx_entry_details.compound_details           ? 
_pdbx_entry_details.source_details             ? 
_pdbx_entry_details.nonpolymer_details         ? 
_pdbx_entry_details.sequence_details           ? 
_pdbx_entry_details.has_ligand_of_interest     ? 
_pdbx_entry_details.has_protein_modification   Y 
# 
_pdbx_validate_rmsd_bond.id                        1 
_pdbx_validate_rmsd_bond.PDB_model_num             1 
_pdbx_validate_rmsd_bond.auth_atom_id_1            CD 
_pdbx_validate_rmsd_bond.auth_asym_id_1            A 
_pdbx_validate_rmsd_bond.auth_comp_id_1            GLU 
_pdbx_validate_rmsd_bond.auth_seq_id_1             50 
_pdbx_validate_rmsd_bond.PDB_ins_code_1            ? 
_pdbx_validate_rmsd_bond.label_alt_id_1            ? 
_pdbx_validate_rmsd_bond.auth_atom_id_2            OE1 
_pdbx_validate_rmsd_bond.auth_asym_id_2            A 
_pdbx_validate_rmsd_bond.auth_comp_id_2            GLU 
_pdbx_validate_rmsd_bond.auth_seq_id_2             50 
_pdbx_validate_rmsd_bond.PDB_ins_code_2            ? 
_pdbx_validate_rmsd_bond.label_alt_id_2            ? 
_pdbx_validate_rmsd_bond.bond_value                1.176 
_pdbx_validate_rmsd_bond.bond_target_value         1.252 
_pdbx_validate_rmsd_bond.bond_deviation            -0.076 
_pdbx_validate_rmsd_bond.bond_standard_deviation   0.011 
_pdbx_validate_rmsd_bond.linker_flag               N 
# 
loop_
_pdbx_validate_rmsd_angle.id 
_pdbx_validate_rmsd_angle.PDB_model_num 
_pdbx_validate_rmsd_angle.auth_atom_id_1 
_pdbx_validate_rmsd_angle.auth_asym_id_1 
_pdbx_validate_rmsd_angle.auth_comp_id_1 
_pdbx_validate_rmsd_angle.auth_seq_id_1 
_pdbx_validate_rmsd_angle.PDB_ins_code_1 
_pdbx_validate_rmsd_angle.label_alt_id_1 
_pdbx_validate_rmsd_angle.auth_atom_id_2 
_pdbx_validate_rmsd_angle.auth_asym_id_2 
_pdbx_validate_rmsd_angle.auth_comp_id_2 
_pdbx_validate_rmsd_angle.auth_seq_id_2 
_pdbx_validate_rmsd_angle.PDB_ins_code_2 
_pdbx_validate_rmsd_angle.label_alt_id_2 
_pdbx_validate_rmsd_angle.auth_atom_id_3 
_pdbx_validate_rmsd_angle.auth_asym_id_3 
_pdbx_validate_rmsd_angle.auth_comp_id_3 
_pdbx_validate_rmsd_angle.auth_seq_id_3 
_pdbx_validate_rmsd_angle.PDB_ins_code_3 
_pdbx_validate_rmsd_angle.label_alt_id_3 
_pdbx_validate_rmsd_angle.angle_value 
_pdbx_validate_rmsd_angle.angle_target_value 
_pdbx_validate_rmsd_angle.angle_deviation 
_pdbx_validate_rmsd_angle.angle_standard_deviation 
_pdbx_validate_rmsd_angle.linker_flag 
1 1 CD  A LYS 2  ? ? CE A LYS 2  ? ? NZ  A LYS 2  ? ? 132.87 111.70 21.17 2.30 N 
2 1 OE1 A GLU 12 ? B CD A GLU 12 ? B OE2 A GLU 12 ? B 115.69 123.30 -7.61 1.20 N 
3 1 CB  A ASP 21 ? A CA A ASP 21 ? ? C   A ASP 21 ? ? 124.54 110.40 14.14 2.00 N 
# 
_pdbx_validate_torsion.id              1 
_pdbx_validate_torsion.PDB_model_num   1 
_pdbx_validate_torsion.auth_comp_id    ASP 
_pdbx_validate_torsion.auth_asym_id    A 
_pdbx_validate_torsion.auth_seq_id     19 
_pdbx_validate_torsion.PDB_ins_code    ? 
_pdbx_validate_torsion.label_alt_id    ? 
_pdbx_validate_torsion.phi             -154.18 
_pdbx_validate_torsion.psi             75.74 
# 
_pdbx_struct_mod_residue.id               1 
_pdbx_struct_mod_residue.label_asym_id    A 
_pdbx_struct_mod_residue.label_comp_id    FME 
_pdbx_struct_mod_residue.label_seq_id     1 
_pdbx_struct_mod_residue.auth_asym_id     A 
_pdbx_struct_mod_residue.auth_comp_id     FME 
_pdbx_struct_mod_residue.auth_seq_id      1 
_pdbx_struct_mod_residue.PDB_ins_code     ? 
_pdbx_struct_mod_residue.parent_comp_id   MET 
_pdbx_struct_mod_residue.details          N-FORMYLMETHIONINE 
# 
loop_
_chem_comp_atom.comp_id 
_chem_comp_atom.atom_id 
_chem_comp_atom.type_symbol 
_chem_comp_atom.pdbx_aromatic_flag 
_chem_comp_atom.pdbx_stereo_config 
_chem_comp_atom.pdbx_ordinal 
ALA N    N  N N 1   
ALA CA   C  N S 2   
ALA C    C  N N 3   
ALA O    O  N N 4   
ALA CB   C  N N 5   
ALA OXT  O  N N 6   
ALA H    H  N N 7   
ALA H2   H  N N 8   
ALA HA   H  N N 9   
ALA HB1  H  N N 10  
ALA HB2  H  N N 11  
ALA HB3  H  N N 12  
ALA HXT  H  N N 13  
ASN N    N  N N 14  
ASN CA   C  N S 15  
ASN C    C  N N 16  
ASN O    O  N N 17  
ASN CB   C  N N 18  
ASN CG   C  N N 19  
ASN OD1  O  N N 20  
ASN ND2  N  N N 21  
ASN OXT  O  N N 22  
ASN H    H  N N 23  
ASN H2   H  N N 24  
ASN HA   H  N N 25  
ASN HB2  H  N N 26  
ASN HB3  H  N N 27  
ASN HD21 H  N N 28  
ASN HD22 H  N N 29  
ASN HXT  H  N N 30  
ASP N    N  N N 31  
ASP CA   C  N S 32  
ASP C    C  N N 33  
ASP O    O  N N 34  
ASP CB   C  N N 35  
ASP CG   C  N N 36  
ASP OD1  O  N N 37  
ASP OD2  O  N N 38  
ASP OXT  O  N N 39  
ASP H    H  N N 40  
ASP H2   H  N N 41  
ASP HA   H  N N 42  
ASP HB2  H  N N 43  
ASP HB3  H  N N 44  
ASP HD2  H  N N 45  
ASP HXT  H  N N 46  
CYS N    N  N N 47  
CYS CA   C  N R 48  
CYS C    C  N N 49  
CYS O    O  N N 50  
CYS CB   C  N N 51  
CYS SG   S  N N 52  
CYS OXT  O  N N 53  
CYS H    H  N N 54  
CYS H2   H  N N 55  
CYS HA   H  N N 56  
CYS HB2  H  N N 57  
CYS HB3  H  N N 58  
CYS HG   H  N N 59  
CYS HXT  H  N N 60  
FE2 FE   FE N N 61  
FME N    N  N N 62  
FME CN   C  N N 63  
FME O1   O  N N 64  
FME CA   C  N S 65  
FME CB   C  N N 66  
FME CG   C  N N 67  
FME SD   S  N N 68  
FME CE   C  N N 69  
FME C    C  N N 70  
FME O    O  N N 71  
FME OXT  O  N N 72  
FME H    H  N N 73  
FME HCN  H  N N 74  
FME HA   H  N N 75  
FME HB2  H  N N 76  
FME HB3  H  N N 77  
FME HG2  H  N N 78  
FME HG3  H  N N 79  
FME HE1  H  N N 80  
FME HE2  H  N N 81  
FME HE3  H  N N 82  
FME HXT  H  N N 83  
GLU N    N  N N 84  
GLU CA   C  N S 85  
GLU C    C  N N 86  
GLU O    O  N N 87  
GLU CB   C  N N 88  
GLU CG   C  N N 89  
GLU CD   C  N N 90  
GLU OE1  O  N N 91  
GLU OE2  O  N N 92  
GLU OXT  O  N N 93  
GLU H    H  N N 94  
GLU H2   H  N N 95  
GLU HA   H  N N 96  
GLU HB2  H  N N 97  
GLU HB3  H  N N 98  
GLU HG2  H  N N 99  
GLU HG3  H  N N 100 
GLU HE2  H  N N 101 
GLU HXT  H  N N 102 
GLY N    N  N N 103 
GLY CA   C  N N 104 
GLY C    C  N N 105 
GLY O    O  N N 106 
GLY OXT  O  N N 107 
GLY H    H  N N 108 
GLY H2   H  N N 109 
GLY HA2  H  N N 110 
GLY HA3  H  N N 111 
GLY HXT  H  N N 112 
HOH O    O  N N 113 
HOH H1   H  N N 114 
HOH H2   H  N N 115 
LEU N    N  N N 116 
LEU CA   C  N S 117 
LEU C    C  N N 118 
LEU O    O  N N 119 
LEU CB   C  N N 120 
LEU CG   C  N N 121 
LEU CD1  C  N N 122 
LEU CD2  C  N N 123 
LEU OXT  O  N N 124 
LEU H    H  N N 125 
LEU H2   H  N N 126 
LEU HA   H  N N 127 
LEU HB2  H  N N 128 
LEU HB3  H  N N 129 
LEU HG   H  N N 130 
LEU HD11 H  N N 131 
LEU HD12 H  N N 132 
LEU HD13 H  N N 133 
LEU HD21 H  N N 134 
LEU HD22 H  N N 135 
LEU HD23 H  N N 136 
LEU HXT  H  N N 137 
LYS N    N  N N 138 
LYS CA   C  N S 139 
LYS C    C  N N 140 
LYS O    O  N N 141 
LYS CB   C  N N 142 
LYS CG   C  N N 143 
LYS CD   C  N N 144 
LYS CE   C  N N 145 
LYS NZ   N  N N 146 
LYS OXT  O  N N 147 
LYS H    H  N N 148 
LYS H2   H  N N 149 
LYS HA   H  N N 150 
LYS HB2  H  N N 151 
LYS HB3  H  N N 152 
LYS HG2  H  N N 153 
LYS HG3  H  N N 154 
LYS HD2  H  N N 155 
LYS HD3  H  N N 156 
LYS HE2  H  N N 157 
LYS HE3  H  N N 158 
LYS HZ1  H  N N 159 
LYS HZ2  H  N N 160 
LYS HZ3  H  N N 161 
LYS HXT  H  N N 162 
PHE N    N  N N 163 
PHE CA   C  N S 164 
PHE C    C  N N 165 
PHE O    O  N N 166 
PHE CB   C  N N 167 
PHE CG   C  Y N 168 
PHE CD1  C  Y N 169 
PHE CD2  C  Y N 170 
PHE CE1  C  Y N 171 
PHE CE2  C  Y N 172 
PHE CZ   C  Y N 173 
PHE OXT  O  N N 174 
PHE H    H  N N 175 
PHE H2   H  N N 176 
PHE HA   H  N N 177 
PHE HB2  H  N N 178 
PHE HB3  H  N N 179 
PHE HD1  H  N N 180 
PHE HD2  H  N N 181 
PHE HE1  H  N N 182 
PHE HE2  H  N N 183 
PHE HZ   H  N N 184 
PHE HXT  H  N N 185 
PRO N    N  N N 186 
PRO CA   C  N S 187 
PRO C    C  N N 188 
PRO O    O  N N 189 
PRO CB   C  N N 190 
PRO CG   C  N N 191 
PRO CD   C  N N 192 
PRO OXT  O  N N 193 
PRO H    H  N N 194 
PRO HA   H  N N 195 
PRO HB2  H  N N 196 
PRO HB3  H  N N 197 
PRO HG2  H  N N 198 
PRO HG3  H  N N 199 
PRO HD2  H  N N 200 
PRO HD3  H  N N 201 
PRO HXT  H  N N 202 
SER N    N  N N 203 
SER CA   C  N S 204 
SER C    C  N N 205 
SER O    O  N N 206 
SER CB   C  N N 207 
SER OG   O  N N 208 
SER OXT  O  N N 209 
SER H    H  N N 210 
SER H2   H  N N 211 
SER HA   H  N N 212 
SER HB2  H  N N 213 
SER HB3  H  N N 214 
SER HG   H  N N 215 
SER HXT  H  N N 216 
SO4 S    S  N N 217 
SO4 O1   O  N N 218 
SO4 O2   O  N N 219 
SO4 O3   O  N N 220 
SO4 O4   O  N N 221 
THR N    N  N N 222 
THR CA   C  N S 223 
THR C    C  N N 224 
THR O    O  N N 225 
THR CB   C  N R 226 
THR OG1  O  N N 227 
THR CG2  C  N N 228 
THR OXT  O  N N 229 
THR H    H  N N 230 
THR H2   H  N N 231 
THR HA   H  N N 232 
THR HB   H  N N 233 
THR HG1  H  N N 234 
THR HG21 H  N N 235 
THR HG22 H  N N 236 
THR HG23 H  N N 237 
THR HXT  H  N N 238 
TRP N    N  N N 239 
TRP CA   C  N S 240 
TRP C    C  N N 241 
TRP O    O  N N 242 
TRP CB   C  N N 243 
TRP CG   C  Y N 244 
TRP CD1  C  Y N 245 
TRP CD2  C  Y N 246 
TRP NE1  N  Y N 247 
TRP CE2  C  Y N 248 
TRP CE3  C  Y N 249 
TRP CZ2  C  Y N 250 
TRP CZ3  C  Y N 251 
TRP CH2  C  Y N 252 
TRP OXT  O  N N 253 
TRP H    H  N N 254 
TRP H2   H  N N 255 
TRP HA   H  N N 256 
TRP HB2  H  N N 257 
TRP HB3  H  N N 258 
TRP HD1  H  N N 259 
TRP HE1  H  N N 260 
TRP HE3  H  N N 261 
TRP HZ2  H  N N 262 
TRP HZ3  H  N N 263 
TRP HH2  H  N N 264 
TRP HXT  H  N N 265 
TYR N    N  N N 266 
TYR CA   C  N S 267 
TYR C    C  N N 268 
TYR O    O  N N 269 
TYR CB   C  N N 270 
TYR CG   C  Y N 271 
TYR CD1  C  Y N 272 
TYR CD2  C  Y N 273 
TYR CE1  C  Y N 274 
TYR CE2  C  Y N 275 
TYR CZ   C  Y N 276 
TYR OH   O  N N 277 
TYR OXT  O  N N 278 
TYR H    H  N N 279 
TYR H2   H  N N 280 
TYR HA   H  N N 281 
TYR HB2  H  N N 282 
TYR HB3  H  N N 283 
TYR HD1  H  N N 284 
TYR HD2  H  N N 285 
TYR HE1  H  N N 286 
TYR HE2  H  N N 287 
TYR HH   H  N N 288 
TYR HXT  H  N N 289 
VAL N    N  N N 290 
VAL CA   C  N S 291 
VAL C    C  N N 292 
VAL O    O  N N 293 
VAL CB   C  N N 294 
VAL CG1  C  N N 295 
VAL CG2  C  N N 296 
VAL OXT  O  N N 297 
VAL H    H  N N 298 
VAL H2   H  N N 299 
VAL HA   H  N N 300 
VAL HB   H  N N 301 
VAL HG11 H  N N 302 
VAL HG12 H  N N 303 
VAL HG13 H  N N 304 
VAL HG21 H  N N 305 
VAL HG22 H  N N 306 
VAL HG23 H  N N 307 
VAL HXT  H  N N 308 
# 
loop_
_chem_comp_bond.comp_id 
_chem_comp_bond.atom_id_1 
_chem_comp_bond.atom_id_2 
_chem_comp_bond.value_order 
_chem_comp_bond.pdbx_aromatic_flag 
_chem_comp_bond.pdbx_stereo_config 
_chem_comp_bond.pdbx_ordinal 
ALA N   CA   sing N N 1   
ALA N   H    sing N N 2   
ALA N   H2   sing N N 3   
ALA CA  C    sing N N 4   
ALA CA  CB   sing N N 5   
ALA CA  HA   sing N N 6   
ALA C   O    doub N N 7   
ALA C   OXT  sing N N 8   
ALA CB  HB1  sing N N 9   
ALA CB  HB2  sing N N 10  
ALA CB  HB3  sing N N 11  
ALA OXT HXT  sing N N 12  
ASN N   CA   sing N N 13  
ASN N   H    sing N N 14  
ASN N   H2   sing N N 15  
ASN CA  C    sing N N 16  
ASN CA  CB   sing N N 17  
ASN CA  HA   sing N N 18  
ASN C   O    doub N N 19  
ASN C   OXT  sing N N 20  
ASN CB  CG   sing N N 21  
ASN CB  HB2  sing N N 22  
ASN CB  HB3  sing N N 23  
ASN CG  OD1  doub N N 24  
ASN CG  ND2  sing N N 25  
ASN ND2 HD21 sing N N 26  
ASN ND2 HD22 sing N N 27  
ASN OXT HXT  sing N N 28  
ASP N   CA   sing N N 29  
ASP N   H    sing N N 30  
ASP N   H2   sing N N 31  
ASP CA  C    sing N N 32  
ASP CA  CB   sing N N 33  
ASP CA  HA   sing N N 34  
ASP C   O    doub N N 35  
ASP C   OXT  sing N N 36  
ASP CB  CG   sing N N 37  
ASP CB  HB2  sing N N 38  
ASP CB  HB3  sing N N 39  
ASP CG  OD1  doub N N 40  
ASP CG  OD2  sing N N 41  
ASP OD2 HD2  sing N N 42  
ASP OXT HXT  sing N N 43  
CYS N   CA   sing N N 44  
CYS N   H    sing N N 45  
CYS N   H2   sing N N 46  
CYS CA  C    sing N N 47  
CYS CA  CB   sing N N 48  
CYS CA  HA   sing N N 49  
CYS C   O    doub N N 50  
CYS C   OXT  sing N N 51  
CYS CB  SG   sing N N 52  
CYS CB  HB2  sing N N 53  
CYS CB  HB3  sing N N 54  
CYS SG  HG   sing N N 55  
CYS OXT HXT  sing N N 56  
FME N   CN   sing N N 57  
FME N   CA   sing N N 58  
FME N   H    sing N N 59  
FME CN  O1   doub N N 60  
FME CN  HCN  sing N N 61  
FME CA  CB   sing N N 62  
FME CA  C    sing N N 63  
FME CA  HA   sing N N 64  
FME CB  CG   sing N N 65  
FME CB  HB2  sing N N 66  
FME CB  HB3  sing N N 67  
FME CG  SD   sing N N 68  
FME CG  HG2  sing N N 69  
FME CG  HG3  sing N N 70  
FME SD  CE   sing N N 71  
FME CE  HE1  sing N N 72  
FME CE  HE2  sing N N 73  
FME CE  HE3  sing N N 74  
FME C   O    doub N N 75  
FME C   OXT  sing N N 76  
FME OXT HXT  sing N N 77  
GLU N   CA   sing N N 78  
GLU N   H    sing N N 79  
GLU N   H2   sing N N 80  
GLU CA  C    sing N N 81  
GLU CA  CB   sing N N 82  
GLU CA  HA   sing N N 83  
GLU C   O    doub N N 84  
GLU C   OXT  sing N N 85  
GLU CB  CG   sing N N 86  
GLU CB  HB2  sing N N 87  
GLU CB  HB3  sing N N 88  
GLU CG  CD   sing N N 89  
GLU CG  HG2  sing N N 90  
GLU CG  HG3  sing N N 91  
GLU CD  OE1  doub N N 92  
GLU CD  OE2  sing N N 93  
GLU OE2 HE2  sing N N 94  
GLU OXT HXT  sing N N 95  
GLY N   CA   sing N N 96  
GLY N   H    sing N N 97  
GLY N   H2   sing N N 98  
GLY CA  C    sing N N 99  
GLY CA  HA2  sing N N 100 
GLY CA  HA3  sing N N 101 
GLY C   O    doub N N 102 
GLY C   OXT  sing N N 103 
GLY OXT HXT  sing N N 104 
HOH O   H1   sing N N 105 
HOH O   H2   sing N N 106 
LEU N   CA   sing N N 107 
LEU N   H    sing N N 108 
LEU N   H2   sing N N 109 
LEU CA  C    sing N N 110 
LEU CA  CB   sing N N 111 
LEU CA  HA   sing N N 112 
LEU C   O    doub N N 113 
LEU C   OXT  sing N N 114 
LEU CB  CG   sing N N 115 
LEU CB  HB2  sing N N 116 
LEU CB  HB3  sing N N 117 
LEU CG  CD1  sing N N 118 
LEU CG  CD2  sing N N 119 
LEU CG  HG   sing N N 120 
LEU CD1 HD11 sing N N 121 
LEU CD1 HD12 sing N N 122 
LEU CD1 HD13 sing N N 123 
LEU CD2 HD21 sing N N 124 
LEU CD2 HD22 sing N N 125 
LEU CD2 HD23 sing N N 126 
LEU OXT HXT  sing N N 127 
LYS N   CA   sing N N 128 
LYS N   H    sing N N 129 
LYS N   H2   sing N N 130 
LYS CA  C    sing N N 131 
LYS CA  CB   sing N N 132 
LYS CA  HA   sing N N 133 
LYS C   O    doub N N 134 
LYS C   OXT  sing N N 135 
LYS CB  CG   sing N N 136 
LYS CB  HB2  sing N N 137 
LYS CB  HB3  sing N N 138 
LYS CG  CD   sing N N 139 
LYS CG  HG2  sing N N 140 
LYS CG  HG3  sing N N 141 
LYS CD  CE   sing N N 142 
LYS CD  HD2  sing N N 143 
LYS CD  HD3  sing N N 144 
LYS CE  NZ   sing N N 145 
LYS CE  HE2  sing N N 146 
LYS CE  HE3  sing N N 147 
LYS NZ  HZ1  sing N N 148 
LYS NZ  HZ2  sing N N 149 
LYS NZ  HZ3  sing N N 150 
LYS OXT HXT  sing N N 151 
PHE N   CA   sing N N 152 
PHE N   H    sing N N 153 
PHE N   H2   sing N N 154 
PHE CA  C    sing N N 155 
PHE CA  CB   sing N N 156 
PHE CA  HA   sing N N 157 
PHE C   O    doub N N 158 
PHE C   OXT  sing N N 159 
PHE CB  CG   sing N N 160 
PHE CB  HB2  sing N N 161 
PHE CB  HB3  sing N N 162 
PHE CG  CD1  doub Y N 163 
PHE CG  CD2  sing Y N 164 
PHE CD1 CE1  sing Y N 165 
PHE CD1 HD1  sing N N 166 
PHE CD2 CE2  doub Y N 167 
PHE CD2 HD2  sing N N 168 
PHE CE1 CZ   doub Y N 169 
PHE CE1 HE1  sing N N 170 
PHE CE2 CZ   sing Y N 171 
PHE CE2 HE2  sing N N 172 
PHE CZ  HZ   sing N N 173 
PHE OXT HXT  sing N N 174 
PRO N   CA   sing N N 175 
PRO N   CD   sing N N 176 
PRO N   H    sing N N 177 
PRO CA  C    sing N N 178 
PRO CA  CB   sing N N 179 
PRO CA  HA   sing N N 180 
PRO C   O    doub N N 181 
PRO C   OXT  sing N N 182 
PRO CB  CG   sing N N 183 
PRO CB  HB2  sing N N 184 
PRO CB  HB3  sing N N 185 
PRO CG  CD   sing N N 186 
PRO CG  HG2  sing N N 187 
PRO CG  HG3  sing N N 188 
PRO CD  HD2  sing N N 189 
PRO CD  HD3  sing N N 190 
PRO OXT HXT  sing N N 191 
SER N   CA   sing N N 192 
SER N   H    sing N N 193 
SER N   H2   sing N N 194 
SER CA  C    sing N N 195 
SER CA  CB   sing N N 196 
SER CA  HA   sing N N 197 
SER C   O    doub N N 198 
SER C   OXT  sing N N 199 
SER CB  OG   sing N N 200 
SER CB  HB2  sing N N 201 
SER CB  HB3  sing N N 202 
SER OG  HG   sing N N 203 
SER OXT HXT  sing N N 204 
SO4 S   O1   doub N N 205 
SO4 S   O2   doub N N 206 
SO4 S   O3   sing N N 207 
SO4 S   O4   sing N N 208 
THR N   CA   sing N N 209 
THR N   H    sing N N 210 
THR N   H2   sing N N 211 
THR CA  C    sing N N 212 
THR CA  CB   sing N N 213 
THR CA  HA   sing N N 214 
THR C   O    doub N N 215 
THR C   OXT  sing N N 216 
THR CB  OG1  sing N N 217 
THR CB  CG2  sing N N 218 
THR CB  HB   sing N N 219 
THR OG1 HG1  sing N N 220 
THR CG2 HG21 sing N N 221 
THR CG2 HG22 sing N N 222 
THR CG2 HG23 sing N N 223 
THR OXT HXT  sing N N 224 
TRP N   CA   sing N N 225 
TRP N   H    sing N N 226 
TRP N   H2   sing N N 227 
TRP CA  C    sing N N 228 
TRP CA  CB   sing N N 229 
TRP CA  HA   sing N N 230 
TRP C   O    doub N N 231 
TRP C   OXT  sing N N 232 
TRP CB  CG   sing N N 233 
TRP CB  HB2  sing N N 234 
TRP CB  HB3  sing N N 235 
TRP CG  CD1  doub Y N 236 
TRP CG  CD2  sing Y N 237 
TRP CD1 NE1  sing Y N 238 
TRP CD1 HD1  sing N N 239 
TRP CD2 CE2  doub Y N 240 
TRP CD2 CE3  sing Y N 241 
TRP NE1 CE2  sing Y N 242 
TRP NE1 HE1  sing N N 243 
TRP CE2 CZ2  sing Y N 244 
TRP CE3 CZ3  doub Y N 245 
TRP CE3 HE3  sing N N 246 
TRP CZ2 CH2  doub Y N 247 
TRP CZ2 HZ2  sing N N 248 
TRP CZ3 CH2  sing Y N 249 
TRP CZ3 HZ3  sing N N 250 
TRP CH2 HH2  sing N N 251 
TRP OXT HXT  sing N N 252 
TYR N   CA   sing N N 253 
TYR N   H    sing N N 254 
TYR N   H2   sing N N 255 
TYR CA  C    sing N N 256 
TYR CA  CB   sing N N 257 
TYR CA  HA   sing N N 258 
TYR C   O    doub N N 259 
TYR C   OXT  sing N N 260 
TYR CB  CG   sing N N 261 
TYR CB  HB2  sing N N 262 
TYR CB  HB3  sing N N 263 
TYR CG  CD1  doub Y N 264 
TYR CG  CD2  sing Y N 265 
TYR CD1 CE1  sing Y N 266 
TYR CD1 HD1  sing N N 267 
TYR CD2 CE2  doub Y N 268 
TYR CD2 HD2  sing N N 269 
TYR CE1 CZ   doub Y N 270 
TYR CE1 HE1  sing N N 271 
TYR CE2 CZ   sing Y N 272 
TYR CE2 HE2  sing N N 273 
TYR CZ  OH   sing N N 274 
TYR OH  HH   sing N N 275 
TYR OXT HXT  sing N N 276 
VAL N   CA   sing N N 277 
VAL N   H    sing N N 278 
VAL N   H2   sing N N 279 
VAL CA  C    sing N N 280 
VAL CA  CB   sing N N 281 
VAL CA  HA   sing N N 282 
VAL C   O    doub N N 283 
VAL C   OXT  sing N N 284 
VAL CB  CG1  sing N N 285 
VAL CB  CG2  sing N N 286 
VAL CB  HB   sing N N 287 
VAL CG1 HG11 sing N N 288 
VAL CG1 HG12 sing N N 289 
VAL CG1 HG13 sing N N 290 
VAL CG2 HG21 sing N N 291 
VAL CG2 HG22 sing N N 292 
VAL CG2 HG23 sing N N 293 
VAL OXT HXT  sing N N 294 
# 
_pdbx_initial_refinement_model.id               1 
_pdbx_initial_refinement_model.entity_id_list   ? 
_pdbx_initial_refinement_model.type             'experimental model' 
_pdbx_initial_refinement_model.source_name      PDB 
_pdbx_initial_refinement_model.accession_code   8RXN 
_pdbx_initial_refinement_model.details          ? 
# 
_atom_sites.entry_id                    1RB9 
_atom_sites.fract_transf_matrix[1][1]   -0.03745217 
_atom_sites.fract_transf_matrix[1][2]   0.01980916 
_atom_sites.fract_transf_matrix[1][3]   0.03141185 
_atom_sites.fract_transf_matrix[2][1]   0.00972547 
_atom_sites.fract_transf_matrix[2][2]   -0.01149871 
_atom_sites.fract_transf_matrix[2][3]   0.01884703 
_atom_sites.fract_transf_matrix[3][1]   0.01402845 
_atom_sites.fract_transf_matrix[3][2]   0.03765036 
_atom_sites.fract_transf_matrix[3][3]   0.01573178 
_atom_sites.fract_transf_vector[1]      0.107034 
_atom_sites.fract_transf_vector[2]      -0.191084 
_atom_sites.fract_transf_vector[3]      0.321522 
# 
loop_
_atom_type.symbol 
C  
FE 
H  
N  
O  
S  
# 
loop_
_atom_site.group_PDB 
_atom_site.id 
_atom_site.type_symbol 
_atom_site.label_atom_id 
_atom_site.label_alt_id 
_atom_site.label_comp_id 
_atom_site.label_asym_id 
_atom_site.label_entity_id 
_atom_site.label_seq_id 
_atom_site.pdbx_PDB_ins_code 
_atom_site.Cartn_x 
_atom_site.Cartn_y 
_atom_site.Cartn_z 
_atom_site.occupancy 
_atom_site.B_iso_or_equiv 
_atom_site.pdbx_formal_charge 
_atom_site.auth_seq_id 
_atom_site.auth_comp_id 
_atom_site.auth_asym_id 
_atom_site.auth_atom_id 
_atom_site.pdbx_PDB_model_num 
HETATM 1   N  N    . FME A 1 1  ? -3.579  -5.665  -10.556 1.00 17.32 ? 1   FME A N    1 
HETATM 2   C  CN   . FME A 1 1  ? -3.303  -4.371  -10.976 0.47 20.46 ? 1   FME A CN   1 
HETATM 3   O  O1   . FME A 1 1  ? -3.099  -3.563  -10.041 0.47 24.95 ? 1   FME A O1   1 
HETATM 4   C  CA   . FME A 1 1  ? -4.407  -6.012  -9.464  1.00 14.18 ? 1   FME A CA   1 
HETATM 5   C  CB   . FME A 1 1  ? -5.700  -6.700  -9.765  1.00 14.31 ? 1   FME A CB   1 
HETATM 6   C  CG   A FME A 1 1  ? -6.590  -5.797  -10.583 0.72 13.24 ? 1   FME A CG   1 
HETATM 7   C  CG   B FME A 1 1  ? -6.850  -5.826  -10.442 0.28 16.00 ? 1   FME A CG   1 
HETATM 8   S  SD   A FME A 1 1  ? -7.536  -4.804  -9.363  0.72 10.19 ? 1   FME A SD   1 
HETATM 9   S  SD   B FME A 1 1  ? -6.476  -4.028  -10.498 0.28 31.25 ? 1   FME A SD   1 
HETATM 10  C  CE   A FME A 1 1  ? -7.625  -3.212  -10.211 0.72 20.52 ? 1   FME A CE   1 
HETATM 11  C  CE   B FME A 1 1  ? -8.116  -3.297  -10.373 0.28 18.09 ? 1   FME A CE   1 
HETATM 12  C  C    A FME A 1 1  ? -3.651  -6.730  -8.363  0.68 11.52 ? 1   FME A C    1 
HETATM 13  C  C    B FME A 1 1  ? -3.449  -7.342  -8.751  0.32 13.35 ? 1   FME A C    1 
HETATM 14  O  O    A FME A 1 1  ? -4.303  -7.202  -7.418  0.68 13.15 ? 1   FME A O    1 
HETATM 15  O  O    B FME A 1 1  ? -3.618  -8.515  -8.369  0.32 17.74 ? 1   FME A O    1 
ATOM   16  N  N    . LYS A 1 2  ? -2.325  -6.809  -8.443  1.00 11.09 ? 2   LYS A N    1 
ATOM   17  C  CA   . LYS A 1 2  ? -1.471  -7.481  -7.479  1.00 12.51 ? 2   LYS A CA   1 
ATOM   18  C  C    . LYS A 1 2  ? -1.537  -6.842  -6.129  1.00 9.94  ? 2   LYS A C    1 
ATOM   19  O  O    . LYS A 1 2  ? -1.354  -5.661  -5.994  1.00 10.47 ? 2   LYS A O    1 
ATOM   20  C  CB   . LYS A 1 2  ? -0.034  -7.489  -7.926  1.00 16.81 ? 2   LYS A CB   1 
ATOM   21  C  CG   . LYS A 1 2  ? 0.737   -8.437  -7.036  1.00 21.90 ? 2   LYS A CG   1 
ATOM   22  C  CD   . LYS A 1 2  ? 0.177   -9.896  -6.945  0.50 29.68 ? 2   LYS A CD   1 
ATOM   23  C  CE   . LYS A 1 2  ? -0.571  -10.363 -5.726  0.50 30.49 ? 2   LYS A CE   1 
ATOM   24  N  NZ   . LYS A 1 2  ? -2.041  -10.549 -5.431  0.50 22.40 ? 2   LYS A NZ   1 
ATOM   25  H  H    . LYS A 1 2  ? -1.945  -6.433  -9.116  1.00 13.30 ? 2   LYS A H    1 
ATOM   26  H  HA   . LYS A 1 2  ? -1.774  -8.409  -7.395  1.00 15.01 ? 2   LYS A HA   1 
ATOM   27  H  HB2  . LYS A 1 2  ? 0.025   -7.779  -8.850  1.00 20.18 ? 2   LYS A HB2  1 
ATOM   28  H  HB3  . LYS A 1 2  ? 0.339   -6.596  -7.862  1.00 20.18 ? 2   LYS A HB3  1 
ATOM   29  H  HG2  . LYS A 1 2  ? 1.651   -8.481  -7.357  1.00 26.28 ? 2   LYS A HG2  1 
ATOM   30  H  HG3  . LYS A 1 2  ? 0.761   -8.062  -6.142  1.00 26.28 ? 2   LYS A HG3  1 
ATOM   31  N  N    . LYS A 1 3  ? -1.815  -7.640  -5.146  1.00 12.18 ? 3   LYS A N    1 
ATOM   32  C  CA   . LYS A 1 3  ? -1.914  -7.161  -3.766  1.00 9.24  ? 3   LYS A CA   1 
ATOM   33  C  C    . LYS A 1 3  ? -0.515  -7.213  -3.146  1.00 7.78  ? 3   LYS A C    1 
ATOM   34  O  O    . LYS A 1 3  ? 0.328   -8.013  -3.495  1.00 8.99  ? 3   LYS A O    1 
ATOM   35  C  CB   A LYS A 1 3  ? -2.879  -8.054  -3.005  0.53 12.08 ? 3   LYS A CB   1 
ATOM   36  C  CB   B LYS A 1 3  ? -2.882  -8.075  -2.874  0.47 13.11 ? 3   LYS A CB   1 
ATOM   37  C  CG   A LYS A 1 3  ? -4.218  -8.134  -3.799  0.53 14.42 ? 3   LYS A CG   1 
ATOM   38  C  CG   B LYS A 1 3  ? -4.439  -7.899  -3.054  0.47 16.81 ? 3   LYS A CG   1 
ATOM   39  C  CD   A LYS A 1 3  ? -5.233  -9.054  -3.151  0.53 17.90 ? 3   LYS A CD   1 
ATOM   40  C  CD   B LYS A 1 3  ? -5.285  -8.757  -2.139  0.47 18.52 ? 3   LYS A CD   1 
ATOM   41  C  CE   A LYS A 1 3  ? -4.873  -10.475 -2.970  0.53 19.57 ? 3   LYS A CE   1 
ATOM   42  C  CE   B LYS A 1 3  ? -5.195  -8.689  -0.677  0.47 22.66 ? 3   LYS A CE   1 
ATOM   43  N  NZ   A LYS A 1 3  ? -4.810  -11.276 -4.230  0.53 21.27 ? 3   LYS A NZ   1 
ATOM   44  N  NZ   B LYS A 1 3  ? -6.335  -7.934  -0.034  0.47 23.07 ? 3   LYS A NZ   1 
ATOM   45  H  H    . LYS A 1 3  ? -1.946  -8.474  -5.309  1.00 14.62 ? 3   LYS A H    1 
ATOM   46  H  HA   . LYS A 1 3  ? -2.244  -6.238  -3.758  1.00 11.09 ? 3   LYS A HA   1 
ATOM   47  N  N    . TYR A 1 4  ? -0.311  -6.319  -2.181  1.00 6.52  ? 4   TYR A N    1 
ATOM   48  C  CA   . TYR A 1 4  ? 0.956   -6.244  -1.443  1.00 6.07  ? 4   TYR A CA   1 
ATOM   49  C  C    . TYR A 1 4  ? 0.609   -6.211  0.038   1.00 5.77  ? 4   TYR A C    1 
ATOM   50  O  O    . TYR A 1 4  ? -0.343  -5.593  0.442   1.00 9.79  ? 4   TYR A O    1 
ATOM   51  C  CB   . TYR A 1 4  ? 1.771   -5.011  -1.831  1.00 6.75  ? 4   TYR A CB   1 
ATOM   52  C  CG   . TYR A 1 4  ? 2.477   -5.131  -3.119  1.00 7.04  ? 4   TYR A CG   1 
ATOM   53  C  CD1  . TYR A 1 4  ? 1.777   -5.083  -4.334  1.00 8.79  ? 4   TYR A CD1  1 
ATOM   54  C  CD2  . TYR A 1 4  ? 3.818   -5.279  -3.156  1.00 10.22 ? 4   TYR A CD2  1 
ATOM   55  C  CE1  . TYR A 1 4  ? 2.433   -5.210  -5.529  1.00 12.92 ? 4   TYR A CE1  1 
ATOM   56  C  CE2  . TYR A 1 4  ? 4.506   -5.422  -4.354  1.00 14.46 ? 4   TYR A CE2  1 
ATOM   57  C  CZ   . TYR A 1 4  ? 3.788   -5.403  -5.541  1.00 15.03 ? 4   TYR A CZ   1 
ATOM   58  O  OH   . TYR A 1 4  ? 4.454   -5.526  -6.727  1.00 23.71 ? 4   TYR A OH   1 
ATOM   59  H  H    . TYR A 1 4  ? -0.942  -5.769  -1.984  1.00 7.82  ? 4   TYR A H    1 
ATOM   60  H  HA   . TYR A 1 4  ? 1.483   -7.049  -1.630  1.00 7.28  ? 4   TYR A HA   1 
ATOM   61  H  HB2  . TYR A 1 4  ? 1.177   -4.246  -1.873  1.00 8.10  ? 4   TYR A HB2  1 
ATOM   62  H  HB3  . TYR A 1 4  ? 2.424   -4.837  -1.134  1.00 8.10  ? 4   TYR A HB3  1 
ATOM   63  H  HD1  . TYR A 1 4  ? 0.856   -4.963  -4.326  1.00 10.55 ? 4   TYR A HD1  1 
ATOM   64  H  HD2  . TYR A 1 4  ? 4.294   -5.285  -2.357  1.00 12.26 ? 4   TYR A HD2  1 
ATOM   65  H  HE1  . TYR A 1 4  ? 1.959   -5.165  -6.328  1.00 15.50 ? 4   TYR A HE1  1 
ATOM   66  H  HE2  . TYR A 1 4  ? 5.430   -5.529  -4.360  1.00 17.35 ? 4   TYR A HE2  1 
ATOM   67  H  HH   . TYR A 1 4  ? 3.923   -5.454  -7.348  1.00 35.57 ? 4   TYR A HH   1 
ATOM   68  N  N    . VAL A 1 5  ? 1.453   -6.836  0.842   1.00 5.57  ? 5   VAL A N    1 
ATOM   69  C  CA   . VAL A 1 5  ? 1.225   -6.946  2.282   1.00 5.27  ? 5   VAL A CA   1 
ATOM   70  C  C    . VAL A 1 5  ? 2.344   -6.245  3.038   1.00 4.71  ? 5   VAL A C    1 
ATOM   71  O  O    . VAL A 1 5  ? 3.526   -6.384  2.752   1.00 5.77  ? 5   VAL A O    1 
ATOM   72  C  CB   . VAL A 1 5  ? 1.042   -8.403  2.716   1.00 7.68  ? 5   VAL A CB   1 
ATOM   73  C  CG1  . VAL A 1 5  ? 2.222   -9.217  2.503   1.00 11.18 ? 5   VAL A CG1  1 
ATOM   74  C  CG2  . VAL A 1 5  ? 0.574   -8.495  4.151   1.00 10.95 ? 5   VAL A CG2  1 
ATOM   75  H  H    . VAL A 1 5  ? 2.161   -7.189  0.505   1.00 6.69  ? 5   VAL A H    1 
ATOM   76  H  HA   . VAL A 1 5  ? 0.391   -6.471  2.485   1.00 6.32  ? 5   VAL A HA   1 
ATOM   77  H  HB   . VAL A 1 5  ? 0.329   -8.780  2.158   1.00 9.21  ? 5   VAL A HB   1 
ATOM   78  H  HG11 . VAL A 1 5  ? 2.496   -9.150  1.585   1.00 16.77 ? 5   VAL A HG11 1 
ATOM   79  H  HG12 . VAL A 1 5  ? 2.931   -8.907  3.071   1.00 16.77 ? 5   VAL A HG12 1 
ATOM   80  H  HG13 . VAL A 1 5  ? 2.021   -10.132 2.712   1.00 16.77 ? 5   VAL A HG13 1 
ATOM   81  H  HG21 . VAL A 1 5  ? -0.218  -7.963  4.265   1.00 16.43 ? 5   VAL A HG21 1 
ATOM   82  H  HG22 . VAL A 1 5  ? 0.379   -9.410  4.366   1.00 16.43 ? 5   VAL A HG22 1 
ATOM   83  H  HG23 . VAL A 1 5  ? 1.264   -8.169  4.734   1.00 16.43 ? 5   VAL A HG23 1 
ATOM   84  N  N    . CYS A 1 6  ? 1.932   -5.522  4.038   1.00 4.63  ? 6   CYS A N    1 
ATOM   85  C  CA   . CYS A 1 6  ? 2.845   -4.824  4.949   1.00 4.31  ? 6   CYS A CA   1 
ATOM   86  C  C    . CYS A 1 6  ? 3.511   -5.858  5.876   1.00 4.28  ? 6   CYS A C    1 
ATOM   87  O  O    . CYS A 1 6  ? 2.823   -6.568  6.598   1.00 5.69  ? 6   CYS A O    1 
ATOM   88  C  CB   . CYS A 1 6  ? 2.017   -3.876  5.765   1.00 4.81  ? 6   CYS A CB   1 
ATOM   89  S  SG   . CYS A 1 6  ? 3.053   -2.947  6.948   1.00 5.06  ? 6   CYS A SG   1 
ATOM   90  H  H    . CYS A 1 6  ? 1.085   -5.451  4.173   1.00 5.56  ? 6   CYS A H    1 
ATOM   91  H  HA   . CYS A 1 6  ? 3.524   -4.333  4.440   1.00 5.18  ? 6   CYS A HA   1 
ATOM   92  H  HB2  . CYS A 1 6  ? 1.565   -3.254  5.175   1.00 5.77  ? 6   CYS A HB2  1 
ATOM   93  H  HB3  . CYS A 1 6  ? 1.342   -4.374  6.251   1.00 5.77  ? 6   CYS A HB3  1 
ATOM   94  N  N    . THR A 1 7  ? 4.846   -5.929  5.849   1.00 4.64  ? 7   THR A N    1 
ATOM   95  C  CA   . THR A 1 7  ? 5.560   -6.900  6.671   1.00 4.93  ? 7   THR A CA   1 
ATOM   96  C  C    . THR A 1 7  ? 5.752   -6.453  8.103   1.00 4.81  ? 7   THR A C    1 
ATOM   97  O  O    . THR A 1 7  ? 6.332   -7.192  8.898   1.00 6.43  ? 7   THR A O    1 
ATOM   98  C  CB   . THR A 1 7  ? 6.869   -7.311  6.066   1.00 6.34  ? 7   THR A CB   1 
ATOM   99  O  OG1  . THR A 1 7  ? 7.806   -6.231  6.063   1.00 7.22  ? 7   THR A OG1  1 
ATOM   100 C  CG2  . THR A 1 7  ? 6.678   -7.909  4.686   1.00 8.32  ? 7   THR A CG2  1 
ATOM   101 H  H    . THR A 1 7  ? 5.290   -5.395  5.341   1.00 5.56  ? 7   THR A H    1 
ATOM   102 H  HA   . THR A 1 7  ? 5.001   -7.705  6.701   1.00 5.92  ? 7   THR A HA   1 
ATOM   103 H  HB   . THR A 1 7  ? 7.241   -8.015  6.637   1.00 7.60  ? 7   THR A HB   1 
ATOM   104 H  HG1  . THR A 1 7  ? 8.073   -6.103  5.298   1.00 10.83 ? 7   THR A HG1  1 
ATOM   105 H  HG21 . THR A 1 7  ? 6.265   -7.260  4.111   1.00 12.48 ? 7   THR A HG21 1 
ATOM   106 H  HG22 . THR A 1 7  ? 7.532   -8.159  4.326   1.00 12.48 ? 7   THR A HG22 1 
ATOM   107 H  HG23 . THR A 1 7  ? 6.116   -8.685  4.749   1.00 12.48 ? 7   THR A HG23 1 
ATOM   108 N  N    . VAL A 1 8  ? 5.257   -5.288  8.442   1.00 4.91  ? 8   VAL A N    1 
ATOM   109 C  CA   . VAL A 1 8  ? 5.183   -4.836  9.821   1.00 5.14  ? 8   VAL A CA   1 
ATOM   110 C  C    . VAL A 1 8  ? 3.881   -5.330  10.444  1.00 5.25  ? 8   VAL A C    1 
ATOM   111 O  O    . VAL A 1 8  ? 3.915   -5.964  11.491  1.00 7.74  ? 8   VAL A O    1 
ATOM   112 C  CB   . VAL A 1 8  ? 5.404   -3.317  9.865   1.00 5.32  ? 8   VAL A CB   1 
ATOM   113 C  CG1  . VAL A 1 8  ? 5.276   -2.825  11.309  1.00 8.05  ? 8   VAL A CG1  1 
ATOM   114 C  CG2  . VAL A 1 8  ? 6.753   -2.945  9.318   1.00 7.29  ? 8   VAL A CG2  1 
ATOM   115 H  H    . VAL A 1 8  ? 4.963   -4.769  7.822   1.00 5.90  ? 8   VAL A H    1 
ATOM   116 H  HA   . VAL A 1 8  ? 5.922   -5.257  10.308  1.00 6.16  ? 8   VAL A HA   1 
ATOM   117 H  HB   . VAL A 1 8  ? 4.714   -2.882  9.323   1.00 6.38  ? 8   VAL A HB   1 
ATOM   118 H  HG11 . VAL A 1 8  ? 4.407   -3.050  11.647  1.00 12.07 ? 8   VAL A HG11 1 
ATOM   119 H  HG12 . VAL A 1 8  ? 5.949   -3.242  11.851  1.00 12.07 ? 8   VAL A HG12 1 
ATOM   120 H  HG13 . VAL A 1 8  ? 5.391   -1.872  11.334  1.00 12.07 ? 8   VAL A HG13 1 
ATOM   121 H  HG21 . VAL A 1 8  ? 6.830   -3.266  8.416   1.00 10.94 ? 8   VAL A HG21 1 
ATOM   122 H  HG22 . VAL A 1 8  ? 6.850   -1.990  9.328   1.00 10.94 ? 8   VAL A HG22 1 
ATOM   123 H  HG23 . VAL A 1 8  ? 7.438   -3.343  9.859   1.00 10.94 ? 8   VAL A HG23 1 
ATOM   124 N  N    . CYS A 1 9  ? 2.736   -5.025  9.832   1.00 5.49  ? 9   CYS A N    1 
ATOM   125 C  CA   . CYS A 1 9  ? 1.456   -5.224  10.488  1.00 5.45  ? 9   CYS A CA   1 
ATOM   126 C  C    . CYS A 1 9  ? 0.477   -6.179  9.794   1.00 5.83  ? 9   CYS A C    1 
ATOM   127 O  O    . CYS A 1 9  ? -0.560  -6.506  10.369  1.00 8.08  ? 9   CYS A O    1 
ATOM   128 C  CB   . CYS A 1 9  ? 0.740   -3.909  10.718  1.00 6.07  ? 9   CYS A CB   1 
ATOM   129 S  SG   . CYS A 1 9  ? -0.026  -3.191  9.218   1.00 6.01  ? 9   CYS A SG   1 
ATOM   130 H  H    . CYS A 1 9  ? 2.756   -4.705  9.035   1.00 6.59  ? 9   CYS A H    1 
ATOM   131 H  HA   . CYS A 1 9  ? 1.645   -5.603  11.371  1.00 6.54  ? 9   CYS A HA   1 
ATOM   132 H  HB2  . CYS A 1 9  ? 0.048   -4.044  11.385  1.00 7.28  ? 9   CYS A HB2  1 
ATOM   133 H  HB3  . CYS A 1 9  ? 1.374   -3.269  11.079  1.00 7.28  ? 9   CYS A HB3  1 
ATOM   134 N  N    . GLY A 1 10 ? 0.736   -6.560  8.564   1.00 5.60  ? 10  GLY A N    1 
ATOM   135 C  CA   . GLY A 1 10 ? -0.142  -7.437  7.857   1.00 6.46  ? 10  GLY A CA   1 
ATOM   136 C  C    . GLY A 1 10 ? -1.253  -6.810  7.036   1.00 6.27  ? 10  GLY A C    1 
ATOM   137 O  O    . GLY A 1 10 ? -2.004  -7.530  6.376   1.00 8.47  ? 10  GLY A O    1 
ATOM   138 H  H    . GLY A 1 10 ? 1.449   -6.275  8.176   1.00 6.72  ? 10  GLY A H    1 
ATOM   139 H  HA2  . GLY A 1 10 ? 0.396   -7.983  7.263   1.00 7.75  ? 10  GLY A HA2  1 
ATOM   140 H  HA3  . GLY A 1 10 ? -0.550  -8.034  8.504   1.00 7.75  ? 10  GLY A HA3  1 
ATOM   141 N  N    . TYR A 1 11 ? -1.365  -5.502  7.005   1.00 6.08  ? 11  TYR A N    1 
ATOM   142 C  CA   . TYR A 1 11 ? -2.297  -4.851  6.118   1.00 6.24  ? 11  TYR A CA   1 
ATOM   143 C  C    . TYR A 1 11 ? -2.017  -5.190  4.699   1.00 5.38  ? 11  TYR A C    1 
ATOM   144 O  O    . TYR A 1 11 ? -0.863  -5.195  4.280   1.00 6.91  ? 11  TYR A O    1 
ATOM   145 C  CB   . TYR A 1 11 ? -2.163  -3.337  6.294   1.00 6.78  ? 11  TYR A CB   1 
ATOM   146 C  CG   . TYR A 1 11 ? -2.845  -2.508  5.209   1.00 6.79  ? 11  TYR A CG   1 
ATOM   147 C  CD1  . TYR A 1 11 ? -4.204  -2.210  5.274   1.00 8.29  ? 11  TYR A CD1  1 
ATOM   148 C  CD2  . TYR A 1 11 ? -2.164  -2.033  4.129   1.00 7.49  ? 11  TYR A CD2  1 
ATOM   149 C  CE1  . TYR A 1 11 ? -4.806  -1.445  4.269   1.00 9.83  ? 11  TYR A CE1  1 
ATOM   150 C  CE2  . TYR A 1 11 ? -2.793  -1.275  3.144   1.00 8.61  ? 11  TYR A CE2  1 
ATOM   151 C  CZ   . TYR A 1 11 ? -4.071  -0.982  3.225   1.00 9.20  ? 11  TYR A CZ   1 
ATOM   152 O  OH   . TYR A 1 11 ? -4.640  -0.223  2.219   1.00 13.00 ? 11  TYR A OH   1 
ATOM   153 H  H    . TYR A 1 11 ? -0.874  -5.024  7.525   1.00 7.30  ? 11  TYR A H    1 
ATOM   154 H  HA   . TYR A 1 11 ? -3.210  -5.127  6.345   1.00 7.49  ? 11  TYR A HA   1 
ATOM   155 H  HB2  . TYR A 1 11 ? -2.537  -3.092  7.154   1.00 8.13  ? 11  TYR A HB2  1 
ATOM   156 H  HB3  . TYR A 1 11 ? -1.220  -3.110  6.309   1.00 8.13  ? 11  TYR A HB3  1 
ATOM   157 H  HD1  . TYR A 1 11 ? -4.713  -2.521  5.987   1.00 9.94  ? 11  TYR A HD1  1 
ATOM   158 H  HD2  . TYR A 1 11 ? -1.257  -2.220  4.048   1.00 8.98  ? 11  TYR A HD2  1 
ATOM   159 H  HE1  . TYR A 1 11 ? -5.714  -1.252  4.316   1.00 11.79 ? 11  TYR A HE1  1 
ATOM   160 H  HE2  . TYR A 1 11 ? -2.300  -0.972  2.415   1.00 10.34 ? 11  TYR A HE2  1 
ATOM   161 H  HH   . TYR A 1 11 ? -5.436  -0.110  2.379   1.00 19.50 ? 11  TYR A HH   1 
ATOM   162 N  N    . GLU A 1 12 ? -3.063  -5.423  3.928   1.00 6.05  ? 12  GLU A N    1 
ATOM   163 C  CA   . GLU A 1 12 ? -2.939  -5.707  2.508   1.00 6.46  ? 12  GLU A CA   1 
ATOM   164 C  C    . GLU A 1 12 ? -3.431  -4.500  1.697   1.00 6.54  ? 12  GLU A C    1 
ATOM   165 O  O    . GLU A 1 12 ? -4.551  -4.076  1.818   1.00 9.19  ? 12  GLU A O    1 
ATOM   166 C  CB   A GLU A 1 12 ? -3.878  -6.888  2.181   0.57 10.99 ? 12  GLU A CB   1 
ATOM   167 C  CB   B GLU A 1 12 ? -3.636  -6.997  2.169   0.43 8.87  ? 12  GLU A CB   1 
ATOM   168 C  CG   A GLU A 1 12 ? -3.229  -8.125  2.748   0.57 15.55 ? 12  GLU A CG   1 
ATOM   169 C  CG   B GLU A 1 12 ? -3.513  -7.395  0.720   0.43 15.09 ? 12  GLU A CG   1 
ATOM   170 C  CD   A GLU A 1 12 ? -3.977  -9.376  2.440   0.57 25.79 ? 12  GLU A CD   1 
ATOM   171 C  CD   B GLU A 1 12 ? -3.994  -8.780  0.461   0.43 17.65 ? 12  GLU A CD   1 
ATOM   172 O  OE1  A GLU A 1 12 ? -4.901  -9.402  1.641   0.57 28.81 ? 12  GLU A OE1  1 
ATOM   173 O  OE1  B GLU A 1 12 ? -5.153  -9.067  0.560   0.43 22.81 ? 12  GLU A OE1  1 
ATOM   174 O  OE2  A GLU A 1 12 ? -3.557  -10.430 2.952   0.57 39.46 ? 12  GLU A OE2  1 
ATOM   175 O  OE2  B GLU A 1 12 ? -3.200  -9.729  0.511   0.43 25.87 ? 12  GLU A OE2  1 
ATOM   176 H  H    . GLU A 1 12 ? -3.847  -5.406  4.279   1.00 7.25  ? 12  GLU A H    1 
ATOM   177 H  HA   . GLU A 1 12 ? -2.012  -5.926  2.277   1.00 7.76  ? 12  GLU A HA   1 
ATOM   178 N  N    . TYR A 1 13 ? -2.543  -3.991  0.856   1.00 6.10  ? 13  TYR A N    1 
ATOM   179 C  CA   . TYR A 1 13 ? -2.946  -3.030  -0.170  1.00 6.03  ? 13  TYR A CA   1 
ATOM   180 C  C    . TYR A 1 13 ? -3.616  -3.789  -1.300  1.00 6.12  ? 13  TYR A C    1 
ATOM   181 O  O    . TYR A 1 13 ? -3.026  -4.657  -1.883  1.00 7.81  ? 13  TYR A O    1 
ATOM   182 C  CB   . TYR A 1 13 ? -1.780  -2.203  -0.699  1.00 6.92  ? 13  TYR A CB   1 
ATOM   183 C  CG   . TYR A 1 13 ? -2.269  -1.223  -1.727  1.00 6.39  ? 13  TYR A CG   1 
ATOM   184 C  CD1  . TYR A 1 13 ? -2.980  -0.123  -1.369  1.00 7.00  ? 13  TYR A CD1  1 
ATOM   185 C  CD2  . TYR A 1 13 ? -2.143  -1.469  -3.069  1.00 6.59  ? 13  TYR A CD2  1 
ATOM   186 C  CE1  . TYR A 1 13 ? -3.533  0.726   -2.303  1.00 7.56  ? 13  TYR A CE1  1 
ATOM   187 C  CE2  . TYR A 1 13 ? -2.713  -0.610  -4.005  1.00 6.42  ? 13  TYR A CE2  1 
ATOM   188 C  CZ   . TYR A 1 13 ? -3.419  0.453   -3.630  1.00 6.45  ? 13  TYR A CZ   1 
ATOM   189 O  OH   . TYR A 1 13 ? -4.047  1.307   -4.517  1.00 7.91  ? 13  TYR A OH   1 
ATOM   190 H  H    . TYR A 1 13 ? -1.718  -4.230  0.914   1.00 7.32  ? 13  TYR A H    1 
ATOM   191 H  HA   . TYR A 1 13 ? -3.604  -2.419  0.222   1.00 7.23  ? 13  TYR A HA   1 
ATOM   192 H  HB2  . TYR A 1 13 ? -1.361  -1.725  0.034   1.00 8.31  ? 13  TYR A HB2  1 
ATOM   193 H  HB3  . TYR A 1 13 ? -1.117  -2.789  -1.096  1.00 8.31  ? 13  TYR A HB3  1 
ATOM   194 H  HD1  . TYR A 1 13 ? -3.098  0.064   -0.466  1.00 8.40  ? 13  TYR A HD1  1 
ATOM   195 H  HD2  . TYR A 1 13 ? -1.674  -2.217  -3.358  1.00 7.91  ? 13  TYR A HD2  1 
ATOM   196 H  HE1  . TYR A 1 13 ? -3.986  1.488   -2.024  1.00 9.08  ? 13  TYR A HE1  1 
ATOM   197 H  HE2  . TYR A 1 13 ? -2.598  -0.783  -4.911  1.00 7.71  ? 13  TYR A HE2  1 
ATOM   198 H  HH   . TYR A 1 13 ? -3.893  1.064   -5.285  1.00 11.86 ? 13  TYR A HH   1 
ATOM   199 N  N    . ASP A 1 14 ? -4.867  -3.412  -1.583  1.00 6.04  ? 14  ASP A N    1 
ATOM   200 C  CA   . ASP A 1 14 ? -5.675  -4.062  -2.599  1.00 6.20  ? 14  ASP A CA   1 
ATOM   201 C  C    . ASP A 1 14 ? -5.950  -3.022  -3.688  1.00 5.72  ? 14  ASP A C    1 
ATOM   202 O  O    . ASP A 1 14 ? -6.743  -2.109  -3.464  1.00 6.52  ? 14  ASP A O    1 
ATOM   203 C  CB   . ASP A 1 14 ? -6.984  -4.536  -1.972  1.00 7.34  ? 14  ASP A CB   1 
ATOM   204 C  CG   . ASP A 1 14 ? -7.932  -5.157  -2.944  1.00 7.56  ? 14  ASP A CG   1 
ATOM   205 O  OD1  . ASP A 1 14 ? -7.613  -5.224  -4.131  1.00 9.46  ? 14  ASP A OD1  1 
ATOM   206 O  OD2  . ASP A 1 14 ? -9.038  -5.562  -2.469  1.00 10.59 ? 14  ASP A OD2  1 
ATOM   207 H  H    . ASP A 1 14 ? -5.207  -2.756  -1.144  1.00 7.25  ? 14  ASP A H    1 
ATOM   208 H  HA   . ASP A 1 14 ? -5.189  -4.824  -2.979  1.00 7.44  ? 14  ASP A HA   1 
ATOM   209 H  HB2  . ASP A 1 14 ? -6.781  -5.183  -1.277  1.00 8.81  ? 14  ASP A HB2  1 
ATOM   210 H  HB3  . ASP A 1 14 ? -7.420  -3.779  -1.551  1.00 8.81  ? 14  ASP A HB3  1 
ATOM   211 N  N    . PRO A 1 15 ? -5.349  -3.144  -4.846  1.00 6.03  ? 15  PRO A N    1 
ATOM   212 C  CA   . PRO A 1 15 ? -5.552  -2.160  -5.909  1.00 6.51  ? 15  PRO A CA   1 
ATOM   213 C  C    . PRO A 1 15 ? -7.018  -1.962  -6.281  1.00 6.72  ? 15  PRO A C    1 
ATOM   214 O  O    . PRO A 1 15 ? -7.375  -0.857  -6.710  1.00 8.98  ? 15  PRO A O    1 
ATOM   215 C  CB   A PRO A 1 15 ? -4.734  -2.624  -7.091  0.67 8.28  ? 15  PRO A CB   1 
ATOM   216 C  CB   B PRO A 1 15 ? -4.805  -2.753  -7.011  0.33 8.77  ? 15  PRO A CB   1 
ATOM   217 C  CG   A PRO A 1 15 ? -3.687  -3.479  -6.473  0.67 8.34  ? 15  PRO A CG   1 
ATOM   218 C  CG   B PRO A 1 15 ? -4.463  -4.155  -6.667  0.33 7.89  ? 15  PRO A CG   1 
ATOM   219 C  CD   A PRO A 1 15 ? -4.352  -4.128  -5.279  0.67 7.44  ? 15  PRO A CD   1 
ATOM   220 C  CD   B PRO A 1 15 ? -4.409  -4.212  -5.154  0.33 8.59  ? 15  PRO A CD   1 
ATOM   221 H  HA   . PRO A 1 15 ? -5.194  -1.300  -5.605  1.00 7.81  ? 15  PRO A HA   1 
ATOM   222 N  N    . ALA A 1 16 ? -7.857  -2.980  -6.187  1.00 6.50  ? 16  ALA A N    1 
ATOM   223 C  CA   . ALA A 1 16 ? -9.261  -2.796  -6.539  1.00 7.08  ? 16  ALA A CA   1 
ATOM   224 C  C    . ALA A 1 16 ? -9.948  -1.850  -5.632  1.00 7.10  ? 16  ALA A C    1 
ATOM   225 O  O    . ALA A 1 16 ? -10.927 -1.216  -6.040  1.00 10.03 ? 16  ALA A O    1 
ATOM   226 C  CB   . ALA A 1 16 ? -10.002 -4.150  -6.525  1.00 9.29  ? 16  ALA A CB   1 
ATOM   227 H  H    . ALA A 1 16 ? -7.576  -3.748  -5.920  1.00 7.80  ? 16  ALA A H    1 
ATOM   228 H  HA   . ALA A 1 16 ? -9.305  -2.433  -7.449  1.00 8.50  ? 16  ALA A HA   1 
ATOM   229 H  HB1  . ALA A 1 16 ? -9.555  -4.765  -7.110  1.00 13.94 ? 16  ALA A HB1  1 
ATOM   230 H  HB2  . ALA A 1 16 ? -10.006 -4.503  -5.632  1.00 13.94 ? 16  ALA A HB2  1 
ATOM   231 H  HB3  . ALA A 1 16 ? -10.905 -4.023  -6.823  1.00 13.94 ? 16  ALA A HB3  1 
ATOM   232 N  N    . GLU A 1 17 ? -9.505  -1.725  -4.410  1.00 6.96  ? 17  GLU A N    1 
ATOM   233 C  CA   . GLU A 1 17 ? -10.050 -0.842  -3.438  1.00 7.92  ? 17  GLU A CA   1 
ATOM   234 C  C    . GLU A 1 17 ? -9.338  0.492   -3.368  1.00 7.53  ? 17  GLU A C    1 
ATOM   235 O  O    . GLU A 1 17 ? -9.931  1.480   -2.973  1.00 9.38  ? 17  GLU A O    1 
ATOM   236 C  CB   A GLU A 1 17 ? -10.088 -1.457  -2.046  0.64 9.18  ? 17  GLU A CB   1 
ATOM   237 C  CB   B GLU A 1 17 ? -9.973  -1.638  -2.088  0.36 12.39 ? 17  GLU A CB   1 
ATOM   238 C  CG   A GLU A 1 17 ? -11.003 -2.689  -2.012  0.64 13.13 ? 17  GLU A CG   1 
ATOM   239 C  CG   B GLU A 1 17 ? -11.070 -2.711  -2.017  0.36 15.30 ? 17  GLU A CG   1 
ATOM   240 C  CD   A GLU A 1 17 ? -11.002 -3.492  -0.738  0.64 17.27 ? 17  GLU A CD   1 
ATOM   241 C  CD   B GLU A 1 17 ? -12.517 -2.326  -1.915  0.36 17.28 ? 17  GLU A CD   1 
ATOM   242 O  OE1  A GLU A 1 17 ? -10.112 -3.306  0.155   0.64 21.23 ? 17  GLU A OE1  1 
ATOM   243 O  OE1  B GLU A 1 17 ? -13.063 -1.374  -2.590  0.36 24.37 ? 17  GLU A OE1  1 
ATOM   244 O  OE2  A GLU A 1 17 ? -11.908 -4.400  -0.651  0.64 27.76 ? 17  GLU A OE2  1 
ATOM   245 O  OE2  B GLU A 1 17 ? -13.267 -3.240  -1.379  0.36 25.56 ? 17  GLU A OE2  1 
ATOM   246 H  H    . GLU A 1 17 ? -8.835  -2.211  -4.176  1.00 8.36  ? 17  GLU A H    1 
ATOM   247 H  HA   . GLU A 1 17 ? -10.977 -0.661  -3.700  1.00 9.50  ? 17  GLU A HA   1 
ATOM   248 N  N    . GLY A 1 18 ? -8.057  0.546   -3.684  1.00 7.28  ? 18  GLY A N    1 
ATOM   249 C  CA   . GLY A 1 18 ? -7.283  1.770   -3.493  1.00 7.10  ? 18  GLY A CA   1 
ATOM   250 C  C    . GLY A 1 18 ? -7.210  2.112   -2.032  1.00 6.16  ? 18  GLY A C    1 
ATOM   251 O  O    . GLY A 1 18 ? -7.200  1.258   -1.150  1.00 7.78  ? 18  GLY A O    1 
ATOM   252 H  H    . GLY A 1 18 ? -7.672  -0.151  -4.008  1.00 8.73  ? 18  GLY A H    1 
ATOM   253 H  HA2  . GLY A 1 18 ? -6.387  1.647   -3.845  1.00 8.51  ? 18  GLY A HA2  1 
ATOM   254 H  HA3  . GLY A 1 18 ? -7.700  2.499   -3.978  1.00 8.51  ? 18  GLY A HA3  1 
ATOM   255 N  N    . ASP A 1 19 ? -7.088  3.411   -1.777  1.00 6.21  ? 19  ASP A N    1 
ATOM   256 C  CA   . ASP A 1 19 ? -6.965  3.916   -0.433  1.00 6.05  ? 19  ASP A CA   1 
ATOM   257 C  C    . ASP A 1 19 ? -7.490  5.340   -0.469  1.00 5.85  ? 19  ASP A C    1 
ATOM   258 O  O    . ASP A 1 19 ? -6.728  6.304   -0.460  1.00 6.31  ? 19  ASP A O    1 
ATOM   259 C  CB   . ASP A 1 19 ? -5.529  3.852   0.058   1.00 6.73  ? 19  ASP A CB   1 
ATOM   260 C  CG   . ASP A 1 19 ? -5.360  4.268   1.488   1.00 7.90  ? 19  ASP A CG   1 
ATOM   261 O  OD1  . ASP A 1 19 ? -6.315  4.123   2.257   1.00 14.67 ? 19  ASP A OD1  1 
ATOM   262 O  OD2  . ASP A 1 19 ? -4.242  4.676   1.828   1.00 9.75  ? 19  ASP A OD2  1 
ATOM   263 H  H    . ASP A 1 19 ? -7.084  3.965   -2.434  1.00 7.46  ? 19  ASP A H    1 
ATOM   264 H  HA   . ASP A 1 19 ? -7.531  3.382   0.163   1.00 7.26  ? 19  ASP A HA   1 
ATOM   265 H  HB2  . ASP A 1 19 ? -5.203  2.943   -0.044  1.00 8.08  ? 19  ASP A HB2  1 
ATOM   266 H  HB3  . ASP A 1 19 ? -4.981  4.424   -0.502  1.00 8.08  ? 19  ASP A HB3  1 
ATOM   267 N  N    . PRO A 1 20 ? -8.823  5.482   -0.528  1.00 6.03  ? 20  PRO A N    1 
ATOM   268 C  CA   . PRO A 1 20 ? -9.407  6.811   -0.809  1.00 5.88  ? 20  PRO A CA   1 
ATOM   269 C  C    . PRO A 1 20 ? -8.981  7.888   0.152   1.00 6.28  ? 20  PRO A C    1 
ATOM   270 O  O    . PRO A 1 20 ? -8.774  9.023   -0.272  1.00 7.08  ? 20  PRO A O    1 
ATOM   271 C  CB   . PRO A 1 20 ? -10.916 6.523   -0.812  1.00 7.43  ? 20  PRO A CB   1 
ATOM   272 C  CG   . PRO A 1 20 ? -11.018 5.136   -1.336  1.00 7.67  ? 20  PRO A CG   1 
ATOM   273 C  CD   . PRO A 1 20 ? -9.826  4.420   -0.656  1.00 7.04  ? 20  PRO A CD   1 
ATOM   274 H  HA   . PRO A 1 20 ? -9.141  7.079   -1.713  1.00 7.06  ? 20  PRO A HA   1 
ATOM   275 H  HB2  . PRO A 1 20 ? -11.283 6.582   0.084   1.00 8.91  ? 20  PRO A HB2  1 
ATOM   276 H  HB3  . PRO A 1 20 ? -11.387 7.146   -1.387  1.00 8.91  ? 20  PRO A HB3  1 
ATOM   277 H  HG2  . PRO A 1 20 ? -11.861 4.728   -1.085  1.00 9.20  ? 20  PRO A HG2  1 
ATOM   278 H  HG3  . PRO A 1 20 ? -10.932 5.119   -2.302  1.00 9.20  ? 20  PRO A HG3  1 
ATOM   279 H  HD2  . PRO A 1 20 ? -10.077 4.070   0.212   1.00 8.44  ? 20  PRO A HD2  1 
ATOM   280 H  HD3  . PRO A 1 20 ? -9.495  3.693   -1.206  1.00 8.44  ? 20  PRO A HD3  1 
ATOM   281 N  N    . ASP A 1 21 ? -8.885  7.577   1.444   1.00 7.27  ? 21  ASP A N    1 
ATOM   282 C  CA   . ASP A 1 21 ? -8.567  8.616   2.406   1.00 8.90  ? 21  ASP A CA   1 
ATOM   283 C  C    . ASP A 1 21 ? -7.198  9.120   2.296   1.00 10.09 ? 21  ASP A C    1 
ATOM   284 O  O    . ASP A 1 21 ? -6.873  10.153  2.882   1.00 17.13 ? 21  ASP A O    1 
ATOM   285 C  CB   A ASP A 1 21 ? -9.301  8.464   3.676   0.58 11.86 ? 21  ASP A CB   1 
ATOM   286 C  CB   B ASP A 1 21 ? -8.498  7.942   3.896   0.42 13.15 ? 21  ASP A CB   1 
ATOM   287 C  CG   A ASP A 1 21 ? -8.736  7.380   4.504   0.58 11.57 ? 21  ASP A CG   1 
ATOM   288 C  CG   B ASP A 1 21 ? -9.823  7.639   4.465   0.42 14.58 ? 21  ASP A CG   1 
ATOM   289 O  OD1  A ASP A 1 21 ? -7.612  6.909   4.182   0.58 17.57 ? 21  ASP A OD1  1 
ATOM   290 O  OD1  B ASP A 1 21 ? -10.794 8.064   3.912   0.42 17.55 ? 21  ASP A OD1  1 
ATOM   291 O  OD2  A ASP A 1 21 ? -9.175  7.296   5.642   0.58 16.84 ? 21  ASP A OD2  1 
ATOM   292 O  OD2  B ASP A 1 21 ? -9.930  6.643   5.242   0.42 25.75 ? 21  ASP A OD2  1 
ATOM   293 H  H    . ASP A 1 21 ? -9.010  6.768   1.705   1.00 8.72  ? 21  ASP A H    1 
ATOM   294 H  HA   . ASP A 1 21 ? -9.058  9.369   2.014   1.00 10.68 ? 21  ASP A HA   1 
ATOM   295 N  N    . ASN A 1 22 ? -6.309  8.497   1.519   1.00 8.11  ? 22  ASN A N    1 
ATOM   296 C  CA   . ASN A 1 22 ? -4.998  8.988   1.246   1.00 9.44  ? 22  ASN A CA   1 
ATOM   297 C  C    . ASN A 1 22 ? -4.858  9.407   -0.223  1.00 9.08  ? 22  ASN A C    1 
ATOM   298 O  O    . ASN A 1 22 ? -3.761  9.547   -0.760  1.00 11.61 ? 22  ASN A O    1 
ATOM   299 C  CB   . ASN A 1 22 ? -3.893  8.040   1.643   1.00 12.16 ? 22  ASN A CB   1 
ATOM   300 C  CG   . ASN A 1 22 ? -3.859  7.915   3.165   1.00 15.46 ? 22  ASN A CG   1 
ATOM   301 O  OD1  . ASN A 1 22 ? -3.571  8.950   3.808   1.00 21.99 ? 22  ASN A OD1  1 
ATOM   302 N  ND2  . ASN A 1 22 ? -4.062  6.746   3.670   1.00 19.91 ? 22  ASN A ND2  1 
ATOM   303 H  H    . ASN A 1 22 ? -6.541  7.750   1.162   1.00 9.73  ? 22  ASN A H    1 
ATOM   304 H  HA   . ASN A 1 22 ? -4.883  9.799   1.784   1.00 11.33 ? 22  ASN A HA   1 
ATOM   305 H  HB2  . ASN A 1 22 ? -4.047  7.169   1.245   1.00 14.59 ? 22  ASN A HB2  1 
ATOM   306 H  HB3  . ASN A 1 22 ? -3.040  8.374   1.322   1.00 14.59 ? 22  ASN A HB3  1 
ATOM   307 H  HD21 . ASN A 1 22 ? -4.003  6.628   4.520   1.00 23.89 ? 22  ASN A HD21 1 
ATOM   308 H  HD22 . ASN A 1 22 ? -4.256  6.083   3.158   1.00 23.89 ? 22  ASN A HD22 1 
ATOM   309 N  N    . GLY A 1 23 ? -5.972  9.655   -0.908  1.00 7.59  ? 23  GLY A N    1 
ATOM   310 C  CA   . GLY A 1 23 ? -5.954  10.183  -2.247  1.00 8.81  ? 23  GLY A CA   1 
ATOM   311 C  C    . GLY A 1 23 ? -5.631  9.202   -3.331  1.00 6.98  ? 23  GLY A C    1 
ATOM   312 O  O    . GLY A 1 23 ? -5.137  9.601   -4.385  1.00 8.56  ? 23  GLY A O    1 
ATOM   313 H  H    . GLY A 1 23 ? -6.732  9.492   -0.537  1.00 9.11  ? 23  GLY A H    1 
ATOM   314 H  HA2  . GLY A 1 23 ? -6.823  10.571  -2.435  1.00 10.57 ? 23  GLY A HA2  1 
ATOM   315 H  HA3  . GLY A 1 23 ? -5.303  10.902  -2.283  1.00 10.57 ? 23  GLY A HA3  1 
ATOM   316 N  N    . VAL A 1 24 ? -5.948  7.930   -3.068  1.00 6.30  ? 24  VAL A N    1 
ATOM   317 C  CA   . VAL A 1 24 ? -5.641  6.860   -3.976  1.00 6.05  ? 24  VAL A CA   1 
ATOM   318 C  C    . VAL A 1 24 ? -6.966  6.227   -4.396  1.00 5.93  ? 24  VAL A C    1 
ATOM   319 O  O    . VAL A 1 24 ? -7.629  5.536   -3.636  1.00 6.94  ? 24  VAL A O    1 
ATOM   320 C  CB   . VAL A 1 24 ? -4.724  5.844   -3.325  1.00 6.66  ? 24  VAL A CB   1 
ATOM   321 C  CG1  . VAL A 1 24 ? -4.470  4.699   -4.312  1.00 8.97  ? 24  VAL A CG1  1 
ATOM   322 C  CG2  . VAL A 1 24 ? -3.406  6.498   -2.903  1.00 8.70  ? 24  VAL A CG2  1 
ATOM   323 H  H    . VAL A 1 24 ? -6.350  7.746   -2.331  1.00 7.56  ? 24  VAL A H    1 
ATOM   324 H  HA   . VAL A 1 24 ? -5.197  7.230   -4.767  1.00 7.26  ? 24  VAL A HA   1 
ATOM   325 H  HB   . VAL A 1 24 ? -5.167  5.483   -2.528  1.00 7.99  ? 24  VAL A HB   1 
ATOM   326 H  HG11 . VAL A 1 24 ? -4.060  5.048   -5.107  1.00 13.45 ? 24  VAL A HG11 1 
ATOM   327 H  HG12 . VAL A 1 24 ? -3.887  4.052   -3.909  1.00 13.45 ? 24  VAL A HG12 1 
ATOM   328 H  HG13 . VAL A 1 24 ? -5.304  4.281   -4.538  1.00 13.45 ? 24  VAL A HG13 1 
ATOM   329 H  HG21 . VAL A 1 24 ? -3.586  7.217   -2.293  1.00 13.05 ? 24  VAL A HG21 1 
ATOM   330 H  HG22 . VAL A 1 24 ? -2.847  5.845   -2.475  1.00 13.05 ? 24  VAL A HG22 1 
ATOM   331 H  HG23 . VAL A 1 24 ? -2.958  6.843   -3.680  1.00 13.05 ? 24  VAL A HG23 1 
ATOM   332 N  N    . LYS A 1 25 ? -7.369  6.467   -5.638  1.00 6.68  ? 25  LYS A N    1 
ATOM   333 C  CA   . LYS A 1 25 ? -8.655  5.973   -6.085  1.00 6.83  ? 25  LYS A CA   1 
ATOM   334 C  C    . LYS A 1 25 ? -8.620  4.496   -6.338  1.00 6.55  ? 25  LYS A C    1 
ATOM   335 O  O    . LYS A 1 25 ? -7.574  3.912   -6.644  1.00 6.77  ? 25  LYS A O    1 
ATOM   336 C  CB   . LYS A 1 25 ? -9.179  6.754   -7.280  1.00 8.51  ? 25  LYS A CB   1 
ATOM   337 C  CG   . LYS A 1 25 ? -8.377  6.640   -8.519  1.00 9.34  ? 25  LYS A CG   1 
ATOM   338 C  CD   A LYS A 1 25 ? -8.973  7.607   -9.563  0.56 10.56 ? 25  LYS A CD   1 
ATOM   339 C  CD   B LYS A 1 25 ? -8.982  7.482   -9.725  0.44 12.05 ? 25  LYS A CD   1 
ATOM   340 C  CE   A LYS A 1 25 ? -8.502  7.433   -11.004 0.56 12.51 ? 25  LYS A CE   1 
ATOM   341 C  CE   B LYS A 1 25 ? -7.952  7.620   -10.886 0.44 11.48 ? 25  LYS A CE   1 
ATOM   342 N  NZ   A LYS A 1 25 ? -7.038  7.684   -11.114 0.56 12.52 ? 25  LYS A NZ   1 
ATOM   343 N  NZ   B LYS A 1 25 ? -8.851  8.018   -12.050 0.44 10.73 ? 25  LYS A NZ   1 
ATOM   344 H  H    . LYS A 1 25 ? -6.868  6.915   -6.174  1.00 8.02  ? 25  LYS A H    1 
ATOM   345 H  HA   . LYS A 1 25 ? -9.287  6.121   -5.352  1.00 8.19  ? 25  LYS A HA   1 
ATOM   346 H  HB2  . LYS A 1 25 ? -10.081 6.452   -7.471  1.00 10.22 ? 25  LYS A HB2  1 
ATOM   347 H  HB3  . LYS A 1 25 ? -9.231  7.690   -7.033  1.00 10.22 ? 25  LYS A HB3  1 
ATOM   348 N  N    . PRO A 1 26 ? -9.785  3.835   -6.267  1.00 7.27  ? 26  PRO A N    1 
ATOM   349 C  CA   . PRO A 1 26 ? -9.861  2.432   -6.644  1.00 7.41  ? 26  PRO A CA   1 
ATOM   350 C  C    . PRO A 1 26 ? -9.282  2.233   -8.011  1.00 7.20  ? 26  PRO A C    1 
ATOM   351 O  O    . PRO A 1 26 ? -9.458  3.006   -8.936  1.00 8.78  ? 26  PRO A O    1 
ATOM   352 C  CB   . PRO A 1 26 ? -11.371 2.141   -6.596  1.00 10.32 ? 26  PRO A CB   1 
ATOM   353 C  CG   . PRO A 1 26 ? -11.894 3.081   -5.597  1.00 11.96 ? 26  PRO A CG   1 
ATOM   354 C  CD   . PRO A 1 26 ? -11.084 4.320   -5.799  1.00 8.98  ? 26  PRO A CD   1 
ATOM   355 H  HA   . PRO A 1 26 ? -9.387  1.877   -5.989  1.00 8.89  ? 26  PRO A HA   1 
ATOM   356 H  HB2  . PRO A 1 26 ? -11.779 2.295   -7.462  1.00 12.38 ? 26  PRO A HB2  1 
ATOM   357 H  HB3  . PRO A 1 26 ? -11.537 1.224   -6.329  1.00 12.38 ? 26  PRO A HB3  1 
ATOM   358 H  HG2  . PRO A 1 26 ? -12.836 3.255   -5.747  1.00 14.35 ? 26  PRO A HG2  1 
ATOM   359 H  HG3  . PRO A 1 26 ? -11.775 2.733   -4.700  1.00 14.35 ? 26  PRO A HG3  1 
ATOM   360 H  HD2  . PRO A 1 26 ? -11.495 4.898   -6.460  1.00 10.78 ? 26  PRO A HD2  1 
ATOM   361 H  HD3  . PRO A 1 26 ? -10.991 4.811   -4.967  1.00 10.78 ? 26  PRO A HD3  1 
ATOM   362 N  N    . GLY A 1 27 ? -8.552  1.131   -8.124  1.00 7.66  ? 27  GLY A N    1 
ATOM   363 C  CA   . GLY A 1 27 ? -7.895  0.768   -9.345  1.00 8.67  ? 27  GLY A CA   1 
ATOM   364 C  C    . GLY A 1 27 ? -6.465  1.133   -9.452  1.00 8.59  ? 27  GLY A C    1 
ATOM   365 O  O    . GLY A 1 27 ? -5.787  0.747   -10.395 1.00 15.45 ? 27  GLY A O    1 
ATOM   366 H  H    . GLY A 1 27 ? -8.470  0.616   -7.440  1.00 9.19  ? 27  GLY A H    1 
ATOM   367 H  HA2  . GLY A 1 27 ? -7.973  -0.192  -9.457  1.00 10.40 ? 27  GLY A HA2  1 
ATOM   368 H  HA3  . GLY A 1 27 ? -8.371  1.184   -10.081 1.00 10.40 ? 27  GLY A HA3  1 
ATOM   369 N  N    . THR A 1 28 ? -5.872  1.812   -8.509  1.00 7.65  ? 28  THR A N    1 
ATOM   370 C  CA   . THR A 1 28 ? -4.487  2.260   -8.553  1.00 7.04  ? 28  THR A CA   1 
ATOM   371 C  C    . THR A 1 28 ? -3.563  1.124   -8.142  1.00 6.36  ? 28  THR A C    1 
ATOM   372 O  O    . THR A 1 28 ? -3.678  0.559   -7.055  1.00 7.08  ? 28  THR A O    1 
ATOM   373 C  CB   . THR A 1 28 ? -4.283  3.445   -7.664  1.00 7.12  ? 28  THR A CB   1 
ATOM   374 O  OG1  . THR A 1 28 ? -5.198  4.463   -7.983  1.00 8.88  ? 28  THR A OG1  1 
ATOM   375 C  CG2  . THR A 1 28 ? -2.882  4.009   -7.785  1.00 8.83  ? 28  THR A CG2  1 
ATOM   376 H  H    . THR A 1 28 ? -6.332  2.009   -7.810  1.00 9.18  ? 28  THR A H    1 
ATOM   377 H  HA   . THR A 1 28 ? -4.271  2.519   -9.473  1.00 8.44  ? 28  THR A HA   1 
ATOM   378 H  HB   . THR A 1 28 ? -4.432  3.170   -6.735  1.00 8.54  ? 28  THR A HB   1 
ATOM   379 H  HG1  . THR A 1 28 ? -5.963  4.175   -7.913  1.00 13.32 ? 28  THR A HG1  1 
ATOM   380 H  HG21 . THR A 1 28 ? -2.243  3.335   -7.543  1.00 13.24 ? 28  THR A HG21 1 
ATOM   381 H  HG22 . THR A 1 28 ? -2.726  4.287   -8.691  1.00 13.24 ? 28  THR A HG22 1 
ATOM   382 H  HG23 . THR A 1 28 ? -2.789  4.764   -7.198  1.00 13.24 ? 28  THR A HG23 1 
ATOM   383 N  N    . SER A 1 29 ? -2.621  0.796   -8.971  1.00 6.89  ? 29  SER A N    1 
ATOM   384 C  CA   . SER A 1 29 ? -1.643  -0.226  -8.657  1.00 7.20  ? 29  SER A CA   1 
ATOM   385 C  C    . SER A 1 29 ? -0.734  0.234   -7.495  1.00 6.24  ? 29  SER A C    1 
ATOM   386 O  O    . SER A 1 29 ? -0.476  1.398   -7.306  1.00 6.87  ? 29  SER A O    1 
ATOM   387 C  CB   A SER A 1 29 ? -0.760  -0.588  -9.829  0.75 9.14  ? 29  SER A CB   1 
ATOM   388 C  CB   B SER A 1 29 ? -0.826  -0.314  -9.910  0.25 7.85  ? 29  SER A CB   1 
ATOM   389 O  OG   A SER A 1 29 ? 0.080   0.486   -10.040 0.75 12.10 ? 29  SER A OG   1 
ATOM   390 O  OG   B SER A 1 29 ? 0.289   -1.097  -9.750  0.25 10.58 ? 29  SER A OG   1 
ATOM   391 H  H    . SER A 1 29 ? -2.576  1.197   -9.730  1.00 8.27  ? 29  SER A H    1 
ATOM   392 H  HA   . SER A 1 29 ? -2.121  -1.032  -8.373  1.00 8.64  ? 29  SER A HA   1 
ATOM   393 N  N    . PHE A 1 30 ? -0.168  -0.750  -6.788  1.00 6.15  ? 30  PHE A N    1 
ATOM   394 C  CA   . PHE A 1 30 ? 0.800   -0.461  -5.736  1.00 6.02  ? 30  PHE A CA   1 
ATOM   395 C  C    . PHE A 1 30 ? 1.961   0.388   -6.248  1.00 6.03  ? 30  PHE A C    1 
ATOM   396 O  O    . PHE A 1 30 ? 2.452   1.283   -5.599  1.00 7.23  ? 30  PHE A O    1 
ATOM   397 C  CB   . PHE A 1 30 ? 1.305   -1.775  -5.135  1.00 6.82  ? 30  PHE A CB   1 
ATOM   398 C  CG   . PHE A 1 30 ? 2.280   -1.605  -4.025  1.00 7.73  ? 30  PHE A CG   1 
ATOM   399 C  CD1  . PHE A 1 30 ? 1.858   -1.361  -2.743  1.00 9.84  ? 30  PHE A CD1  1 
ATOM   400 C  CD2  . PHE A 1 30 ? 3.625   -1.666  -4.255  1.00 11.33 ? 30  PHE A CD2  1 
ATOM   401 C  CE1  . PHE A 1 30 ? 2.719   -1.164  -1.692  1.00 13.64 ? 30  PHE A CE1  1 
ATOM   402 C  CE2  . PHE A 1 30 ? 4.515   -1.474  -3.197  1.00 15.10 ? 30  PHE A CE2  1 
ATOM   403 C  CZ   . PHE A 1 30 ? 4.051   -1.211  -1.939  1.00 15.71 ? 30  PHE A CZ   1 
ATOM   404 H  H    . PHE A 1 30 ? -0.379  -1.567  -6.955  1.00 7.38  ? 30  PHE A H    1 
ATOM   405 H  HA   . PHE A 1 30 ? 0.343   0.042   -5.029  1.00 7.22  ? 30  PHE A HA   1 
ATOM   406 H  HB2  . PHE A 1 30 ? 0.545   -2.278  -4.806  1.00 8.18  ? 30  PHE A HB2  1 
ATOM   407 H  HB3  . PHE A 1 30 ? 1.722   -2.298  -5.838  1.00 8.18  ? 30  PHE A HB3  1 
ATOM   408 H  HD1  . PHE A 1 30 ? 0.943   -1.326  -2.578  1.00 11.80 ? 30  PHE A HD1  1 
ATOM   409 H  HD2  . PHE A 1 30 ? 3.946   -1.834  -5.112  1.00 13.59 ? 30  PHE A HD2  1 
ATOM   410 H  HE1  . PHE A 1 30 ? 2.399   -1.004  -0.834  1.00 16.37 ? 30  PHE A HE1  1 
ATOM   411 H  HE2  . PHE A 1 30 ? 5.431   -1.525  -3.349  1.00 18.13 ? 30  PHE A HE2  1 
ATOM   412 H  HZ   . PHE A 1 30 ? 4.654   -1.064  -1.246  1.00 18.86 ? 30  PHE A HZ   1 
ATOM   413 N  N    . ASP A 1 31 ? 2.441   0.075   -7.446  1.00 6.69  ? 31  ASP A N    1 
ATOM   414 C  CA   . ASP A 1 31 ? 3.586   0.777   -8.006  1.00 8.35  ? 31  ASP A CA   1 
ATOM   415 C  C    . ASP A 1 31 ? 3.311   2.244   -8.325  1.00 7.38  ? 31  ASP A C    1 
ATOM   416 O  O    . ASP A 1 31 ? 4.243   3.013   -8.437  1.00 10.32 ? 31  ASP A O    1 
ATOM   417 C  CB   . ASP A 1 31 ? 4.065   0.090   -9.232  1.00 11.39 ? 31  ASP A CB   1 
ATOM   418 C  CG   . ASP A 1 31 ? 4.837   -1.135  -8.878  1.00 18.40 ? 31  ASP A CG   1 
ATOM   419 O  OD1  . ASP A 1 31 ? 5.308   -1.333  -7.679  1.00 25.10 ? 31  ASP A OD1  1 
ATOM   420 O  OD2  . ASP A 1 31 ? 5.052   -1.957  -9.698  1.00 25.51 ? 31  ASP A OD2  1 
ATOM   421 H  H    . ASP A 1 31 ? 2.068   -0.553  -7.899  1.00 8.03  ? 31  ASP A H    1 
ATOM   422 H  HA   . ASP A 1 31 ? 4.309   0.746   -7.345  1.00 10.02 ? 31  ASP A HA   1 
ATOM   423 H  HB2  . ASP A 1 31 ? 3.306   -0.152  -9.784  1.00 13.66 ? 31  ASP A HB2  1 
ATOM   424 H  HB3  . ASP A 1 31 ? 4.628   0.693   -9.742  1.00 13.66 ? 31  ASP A HB3  1 
ATOM   425 N  N    . ASP A 1 32 ? 2.037   2.596   -8.442  1.00 6.34  ? 32  ASP A N    1 
ATOM   426 C  CA   . ASP A 1 32 ? 1.645   3.955   -8.706  1.00 6.59  ? 32  ASP A CA   1 
ATOM   427 C  C    . ASP A 1 32 ? 1.197   4.690   -7.484  1.00 6.39  ? 32  ASP A C    1 
ATOM   428 O  O    . ASP A 1 32 ? 0.667   5.785   -7.619  1.00 8.24  ? 32  ASP A O    1 
ATOM   429 C  CB   . ASP A 1 32 ? 0.562   4.003   -9.759  1.00 8.06  ? 32  ASP A CB   1 
ATOM   430 C  CG   . ASP A 1 32 ? 1.033   3.659   -11.113 1.00 9.72  ? 32  ASP A CG   1 
ATOM   431 O  OD1  . ASP A 1 32 ? 2.176   4.056   -11.421 1.00 15.09 ? 32  ASP A OD1  1 
ATOM   432 O  OD2  . ASP A 1 32 ? 0.324   3.111   -11.893 1.00 19.18 ? 32  ASP A OD2  1 
ATOM   433 H  H    . ASP A 1 32 ? 1.427   1.996   -8.357  1.00 7.61  ? 32  ASP A H    1 
ATOM   434 H  HA   . ASP A 1 32 ? 2.428   4.425   -9.064  1.00 7.91  ? 32  ASP A HA   1 
ATOM   435 H  HB2  . ASP A 1 32 ? -0.145  3.388   -9.508  1.00 9.67  ? 32  ASP A HB2  1 
ATOM   436 H  HB3  . ASP A 1 32 ? 0.183   4.896   -9.778  1.00 9.67  ? 32  ASP A HB3  1 
ATOM   437 N  N    . LEU A 1 33 ? 1.447   4.172   -6.281  1.00 6.32  ? 33  LEU A N    1 
ATOM   438 C  CA   . LEU A 1 33 ? 1.170   4.913   -5.092  1.00 6.27  ? 33  LEU A CA   1 
ATOM   439 C  C    . LEU A 1 33 ? 2.061   6.126   -5.008  1.00 6.58  ? 33  LEU A C    1 
ATOM   440 O  O    . LEU A 1 33 ? 3.217   6.118   -5.416  1.00 7.91  ? 33  LEU A O    1 
ATOM   441 C  CB   . LEU A 1 33 ? 1.334   4.020   -3.860  1.00 6.48  ? 33  LEU A CB   1 
ATOM   442 C  CG   . LEU A 1 33 ? 0.251   2.950   -3.696  1.00 6.84  ? 33  LEU A CG   1 
ATOM   443 C  CD1  . LEU A 1 33 ? 0.615   1.945   -2.657  1.00 8.98  ? 33  LEU A CD1  1 
ATOM   444 C  CD2  . LEU A 1 33 ? -1.088  3.582   -3.367  1.00 11.33 ? 33  LEU A CD2  1 
ATOM   445 H  H    . LEU A 1 33 ? 1.780   3.382   -6.220  1.00 7.58  ? 33  LEU A H    1 
ATOM   446 H  HA   . LEU A 1 33 ? 0.239   5.216   -5.129  1.00 7.53  ? 33  LEU A HA   1 
ATOM   447 H  HB2  . LEU A 1 33 ? 2.198   3.581   -3.910  1.00 7.77  ? 33  LEU A HB2  1 
ATOM   448 H  HB3  . LEU A 1 33 ? 1.337   4.582   -3.069  1.00 7.77  ? 33  LEU A HB3  1 
ATOM   449 H  HG   . LEU A 1 33 ? 0.161   2.480   -4.551  1.00 8.21  ? 33  LEU A HG   1 
ATOM   450 H  HD11 . LEU A 1 33 ? 1.467   1.557   -2.872  1.00 13.46 ? 33  LEU A HD11 1 
ATOM   451 H  HD12 . LEU A 1 33 ? 0.666   2.376   -1.800  1.00 13.46 ? 33  LEU A HD12 1 
ATOM   452 H  HD13 . LEU A 1 33 ? -0.054  1.257   -2.630  1.00 13.46 ? 33  LEU A HD13 1 
ATOM   453 H  HD21 . LEU A 1 33 ? -1.323  4.210   -4.055  1.00 16.99 ? 33  LEU A HD21 1 
ATOM   454 H  HD22 . LEU A 1 33 ? -1.759  2.898   -3.314  1.00 16.99 ? 33  LEU A HD22 1 
ATOM   455 H  HD23 . LEU A 1 33 ? -1.027  4.039   -2.525  1.00 16.99 ? 33  LEU A HD23 1 
ATOM   456 N  N    . PRO A 1 34 ? 1.586   7.204   -4.401  1.00 6.77  ? 34  PRO A N    1 
ATOM   457 C  CA   . PRO A 1 34 ? 2.443   8.363   -4.204  1.00 7.14  ? 34  PRO A CA   1 
ATOM   458 C  C    . PRO A 1 34 ? 3.720   7.997   -3.461  1.00 6.77  ? 34  PRO A C    1 
ATOM   459 O  O    . PRO A 1 34 ? 3.755   7.119   -2.600  1.00 7.80  ? 34  PRO A O    1 
ATOM   460 C  CB   . PRO A 1 34 ? 1.553   9.293   -3.377  1.00 8.81  ? 34  PRO A CB   1 
ATOM   461 C  CG   . PRO A 1 34 ? 0.143   8.884   -3.769  1.00 10.60 ? 34  PRO A CG   1 
ATOM   462 C  CD   . PRO A 1 34 ? 0.224   7.411   -3.908  1.00 8.07  ? 34  PRO A CD   1 
ATOM   463 H  HA   . PRO A 1 34 ? 2.658   8.777   -5.066  1.00 8.57  ? 34  PRO A HA   1 
ATOM   464 H  HB2  . PRO A 1 34 ? 1.701   9.163   -2.427  1.00 10.57 ? 34  PRO A HB2  1 
ATOM   465 H  HB3  . PRO A 1 34 ? 1.720   10.223  -3.599  1.00 10.57 ? 34  PRO A HB3  1 
ATOM   466 H  HG2  . PRO A 1 34 ? -0.496  9.133   -3.082  1.00 12.72 ? 34  PRO A HG2  1 
ATOM   467 H  HG3  . PRO A 1 34 ? -0.119  9.299   -4.606  1.00 12.72 ? 34  PRO A HG3  1 
ATOM   468 H  HD2  . PRO A 1 34 ? 0.091   6.970   -3.054  1.00 9.69  ? 34  PRO A HD2  1 
ATOM   469 H  HD3  . PRO A 1 34 ? -0.431  7.081   -4.542  1.00 9.69  ? 34  PRO A HD3  1 
ATOM   470 N  N    . ALA A 1 35 ? 4.783   8.752   -3.744  1.00 7.07  ? 35  ALA A N    1 
ATOM   471 C  CA   . ALA A 1 35 ? 6.079   8.497   -3.138  1.00 7.57  ? 35  ALA A CA   1 
ATOM   472 C  C    . ALA A 1 35 ? 6.014   8.585   -1.611  1.00 7.36  ? 35  ALA A C    1 
ATOM   473 O  O    . ALA A 1 35 ? 6.789   7.879   -0.955  1.00 9.78  ? 35  ALA A O    1 
ATOM   474 C  CB   . ALA A 1 35 ? 7.123   9.440   -3.669  1.00 9.78  ? 35  ALA A CB   1 
ATOM   475 H  H    . ALA A 1 35 ? 4.699   9.404   -4.299  1.00 8.48  ? 35  ALA A H    1 
ATOM   476 H  HA   . ALA A 1 35 ? 6.348   7.586   -3.375  1.00 9.09  ? 35  ALA A HA   1 
ATOM   477 H  HB1  . ALA A 1 35 ? 7.156   9.377   -4.626  1.00 14.67 ? 35  ALA A HB1  1 
ATOM   478 H  HB2  . ALA A 1 35 ? 6.901   10.340  -3.416  1.00 14.67 ? 35  ALA A HB2  1 
ATOM   479 H  HB3  . ALA A 1 35 ? 7.980   9.208   -3.303  1.00 14.67 ? 35  ALA A HB3  1 
ATOM   480 N  N    . ASP A 1 36 ? 5.159   9.406   -1.070  1.00 6.81  ? 36  ASP A N    1 
ATOM   481 C  CA   . ASP A 1 36 ? 5.091   9.527   0.370   1.00 7.77  ? 36  ASP A CA   1 
ATOM   482 C  C    . ASP A 1 36 ? 4.013   8.648   1.025   1.00 8.02  ? 36  ASP A C    1 
ATOM   483 O  O    . ASP A 1 36 ? 3.817   8.751   2.231   1.00 10.41 ? 36  ASP A O    1 
ATOM   484 C  CB   . ASP A 1 36 ? 4.895   10.985  0.746   1.00 7.83  ? 36  ASP A CB   1 
ATOM   485 C  CG   . ASP A 1 36 ? 3.572   11.526  0.377   1.00 8.05  ? 36  ASP A CG   1 
ATOM   486 O  OD1  . ASP A 1 36 ? 2.738   10.848  -0.224  1.00 9.94  ? 36  ASP A OD1  1 
ATOM   487 O  OD2  . ASP A 1 36 ? 3.342   12.744  0.667   1.00 10.54 ? 36  ASP A OD2  1 
ATOM   488 H  H    . ASP A 1 36 ? 4.637   9.875   -1.567  1.00 8.17  ? 36  ASP A H    1 
ATOM   489 H  HA   . ASP A 1 36 ? 5.958   9.246   0.730   1.00 9.33  ? 36  ASP A HA   1 
ATOM   490 H  HB2  . ASP A 1 36 ? 5.015   11.079  1.704   1.00 9.39  ? 36  ASP A HB2  1 
ATOM   491 H  HB3  . ASP A 1 36 ? 5.581   11.514  0.310   1.00 9.39  ? 36  ASP A HB3  1 
ATOM   492 N  N    . TRP A 1 37 ? 3.364   7.764   0.305   1.00 7.38  ? 37  TRP A N    1 
ATOM   493 C  CA   . TRP A 1 37 ? 2.346   6.895   0.909   1.00 6.64  ? 37  TRP A CA   1 
ATOM   494 C  C    . TRP A 1 37 ? 3.000   5.913   1.861   1.00 6.27  ? 37  TRP A C    1 
ATOM   495 O  O    . TRP A 1 37 ? 4.051   5.371   1.560   1.00 7.77  ? 37  TRP A O    1 
ATOM   496 C  CB   . TRP A 1 37 ? 1.585   6.187   -0.208  1.00 7.75  ? 37  TRP A CB   1 
ATOM   497 C  CG   . TRP A 1 37 ? 0.425   5.322   0.223   1.00 7.07  ? 37  TRP A CG   1 
ATOM   498 C  CD1  . TRP A 1 37 ? -0.880  5.683   0.251   1.00 7.94  ? 37  TRP A CD1  1 
ATOM   499 C  CD2  . TRP A 1 37 ? 0.468   3.969   0.639   1.00 6.41  ? 37  TRP A CD2  1 
ATOM   500 N  NE1  . TRP A 1 37 ? -1.662  4.630   0.619   1.00 7.98  ? 37  TRP A NE1  1 
ATOM   501 C  CE2  . TRP A 1 37 ? -0.872  3.565   0.870   1.00 6.77  ? 37  TRP A CE2  1 
ATOM   502 C  CE3  . TRP A 1 37 ? 1.476   3.044   0.862   1.00 7.45  ? 37  TRP A CE3  1 
ATOM   503 C  CZ2  . TRP A 1 37 ? -1.175  2.248   1.250   1.00 7.84  ? 37  TRP A CZ2  1 
ATOM   504 C  CZ3  . TRP A 1 37 ? 1.146   1.763   1.243   1.00 8.17  ? 37  TRP A CZ3  1 
ATOM   505 C  CH2  . TRP A 1 37 ? -0.168  1.390   1.449   1.00 8.15  ? 37  TRP A CH2  1 
ATOM   506 H  H    . TRP A 1 37 ? 3.538   7.691   -0.535  1.00 8.85  ? 37  TRP A H    1 
ATOM   507 H  HA   . TRP A 1 37 ? 1.718   7.452   1.415   1.00 7.97  ? 37  TRP A HA   1 
ATOM   508 H  HB2  . TRP A 1 37 ? 1.251   6.860   -0.822  1.00 9.30  ? 37  TRP A HB2  1 
ATOM   509 H  HB3  . TRP A 1 37 ? 2.212   5.632   -0.698  1.00 9.30  ? 37  TRP A HB3  1 
ATOM   510 H  HD1  . TRP A 1 37 ? -1.198  6.533   0.047   1.00 9.53  ? 37  TRP A HD1  1 
ATOM   511 H  HE1  . TRP A 1 37 ? -2.520  4.642   0.682   1.00 9.57  ? 37  TRP A HE1  1 
ATOM   512 H  HE3  . TRP A 1 37 ? 2.367   3.287   0.756   1.00 8.94  ? 37  TRP A HE3  1 
ATOM   513 H  HZ2  . TRP A 1 37 ? -2.057  1.978   1.363   1.00 9.41  ? 37  TRP A HZ2  1 
ATOM   514 H  HZ3  . TRP A 1 37 ? 1.822   1.135   1.363   1.00 9.81  ? 37  TRP A HZ3  1 
ATOM   515 H  HH2  . TRP A 1 37 ? -0.357  0.524   1.731   1.00 9.78  ? 37  TRP A HH2  1 
ATOM   516 N  N    . VAL A 1 38 ? 2.352   5.674   2.980   1.00 5.83  ? 38  VAL A N    1 
ATOM   517 C  CA   . VAL A 1 38 ? 2.763   4.713   3.999   1.00 6.12  ? 38  VAL A CA   1 
ATOM   518 C  C    . VAL A 1 38 ? 1.600   3.803   4.329   1.00 5.55  ? 38  VAL A C    1 
ATOM   519 O  O    . VAL A 1 38 ? 0.441   4.105   4.084   1.00 6.78  ? 38  VAL A O    1 
ATOM   520 C  CB   . VAL A 1 38 ? 3.341   5.369   5.239   1.00 8.07  ? 38  VAL A CB   1 
ATOM   521 C  CG1  . VAL A 1 38 ? 4.593   6.160   4.899   1.00 11.54 ? 38  VAL A CG1  1 
ATOM   522 C  CG2  . VAL A 1 38 ? 2.278   6.161   5.948   1.00 11.17 ? 38  VAL A CG2  1 
ATOM   523 H  H    . VAL A 1 38 ? 1.630   6.120   3.123   1.00 6.99  ? 38  VAL A H    1 
ATOM   524 H  HA   . VAL A 1 38 ? 3.468   4.156   3.608   1.00 7.35  ? 38  VAL A HA   1 
ATOM   525 H  HB   . VAL A 1 38 ? 3.615   4.649   5.845   1.00 9.68  ? 38  VAL A HB   1 
ATOM   526 H  HG11 . VAL A 1 38 ? 5.224   5.587   4.460   1.00 17.32 ? 38  VAL A HG11 1 
ATOM   527 H  HG12 . VAL A 1 38 ? 4.362   6.888   4.317   1.00 17.32 ? 38  VAL A HG12 1 
ATOM   528 H  HG13 . VAL A 1 38 ? 4.981   6.507   5.705   1.00 17.32 ? 38  VAL A HG13 1 
ATOM   529 H  HG21 . VAL A 1 38 ? 1.517   5.599   6.111   1.00 16.75 ? 38  VAL A HG21 1 
ATOM   530 H  HG22 . VAL A 1 38 ? 2.622   6.484   6.783   1.00 16.75 ? 38  VAL A HG22 1 
ATOM   531 H  HG23 . VAL A 1 38 ? 2.014   6.904   5.401   1.00 16.75 ? 38  VAL A HG23 1 
ATOM   532 N  N    . CYS A 1 39 ? 1.886   2.686   4.991   1.00 5.66  ? 39  CYS A N    1 
ATOM   533 C  CA   . CYS A 1 39 ? 0.836   1.779   5.415   1.00 5.16  ? 39  CYS A CA   1 
ATOM   534 C  C    . CYS A 1 39 ? -0.184  2.524   6.240   1.00 5.20  ? 39  CYS A C    1 
ATOM   535 O  O    . CYS A 1 39 ? 0.193   3.128   7.248   1.00 6.56  ? 39  CYS A O    1 
ATOM   536 C  CB   . CYS A 1 39 ? 1.460   0.678   6.263   1.00 5.05  ? 39  CYS A CB   1 
ATOM   537 S  SG   . CYS A 1 39 ? 0.195   -0.509  6.830   1.00 5.32  ? 39  CYS A SG   1 
ATOM   538 H  H    . CYS A 1 39 ? 2.706   2.499   5.171   1.00 6.79  ? 39  CYS A H    1 
ATOM   539 H  HA   . CYS A 1 39 ? 0.402   1.386   4.629   1.00 6.19  ? 39  CYS A HA   1 
ATOM   540 H  HB2  . CYS A 1 39 ? 2.131   0.211   5.741   1.00 6.06  ? 39  CYS A HB2  1 
ATOM   541 H  HB3  . CYS A 1 39 ? 1.900   1.073   7.032   1.00 6.06  ? 39  CYS A HB3  1 
ATOM   542 N  N    . PRO A 1 40 ? -1.479  2.458   5.921   1.00 5.80  ? 40  PRO A N    1 
ATOM   543 C  CA   . PRO A 1 40 ? -2.452  3.225   6.667   1.00 7.31  ? 40  PRO A CA   1 
ATOM   544 C  C    . PRO A 1 40 ? -2.754  2.651   8.025   1.00 7.42  ? 40  PRO A C    1 
ATOM   545 O  O    . PRO A 1 40 ? -3.274  3.345   8.867   1.00 13.25 ? 40  PRO A O    1 
ATOM   546 C  CB   . PRO A 1 40 ? -3.701  3.234   5.779   1.00 11.15 ? 40  PRO A CB   1 
ATOM   547 C  CG   . PRO A 1 40 ? -3.483  2.202   4.822   1.00 12.61 ? 40  PRO A CG   1 
ATOM   548 C  CD   . PRO A 1 40 ? -2.038  1.920   4.684   1.00 7.47  ? 40  PRO A CD   1 
ATOM   549 H  HA   . PRO A 1 40 ? -2.126  4.143   6.771   1.00 8.77  ? 40  PRO A HA   1 
ATOM   550 H  HB2  . PRO A 1 40 ? -4.497  3.053   6.304   1.00 13.38 ? 40  PRO A HB2  1 
ATOM   551 H  HB3  . PRO A 1 40 ? -3.805  4.093   5.341   1.00 13.38 ? 40  PRO A HB3  1 
ATOM   552 H  HG2  . PRO A 1 40 ? -3.947  1.396   5.102   1.00 15.14 ? 40  PRO A HG2  1 
ATOM   553 H  HG3  . PRO A 1 40 ? -3.845  2.474   3.964   1.00 15.14 ? 40  PRO A HG3  1 
ATOM   554 H  HD2  . PRO A 1 40 ? -1.874  0.967   4.611   1.00 8.97  ? 40  PRO A HD2  1 
ATOM   555 H  HD3  . PRO A 1 40 ? -1.667  2.367   3.908   1.00 8.97  ? 40  PRO A HD3  1 
ATOM   556 N  N    . VAL A 1 41 ? -2.427  1.420   8.275   1.00 6.65  ? 41  VAL A N    1 
ATOM   557 C  CA   . VAL A 1 41 ? -2.652  0.786   9.557   1.00 6.58  ? 41  VAL A CA   1 
ATOM   558 C  C    . VAL A 1 41 ? -1.524  1.034   10.522  1.00 6.52  ? 41  VAL A C    1 
ATOM   559 O  O    . VAL A 1 41 ? -1.759  1.210   11.700  1.00 9.66  ? 41  VAL A O    1 
ATOM   560 C  CB   . VAL A 1 41 ? -2.977  -0.707  9.397   1.00 7.15  ? 41  VAL A CB   1 
ATOM   561 C  CG1  . VAL A 1 41 ? -3.040  -1.455  10.716  1.00 9.35  ? 41  VAL A CG1  1 
ATOM   562 C  CG2  . VAL A 1 41 ? -4.284  -0.891  8.631   1.00 9.89  ? 41  VAL A CG2  1 
ATOM   563 H  H    . VAL A 1 41 ? -2.059  0.959   7.649   1.00 7.98  ? 41  VAL A H    1 
ATOM   564 H  HA   . VAL A 1 41 ? -3.448  1.207   9.942   1.00 7.89  ? 41  VAL A HA   1 
ATOM   565 H  HB   . VAL A 1 41 ? -2.261  -1.108  8.861   1.00 8.58  ? 41  VAL A HB   1 
ATOM   566 H  HG11 . VAL A 1 41 ? -2.231  -1.302  11.210  1.00 14.03 ? 41  VAL A HG11 1 
ATOM   567 H  HG12 . VAL A 1 41 ? -3.790  -1.141  11.227  1.00 14.03 ? 41  VAL A HG12 1 
ATOM   568 H  HG13 . VAL A 1 41 ? -3.139  -2.394  10.546  1.00 14.03 ? 41  VAL A HG13 1 
ATOM   569 H  HG21 . VAL A 1 41 ? -4.238  -0.412  7.800   1.00 14.83 ? 41  VAL A HG21 1 
ATOM   570 H  HG22 . VAL A 1 41 ? -4.422  -1.825  8.454   1.00 14.83 ? 41  VAL A HG22 1 
ATOM   571 H  HG23 . VAL A 1 41 ? -5.013  -0.553  9.156   1.00 14.83 ? 41  VAL A HG23 1 
ATOM   572 N  N    . CYS A 1 42 ? -0.266  1.031   10.064  1.00 6.47  ? 42  CYS A N    1 
ATOM   573 C  CA   . CYS A 1 42 ? 0.856   1.069   10.968  1.00 6.29  ? 42  CYS A CA   1 
ATOM   574 C  C    . CYS A 1 42 ? 1.903   2.165   10.700  1.00 6.24  ? 42  CYS A C    1 
ATOM   575 O  O    . CYS A 1 42 ? 2.727   2.386   11.565  1.00 8.13  ? 42  CYS A O    1 
ATOM   576 C  CB   . CYS A 1 42 ? 1.535   -0.276  11.079  1.00 6.47  ? 42  CYS A CB   1 
ATOM   577 S  SG   . CYS A 1 42 ? 2.635   -0.655  9.684   1.00 5.93  ? 42  CYS A SG   1 
ATOM   578 H  H    . CYS A 1 42 ? -0.125  1.006   9.216   1.00 7.77  ? 42  CYS A H    1 
ATOM   579 H  HA   . CYS A 1 42 ? 0.483   1.259   11.854  1.00 7.54  ? 42  CYS A HA   1 
ATOM   580 H  HB2  . CYS A 1 42 ? 2.052   -0.298  11.899  1.00 7.77  ? 42  CYS A HB2  1 
ATOM   581 H  HB3  . CYS A 1 42 ? 0.857   -0.967  11.139  1.00 7.77  ? 42  CYS A HB3  1 
ATOM   582 N  N    . GLY A 1 43 ? 1.891   2.771   9.516   1.00 6.45  ? 43  GLY A N    1 
ATOM   583 C  CA   . GLY A 1 43 ? 2.865   3.799   9.161   1.00 7.26  ? 43  GLY A CA   1 
ATOM   584 C  C    . GLY A 1 43 ? 4.126   3.359   8.498   1.00 6.84  ? 43  GLY A C    1 
ATOM   585 O  O    . GLY A 1 43 ? 4.965   4.210   8.166   1.00 9.30  ? 43  GLY A O    1 
ATOM   586 H  H    . GLY A 1 43 ? 1.291   2.549   8.941   1.00 7.74  ? 43  GLY A H    1 
ATOM   587 H  HA2  . GLY A 1 43 ? 2.426   4.435   8.574   1.00 8.71  ? 43  GLY A HA2  1 
ATOM   588 H  HA3  . GLY A 1 43 ? 3.104   4.276   9.972   1.00 8.71  ? 43  GLY A HA3  1 
ATOM   589 N  N    . ALA A 1 44 ? 4.299   2.075   8.264   1.00 6.84  ? 44  ALA A N    1 
ATOM   590 C  CA   . ALA A 1 44 ? 5.513   1.559   7.673   1.00 7.35  ? 44  ALA A CA   1 
ATOM   591 C  C    . ALA A 1 44 ? 5.685   1.997   6.242   1.00 6.68  ? 44  ALA A C    1 
ATOM   592 O  O    . ALA A 1 44 ? 4.710   2.206   5.521   1.00 7.41  ? 44  ALA A O    1 
ATOM   593 C  CB   . ALA A 1 44 ? 5.452   0.041   7.743   1.00 10.17 ? 44  ALA A CB   1 
ATOM   594 H  H    . ALA A 1 44 ? 3.671   1.526   8.472   1.00 8.21  ? 44  ALA A H    1 
ATOM   595 H  HA   . ALA A 1 44 ? 6.280   1.871   8.196   1.00 8.82  ? 44  ALA A HA   1 
ATOM   596 H  HB1  . ALA A 1 44 ? 5.353   -0.234  8.657   1.00 15.25 ? 44  ALA A HB1  1 
ATOM   597 H  HB2  . ALA A 1 44 ? 4.703   -0.274  7.231   1.00 15.25 ? 44  ALA A HB2  1 
ATOM   598 H  HB3  . ALA A 1 44 ? 6.262   -0.328  7.384   1.00 15.25 ? 44  ALA A HB3  1 
ATOM   599 N  N    A PRO A 1 45 ? 6.956   1.989   5.784   0.72 6.93  ? 45  PRO A N    1 
ATOM   600 N  N    B PRO A 1 45 ? 6.881   2.231   5.742   0.28 7.54  ? 45  PRO A N    1 
ATOM   601 C  CA   A PRO A 1 45 ? 7.267   2.404   4.416   0.72 6.16  ? 45  PRO A CA   1 
ATOM   602 C  CA   B PRO A 1 45 ? 6.950   2.822   4.397   0.28 9.01  ? 45  PRO A CA   1 
ATOM   603 C  C    A PRO A 1 45 ? 6.899   1.354   3.410   0.72 5.55  ? 45  PRO A C    1 
ATOM   604 C  C    B PRO A 1 45 ? 6.684   1.737   3.379   0.28 8.07  ? 45  PRO A C    1 
ATOM   605 O  O    A PRO A 1 45 ? 6.871   0.150   3.723   0.72 5.72  ? 45  PRO A O    1 
ATOM   606 O  O    B PRO A 1 45 ? 6.613   0.535   3.597   0.28 7.98  ? 45  PRO A O    1 
ATOM   607 C  CB   A PRO A 1 45 ? 8.784   2.635   4.453   0.72 7.65  ? 45  PRO A CB   1 
ATOM   608 C  CB   B PRO A 1 45 ? 8.414   3.258   4.394   0.28 10.67 ? 45  PRO A CB   1 
ATOM   609 C  CG   A PRO A 1 45 ? 9.232   1.604   5.470   0.72 8.84  ? 45  PRO A CG   1 
ATOM   610 C  CG   B PRO A 1 45 ? 9.128   2.392   5.339   0.28 11.25 ? 45  PRO A CG   1 
ATOM   611 C  CD   A PRO A 1 45 ? 8.180   1.668   6.582   0.72 9.28  ? 45  PRO A CD   1 
ATOM   612 C  CD   B PRO A 1 45 ? 8.164   1.934   6.400   0.28 9.18  ? 45  PRO A CD   1 
ATOM   613 N  N    A LYS A 1 46 ? 6.720   1.779   2.161   0.72 5.65  ? 46  LYS A N    1 
ATOM   614 N  N    B LYS A 1 46 ? 6.476   2.247   2.190   0.28 9.27  ? 46  LYS A N    1 
ATOM   615 C  CA   A LYS A 1 46 ? 6.455   0.882   1.027   0.72 5.54  ? 46  LYS A CA   1 
ATOM   616 C  CA   B LYS A 1 46 ? 6.131   1.316   1.120   0.28 9.95  ? 46  LYS A CA   1 
ATOM   617 C  C    A LYS A 1 46 ? 7.562   -0.111  0.815   0.72 5.72  ? 46  LYS A C    1 
ATOM   618 C  C    B LYS A 1 46 ? 7.189   0.260   0.890   0.28 8.15  ? 46  LYS A C    1 
ATOM   619 O  O    A LYS A 1 46 ? 7.292   -1.197  0.343   0.72 6.29  ? 46  LYS A O    1 
ATOM   620 O  O    B LYS A 1 46 ? 6.751   -0.792  0.432   0.28 9.24  ? 46  LYS A O    1 
ATOM   621 C  CB   A LYS A 1 46 ? 6.195   1.637   -0.283  0.72 6.40  ? 46  LYS A CB   1 
ATOM   622 C  CB   B LYS A 1 46 ? 6.127   2.142   -0.197  0.28 11.42 ? 46  LYS A CB   1 
ATOM   623 C  CG   A LYS A 1 46 ? 4.911   2.439   -0.160  0.72 7.84  ? 46  LYS A CG   1 
ATOM   624 C  CG   B LYS A 1 46 ? 4.684   2.533   -0.432  0.28 11.13 ? 46  LYS A CG   1 
ATOM   625 C  CD   A LYS A 1 46 ? 4.550   3.191   -1.420  0.72 10.12 ? 46  LYS A CD   1 
ATOM   626 C  CD   B LYS A 1 46 ? 4.424   3.461   -1.575  0.28 10.88 ? 46  LYS A CD   1 
ATOM   627 C  CE   A LYS A 1 46 ? 5.556   4.272   -1.810  0.72 11.82 ? 46  LYS A CE   1 
ATOM   628 C  CE   B LYS A 1 46 ? 5.550   4.451   -1.826  0.28 10.23 ? 46  LYS A CE   1 
ATOM   629 N  NZ   A LYS A 1 46 ? 5.767   5.194   -0.606  0.72 18.50 ? 46  LYS A NZ   1 
ATOM   630 N  NZ   B LYS A 1 46 ? 5.803   5.295   -0.612  0.28 6.16  ? 46  LYS A NZ   1 
ATOM   631 N  N    A SER A 1 47 ? 8.799   0.248   1.195   0.72 5.41  ? 47  SER A N    1 
ATOM   632 N  N    B SER A 1 47 ? 8.464   0.616   1.064   0.28 8.77  ? 47  SER A N    1 
ATOM   633 C  CA   A SER A 1 47 ? 9.907   -0.640  1.030   0.72 5.91  ? 47  SER A CA   1 
ATOM   634 C  CA   B SER A 1 47 ? 9.571   -0.307  0.827   0.28 9.54  ? 47  SER A CA   1 
ATOM   635 C  C    A SER A 1 47 ? 9.770   -1.906  1.872   0.72 5.57  ? 47  SER A C    1 
ATOM   636 C  C    B SER A 1 47 ? 9.487   -1.482  1.745   0.28 8.29  ? 47  SER A C    1 
ATOM   637 O  O    A SER A 1 47 ? 10.491  -2.847  1.620   0.72 8.24  ? 47  SER A O    1 
ATOM   638 O  O    B SER A 1 47 ? 10.236  -2.425  1.554   0.28 12.29 ? 47  SER A O    1 
ATOM   639 C  CB   A SER A 1 47 ? 11.217  0.093   1.356   0.72 7.14  ? 47  SER A CB   1 
ATOM   640 C  CB   B SER A 1 47 ? 10.924  0.420   0.913   0.28 10.58 ? 47  SER A CB   1 
ATOM   641 O  OG   A SER A 1 47 ? 11.194  0.558   2.710   0.72 8.12  ? 47  SER A OG   1 
ATOM   642 O  OG   B SER A 1 47 ? 11.213  0.606   2.274   0.28 12.16 ? 47  SER A OG   1 
ATOM   643 N  N    A GLU A 1 48 ? 8.868   -1.906  2.845   0.72 4.76  ? 48  GLU A N    1 
ATOM   644 N  N    B GLU A 1 48 ? 8.550   -1.482  2.707   0.28 6.93  ? 48  GLU A N    1 
ATOM   645 C  CA   A GLU A 1 48 ? 8.642   -3.073  3.709   0.72 5.10  ? 48  GLU A CA   1 
ATOM   646 C  CA   B GLU A 1 48 ? 8.529   -2.663  3.572   0.28 6.35  ? 48  GLU A CA   1 
ATOM   647 C  C    A GLU A 1 48 ? 7.322   -3.798  3.369   0.72 5.08  ? 48  GLU A C    1 
ATOM   648 C  C    B GLU A 1 48 ? 7.272   -3.507  3.384   0.28 5.84  ? 48  GLU A C    1 
ATOM   649 O  O    A GLU A 1 48 ? 6.856   -4.600  4.154   0.72 6.48  ? 48  GLU A O    1 
ATOM   650 O  O    B GLU A 1 48 ? 6.773   -4.220  4.248   0.28 9.98  ? 48  GLU A O    1 
ATOM   651 C  CB   A GLU A 1 48 ? 8.765   -2.664  5.181   0.72 5.96  ? 48  GLU A CB   1 
ATOM   652 C  CB   B GLU A 1 48 ? 8.553   -2.226  5.063   0.28 8.15  ? 48  GLU A CB   1 
ATOM   653 C  CG   A GLU A 1 48 ? 10.243  -2.226  5.461   0.72 8.53  ? 48  GLU A CG   1 
ATOM   654 C  CG   B GLU A 1 48 ? 10.054  -2.283  5.472   0.28 9.39  ? 48  GLU A CG   1 
ATOM   655 C  CD   A GLU A 1 48 ? 10.480  -1.839  6.864   0.72 7.33  ? 48  GLU A CD   1 
ATOM   656 C  CD   B GLU A 1 48 ? 10.187  -1.986  6.943   0.28 11.73 ? 48  GLU A CD   1 
ATOM   657 O  OE1  A GLU A 1 48 ? 9.466   -1.673  7.633   0.72 14.47 ? 48  GLU A OE1  1 
ATOM   658 O  OE1  B GLU A 1 48 ? 9.120   -1.734  7.535   0.28 10.55 ? 48  GLU A OE1  1 
ATOM   659 O  OE2  A GLU A 1 48 ? 11.573  -1.656  7.308   0.72 12.75 ? 48  GLU A OE2  1 
ATOM   660 O  OE2  B GLU A 1 48 ? 11.312  -2.061  7.470   0.28 14.95 ? 48  GLU A OE2  1 
ATOM   661 N  N    . PHE A 1 49 ? 6.770   -3.521  2.183   1.00 5.59  ? 49  PHE A N    1 
ATOM   662 C  CA   . PHE A 1 49 ? 5.696   -4.341  1.657   1.00 5.22  ? 49  PHE A CA   1 
ATOM   663 C  C    . PHE A 1 49 ? 6.281   -5.394  0.757   1.00 6.10  ? 49  PHE A C    1 
ATOM   664 O  O    . PHE A 1 49 ? 7.286   -5.151  0.102   1.00 10.47 ? 49  PHE A O    1 
ATOM   665 C  CB   . PHE A 1 49 ? 4.685   -3.498  0.856   1.00 5.89  ? 49  PHE A CB   1 
ATOM   666 C  CG   . PHE A 1 49 ? 3.717   -2.741  1.693   1.00 5.25  ? 49  PHE A CG   1 
ATOM   667 C  CD1  . PHE A 1 49 ? 4.137   -1.738  2.540   1.00 6.32  ? 49  PHE A CD1  1 
ATOM   668 C  CD2  . PHE A 1 49 ? 2.346   -3.008  1.625   1.00 6.19  ? 49  PHE A CD2  1 
ATOM   669 C  CE1  . PHE A 1 49 ? 3.199   -1.017  3.257   1.00 7.09  ? 49  PHE A CE1  1 
ATOM   670 C  CE2  . PHE A 1 49 ? 1.432   -2.299  2.340   1.00 6.93  ? 49  PHE A CE2  1 
ATOM   671 C  CZ   . PHE A 1 49 ? 1.861   -1.314  3.154   1.00 6.76  ? 49  PHE A CZ   1 
ATOM   672 H  H    . PHE A 1 49 ? 7.055   -2.849  1.728   1.00 6.70  ? 49  PHE A H    1 
ATOM   673 H  HA   . PHE A 1 49 ? 5.231   -4.777  2.402   1.00 6.26  ? 49  PHE A HA   1 
ATOM   674 H  HB2  . PHE A 1 49 ? 5.173   -2.871  0.301   1.00 7.07  ? 49  PHE A HB2  1 
ATOM   675 H  HB3  . PHE A 1 49 ? 4.189   -4.088  0.266   1.00 7.07  ? 49  PHE A HB3  1 
ATOM   676 H  HD1  . PHE A 1 49 ? 5.043   -1.549  2.628   1.00 7.59  ? 49  PHE A HD1  1 
ATOM   677 H  HD2  . PHE A 1 49 ? 2.050   -3.694  1.071   1.00 7.43  ? 49  PHE A HD2  1 
ATOM   678 H  HE1  . PHE A 1 49 ? 3.476   -0.324  3.812   1.00 8.51  ? 49  PHE A HE1  1 
ATOM   679 H  HE2  . PHE A 1 49 ? 0.525   -2.492  2.269   1.00 8.31  ? 49  PHE A HE2  1 
ATOM   680 H  HZ   . PHE A 1 49 ? 1.243   -0.829  3.653   1.00 8.11  ? 49  PHE A HZ   1 
ATOM   681 N  N    . GLU A 1 50 ? 5.604   -6.517  0.667   1.00 6.13  ? 50  GLU A N    1 
ATOM   682 C  CA   . GLU A 1 50 ? 5.966   -7.565  -0.263  1.00 7.13  ? 50  GLU A CA   1 
ATOM   683 C  C    . GLU A 1 50 ? 4.754   -7.992  -1.024  1.00 5.95  ? 50  GLU A C    1 
ATOM   684 O  O    . GLU A 1 50 ? 3.625   -7.893  -0.595  1.00 7.05  ? 50  GLU A O    1 
ATOM   685 C  CB   . GLU A 1 50 ? 6.630   -8.730  0.443   1.00 8.90  ? 50  GLU A CB   1 
ATOM   686 C  CG   . GLU A 1 50 ? 5.721   -9.500  1.293   1.00 9.34  ? 50  GLU A CG   1 
ATOM   687 C  CD   . GLU A 1 50 ? 6.418   -10.622 2.000   1.00 11.49 ? 50  GLU A CD   1 
ATOM   688 O  OE1  . GLU A 1 50 ? 7.522   -10.948 1.761   1.00 23.73 ? 50  GLU A OE1  1 
ATOM   689 O  OE2  . GLU A 1 50 ? 5.737   -11.306 2.726   1.00 13.68 ? 50  GLU A OE2  1 
ATOM   690 H  H    . GLU A 1 50 ? 4.923   -6.633  1.180   1.00 7.36  ? 50  GLU A H    1 
ATOM   691 H  HA   . GLU A 1 50 ? 6.609   -7.193  -0.902  1.00 8.56  ? 50  GLU A HA   1 
ATOM   692 H  HB2  . GLU A 1 50 ? 7.013   -9.322  -0.223  1.00 10.68 ? 50  GLU A HB2  1 
ATOM   693 H  HB3  . GLU A 1 50 ? 7.357   -8.391  0.989   1.00 10.68 ? 50  GLU A HB3  1 
ATOM   694 H  HG2  . GLU A 1 50 ? 5.321   -8.909  1.951   1.00 11.21 ? 50  GLU A HG2  1 
ATOM   695 H  HG3  . GLU A 1 50 ? 5.006   -9.863  0.747   1.00 11.21 ? 50  GLU A HG3  1 
ATOM   696 N  N    . ALA A 1 51 ? 4.974   -8.521  -2.215  1.00 8.19  ? 51  ALA A N    1 
ATOM   697 C  CA   . ALA A 1 51 ? 3.861   -9.020  -3.021  1.00 9.44  ? 51  ALA A CA   1 
ATOM   698 C  C    . ALA A 1 51 ? 3.151   -10.172 -2.312  1.00 9.27  ? 51  ALA A C    1 
ATOM   699 O  O    . ALA A 1 51 ? 3.777   -11.025 -1.742  1.00 12.15 ? 51  ALA A O    1 
ATOM   700 C  CB   . ALA A 1 51 ? 4.411   -9.471  -4.370  1.00 15.45 ? 51  ALA A CB   1 
ATOM   701 H  H    . ALA A 1 51 ? 5.777   -8.572  -2.518  1.00 9.83  ? 51  ALA A H    1 
ATOM   702 H  HA   . ALA A 1 51 ? 3.222   -8.291  -3.166  1.00 11.32 ? 51  ALA A HA   1 
ATOM   703 H  HB1  . ALA A 1 51 ? 4.881   -8.745  -4.784  1.00 23.18 ? 51  ALA A HB1  1 
ATOM   704 H  HB2  . ALA A 1 51 ? 5.012   -10.208 -4.239  1.00 23.18 ? 51  ALA A HB2  1 
ATOM   705 H  HB3  . ALA A 1 51 ? 3.685   -9.748  -4.935  1.00 23.18 ? 51  ALA A HB3  1 
ATOM   706 N  N    . ALA A 1 52 ? 1.832   -10.143 -2.367  1.00 10.41 ? 52  ALA A N    1 
ATOM   707 C  CA   . ALA A 1 52 ? 0.923   -11.048 -1.605  1.00 11.94 ? 52  ALA A CA   1 
ATOM   708 C  C    . ALA A 1 52 ? -0.022  -11.805 -2.451  1.00 16.13 ? 52  ALA A C    1 
ATOM   709 O  O    . ALA A 1 52 ? 0.076   -11.735 -3.707  1.00 22.06 ? 52  ALA A O    1 
ATOM   710 C  CB   . ALA A 1 52 ? 0.066   -10.150 -0.660  1.00 17.48 ? 52  ALA A CB   1 
ATOM   711 O  OXT  . ALA A 1 52 ? -0.777  -12.596 -1.806  1.00 21.19 ? 52  ALA A OXT  1 
ATOM   712 H  H    . ALA A 1 52 ? 1.468   -9.558  -2.882  1.00 12.49 ? 52  ALA A H    1 
ATOM   713 H  HA   . ALA A 1 52 ? 1.456   -11.673 -1.069  1.00 14.33 ? 52  ALA A HA   1 
ATOM   714 H  HB1  . ALA A 1 52 ? 0.646   -9.647  -0.085  1.00 26.22 ? 52  ALA A HB1  1 
ATOM   715 H  HB2  . ALA A 1 52 ? -0.464  -9.547  -1.186  1.00 26.22 ? 52  ALA A HB2  1 
ATOM   716 H  HB3  . ALA A 1 52 ? -0.511  -10.703 -0.129  1.00 26.22 ? 52  ALA A HB3  1 
HETATM 717 FE FE   . FE2 B 2 .  ? 1.475   -1.850  8.179   1.00 4.97  ? 54  FE2 A FE   1 
HETATM 718 S  S    A SO4 C 3 .  ? 9.023   4.395   0.908   0.49 10.80 ? 56  SO4 A S    1 
HETATM 719 S  S    B SO4 C 3 .  ? 8.858   4.423   0.835   0.21 8.52  ? 56  SO4 A S    1 
HETATM 720 O  O1   A SO4 C 3 .  ? 9.581   3.013   0.889   0.49 10.87 ? 56  SO4 A O1   1 
HETATM 721 O  O1   B SO4 C 3 .  ? 9.571   3.167   1.142   0.21 7.79  ? 56  SO4 A O1   1 
HETATM 722 O  O2   A SO4 C 3 .  ? 8.967   5.019   -0.434  0.49 19.04 ? 56  SO4 A O2   1 
HETATM 723 O  O2   B SO4 C 3 .  ? 8.479   4.511   -0.610  0.21 12.48 ? 56  SO4 A O2   1 
HETATM 724 O  O3   A SO4 C 3 .  ? 7.624   4.375   1.389   0.49 9.82  ? 56  SO4 A O3   1 
HETATM 725 O  O3   B SO4 C 3 .  ? 7.616   4.506   1.626   0.21 8.79  ? 56  SO4 A O3   1 
HETATM 726 O  O4   A SO4 C 3 .  ? 9.810   5.184   1.880   0.49 18.30 ? 56  SO4 A O4   1 
HETATM 727 O  O4   B SO4 C 3 .  ? 9.704   5.543   1.243   0.21 10.33 ? 56  SO4 A O4   1 
HETATM 728 O  O    . HOH D 4 .  ? -6.186  -1.262  -0.132  1.00 9.64  ? 57  HOH A O    1 
HETATM 729 O  O    . HOH D 4 .  ? 7.738   -9.594  9.105   1.00 10.05 ? 58  HOH A O    1 
HETATM 730 O  O    . HOH D 4 .  ? -0.580  -3.528  -7.624  1.00 11.63 ? 59  HOH A O    1 
HETATM 731 O  O    . HOH D 4 .  ? 13.400  -0.840  3.487   1.00 11.31 ? 60  HOH A O    1 
HETATM 732 O  O    . HOH D 4 .  ? 3.127   3.347   -13.704 1.00 13.04 ? 61  HOH A O    1 
HETATM 733 O  O    . HOH D 4 .  ? -11.655 4.622   -9.455  1.00 13.63 ? 62  HOH A O    1 
HETATM 734 O  O    . HOH D 4 .  ? -2.368  2.180   -11.532 1.00 16.58 ? 63  HOH A O    1 
HETATM 735 O  O    . HOH D 4 .  ? -6.964  -6.845  -6.241  1.00 17.56 ? 64  HOH A O    1 
HETATM 736 O  O    . HOH D 4 .  ? -5.688  5.145   -10.654 1.00 16.90 ? 65  HOH A O    1 
HETATM 737 O  O    . HOH D 4 .  ? -3.694  11.895  -4.887  1.00 18.25 ? 66  HOH A O    1 
HETATM 738 O  O    . HOH D 4 .  ? 5.052   1.933   -4.621  1.00 18.47 ? 67  HOH A O    1 
HETATM 739 O  O    . HOH D 4 .  ? -0.230  -13.504 0.760   1.00 16.40 ? 68  HOH A O    1 
HETATM 740 O  O    . HOH D 4 .  ? -7.097  -4.203  2.580   1.00 31.87 ? 69  HOH A O    1 
HETATM 741 O  O    . HOH D 4 .  ? 1.963   -2.628  -8.643  1.00 23.41 ? 70  HOH A O    1 
HETATM 742 O  O    . HOH D 4 .  ? 6.393   -11.964 -2.015  1.00 22.81 ? 71  HOH A O    1 
HETATM 743 O  O    . HOH D 4 .  ? -6.619  4.685   4.796   1.00 21.30 ? 72  HOH A O    1 
HETATM 744 O  O    . HOH D 4 .  ? -8.841  0.743   1.011   1.00 20.70 ? 73  HOH A O    1 
HETATM 745 O  O    . HOH D 4 .  ? -5.742  -5.669  5.169   1.00 20.92 ? 74  HOH A O    1 
HETATM 746 O  O    . HOH D 4 .  ? -2.361  -10.251 6.456   1.00 33.86 ? 75  HOH A O    1 
HETATM 747 O  O    . HOH D 4 .  ? 7.766   -8.386  -3.198  1.00 22.88 ? 76  HOH A O    1 
HETATM 748 O  O    . HOH D 4 .  ? -12.484 1.311   -2.167  1.00 22.31 ? 77  HOH A O    1 
HETATM 749 O  O    . HOH D 4 .  ? -10.148 5.173   2.627   1.00 19.87 ? 78  HOH A O    1 
HETATM 750 O  O    . HOH D 4 .  ? 10.445  -6.942  5.139   1.00 19.64 ? 79  HOH A O    1 
HETATM 751 O  O    . HOH D 4 .  ? 1.149   6.324   10.787  1.00 22.49 ? 80  HOH A O    1 
HETATM 752 O  O    . HOH D 4 .  ? -0.455  5.566   8.636   1.00 26.39 ? 81  HOH A O    1 
HETATM 753 O  O    . HOH D 4 .  ? 4.866   4.207   -5.763  1.00 26.63 ? 82  HOH A O    1 
HETATM 754 O  O    . HOH D 4 .  ? 5.422   9.702   4.287   1.00 28.87 ? 83  HOH A O    1 
HETATM 755 O  O    . HOH D 4 .  ? 10.200  4.883   7.371   1.00 31.86 ? 84  HOH A O    1 
HETATM 756 O  O    . HOH D 4 .  ? 9.243   6.346   -2.478  1.00 33.89 ? 85  HOH A O    1 
HETATM 757 O  O    . HOH D 4 .  ? 7.429   5.239   6.961   0.50 15.61 ? 86  HOH A O    1 
HETATM 758 O  O    . HOH D 4 .  ? 0.306   9.554   0.232   0.50 16.27 ? 87  HOH A O    1 
HETATM 759 O  O    . HOH D 4 .  ? 1.683   12.755  -2.107  0.50 13.01 ? 88  HOH A O    1 
HETATM 760 O  O    . HOH D 4 .  ? -5.297  -4.420  8.314   0.50 27.43 ? 89  HOH A O    1 
HETATM 761 O  O    . HOH D 4 .  ? -8.537  -2.494  1.274   0.50 19.44 ? 90  HOH A O    1 
HETATM 762 O  O    . HOH D 4 .  ? -5.017  7.280   -7.347  0.50 23.08 ? 91  HOH A O    1 
HETATM 763 O  O    . HOH D 4 .  ? -5.248  6.569   6.605   0.50 24.57 ? 92  HOH A O    1 
HETATM 764 O  O    . HOH D 4 .  ? -0.624  6.632   3.711   0.50 18.97 ? 93  HOH A O    1 
HETATM 765 O  O    . HOH D 4 .  ? 6.663   -3.466  -6.776  0.50 23.20 ? 94  HOH A O    1 
HETATM 766 O  O    . HOH D 4 .  ? 8.195   6.285   4.162   0.50 21.61 ? 95  HOH A O    1 
HETATM 767 O  O    . HOH D 4 .  ? 6.778   6.831   2.368   0.50 13.91 ? 96  HOH A O    1 
HETATM 768 O  O    . HOH D 4 .  ? -3.365  -12.290 -0.061  0.50 28.31 ? 97  HOH A O    1 
HETATM 769 O  O    . HOH D 4 .  ? -2.762  11.504  2.986   0.50 28.65 ? 98  HOH A O    1 
HETATM 770 O  O    . HOH D 4 .  ? -6.770  1.176   2.732   0.50 13.59 ? 99  HOH A O    1 
HETATM 771 O  O    . HOH D 4 .  ? -0.476  -4.829  -10.176 0.50 25.99 ? 100 HOH A O    1 
HETATM 772 O  O    . HOH D 4 .  ? -1.171  -6.441  13.102  0.50 20.82 ? 101 HOH A O    1 
HETATM 773 O  O    . HOH D 4 .  ? 6.954   0.444   -6.034  0.50 21.77 ? 102 HOH A O    1 
HETATM 774 O  O    . HOH D 4 .  ? 10.640  2.148   -1.547  0.50 26.11 ? 103 HOH A O    1 
HETATM 775 O  O    . HOH D 4 .  ? 0.014   7.775   3.112   0.50 19.20 ? 104 HOH A O    1 
HETATM 776 O  O    . HOH D 4 .  ? -4.212  5.670   8.901   0.50 27.18 ? 105 HOH A O    1 
HETATM 777 O  O    . HOH D 4 .  ? -9.326  -6.587  0.100   0.50 27.09 ? 106 HOH A O    1 
HETATM 778 O  O    . HOH D 4 .  ? 4.668   6.408   11.248  0.50 28.02 ? 107 HOH A O    1 
HETATM 779 O  O    . HOH D 4 .  ? 10.039  -5.124  0.173   0.50 28.60 ? 108 HOH A O    1 
HETATM 780 O  O    . HOH D 4 .  ? -3.379  -8.317  -11.528 0.50 30.80 ? 109 HOH A O    1 
HETATM 781 O  O    . HOH D 4 .  ? 5.131   6.924   8.847   0.50 19.18 ? 110 HOH A O    1 
HETATM 782 O  O    . HOH D 4 .  ? 3.399   -4.544  -9.037  0.50 28.04 ? 111 HOH A O    1 
HETATM 783 O  O    . HOH D 4 .  ? -13.775 -0.441  -4.841  0.50 26.30 ? 112 HOH A O    1 
HETATM 784 O  O    . HOH D 4 .  ? 3.275   9.676   7.419   0.50 31.11 ? 113 HOH A O    1 
HETATM 785 O  O    . HOH D 4 .  ? 1.634   10.218  3.537   0.50 33.94 ? 114 HOH A O    1 
HETATM 786 O  O    . HOH D 4 .  ? -3.400  -5.536  9.773   0.50 29.42 ? 115 HOH A O    1 
HETATM 787 O  O    . HOH D 4 .  ? -6.065  10.214  6.053   0.50 30.28 ? 116 HOH A O    1 
HETATM 788 O  O    . HOH D 4 .  ? 8.727   -12.937 -1.010  0.50 26.01 ? 117 HOH A O    1 
HETATM 789 O  O    . HOH D 4 .  ? -4.495  -1.690  -11.015 0.50 28.32 ? 118 HOH A O    1 
HETATM 790 O  O    . HOH D 4 .  ? -6.531  1.794   -12.958 0.50 28.39 ? 119 HOH A O    1 
HETATM 791 O  O    . HOH D 4 .  ? -1.851  5.594   3.684   0.50 21.23 ? 120 HOH A O    1 
HETATM 792 O  O    . HOH D 4 .  ? -8.587  -1.428  5.532   0.50 47.83 ? 121 HOH A O    1 
HETATM 793 O  O    . HOH D 4 .  ? 0.880   13.843  0.767   0.50 53.17 ? 122 HOH A O    1 
HETATM 794 O  O    . HOH D 4 .  ? -0.413  8.966   2.415   0.50 22.85 ? 123 HOH A O    1 
HETATM 795 O  O    . HOH D 4 .  ? -3.204  -11.783 6.366   0.50 46.22 ? 124 HOH A O    1 
HETATM 796 O  O    . HOH D 4 .  ? 6.768   5.092   2.308   0.30 17.18 ? 125 HOH A O    1 
HETATM 797 O  O    . HOH D 4 .  ? 9.439   3.313   0.799   0.30 13.31 ? 126 HOH A O    1 
HETATM 798 O  O    . HOH D 4 .  ? 12.855  -7.909  6.132   0.50 17.45 ? 127 HOH A O    1 
HETATM 799 O  O    . HOH D 4 .  ? 0.326   15.343  -1.583  0.50 33.25 ? 128 HOH A O    1 
HETATM 800 O  O    . HOH D 4 .  ? 9.886   -8.208  2.499   0.50 35.54 ? 129 HOH A O    1 
HETATM 801 O  O    . HOH D 4 .  ? -8.809  4.936   2.631   0.50 16.52 ? 130 HOH A O    1 
HETATM 802 O  O    . HOH D 4 .  ? -14.556 2.952   -2.687  0.50 29.11 ? 131 HOH A O    1 
HETATM 803 O  O    . HOH D 4 .  ? 8.332   -2.550  -1.876  0.50 33.98 ? 132 HOH A O    1 
HETATM 804 O  O    . HOH D 4 .  ? -10.375 8.598   -13.641 0.50 26.28 ? 133 HOH A O    1 
HETATM 805 O  O    . HOH D 4 .  ? 1.187   -2.524  -11.925 0.50 32.17 ? 134 HOH A O    1 
HETATM 806 O  O    . HOH D 4 .  ? -4.272  -4.931  12.155  0.50 31.36 ? 135 HOH A O    1 
HETATM 807 O  O    . HOH D 4 .  ? -0.188  -11.826 -7.876  0.50 34.90 ? 136 HOH A O    1 
HETATM 808 O  O    . HOH D 4 .  ? -7.090  -10.618 -1.186  0.50 32.40 ? 137 HOH A O    1 
HETATM 809 O  O    . HOH D 4 .  ? 1.794   9.808   6.323   0.50 38.92 ? 138 HOH A O    1 
HETATM 810 O  O    . HOH D 4 .  ? 3.275   7.626   10.776  0.50 29.43 ? 139 HOH A O    1 
HETATM 811 O  O    . HOH D 4 .  ? 0.967   8.568   8.670   0.50 29.90 ? 140 HOH A O    1 
HETATM 812 O  O    . HOH D 4 .  ? -10.828 -1.488  1.653   0.50 33.63 ? 141 HOH A O    1 
HETATM 813 O  O    . HOH D 4 .  ? -15.882 1.893   -2.392  0.50 30.60 ? 142 HOH A O    1 
HETATM 814 O  O    . HOH D 4 .  ? -8.847  3.091   2.897   0.50 33.32 ? 143 HOH A O    1 
HETATM 815 O  O    . HOH D 4 .  ? -1.608  7.051   6.201   0.50 27.87 ? 144 HOH A O    1 
HETATM 816 O  O    . HOH D 4 .  ? 9.616   -8.534  -1.126  0.50 38.71 ? 145 HOH A O    1 
HETATM 817 O  O    . HOH D 4 .  ? 9.336   3.622   -2.683  0.50 30.88 ? 146 HOH A O    1 
HETATM 818 O  O    . HOH D 4 .  ? 5.194   8.938   7.154   0.50 42.02 ? 147 HOH A O    1 
HETATM 819 O  O    . HOH D 4 .  ? 10.100  -10.051 1.124   0.40 38.46 ? 148 HOH A O    1 
HETATM 820 O  O    . HOH D 4 .  ? -7.246  -6.941  1.555   0.40 33.53 ? 149 HOH A O    1 
# 
loop_
_atom_site_anisotrop.id 
_atom_site_anisotrop.type_symbol 
_atom_site_anisotrop.pdbx_label_atom_id 
_atom_site_anisotrop.pdbx_label_alt_id 
_atom_site_anisotrop.pdbx_label_comp_id 
_atom_site_anisotrop.pdbx_label_asym_id 
_atom_site_anisotrop.pdbx_label_seq_id 
_atom_site_anisotrop.pdbx_PDB_ins_code 
_atom_site_anisotrop.U[1][1] 
_atom_site_anisotrop.U[2][2] 
_atom_site_anisotrop.U[3][3] 
_atom_site_anisotrop.U[1][2] 
_atom_site_anisotrop.U[1][3] 
_atom_site_anisotrop.U[2][3] 
_atom_site_anisotrop.pdbx_auth_seq_id 
_atom_site_anisotrop.pdbx_auth_comp_id 
_atom_site_anisotrop.pdbx_auth_asym_id 
_atom_site_anisotrop.pdbx_auth_atom_id 
1   N  N    . FME A 1  ? 0.2027 0.3056 0.1499 -0.0033 -0.0188 0.0672  1   FME A N    
2   C  CN   . FME A 1  ? 0.2812 0.3233 0.1729 -0.0335 0.0336  0.0903  1   FME A CN   
3   O  O1   . FME A 1  ? 0.4434 0.2948 0.2099 -0.0850 0.1305  0.0651  1   FME A O1   
4   C  CA   . FME A 1  ? 0.1672 0.2620 0.1096 -0.0286 -0.0475 0.0516  1   FME A CA   
5   C  CB   . FME A 1  ? 0.1418 0.2153 0.1868 0.0008  -0.0410 -0.0155 1   FME A CB   
6   C  CG   A FME A 1  ? 0.1443 0.2529 0.1059 0.0180  -0.0029 -0.0169 1   FME A CG   
7   C  CG   B FME A 1  ? 0.1875 0.2711 0.1493 0.0153  -0.0857 -0.0376 1   FME A CG   
8   S  SD   A FME A 1  ? 0.1373 0.1622 0.0879 -0.0211 -0.0131 -0.0112 1   FME A SD   
9   S  SD   B FME A 1  ? 0.4884 0.2631 0.4359 0.0239  -0.1584 0.0734  1   FME A SD   
10  C  CE   A FME A 1  ? 0.2783 0.2156 0.2858 0.0351  -0.0606 0.0820  1   FME A CE   
11  C  CE   B FME A 1  ? 0.4264 0.1004 0.1603 -0.0921 -0.1267 0.0030  1   FME A CE   
12  C  C    A FME A 1  ? 0.1625 0.1740 0.1012 -0.0376 -0.0404 0.0090  1   FME A C    
13  C  C    B FME A 1  ? 0.1711 0.2064 0.1300 -0.0454 -0.0461 0.0268  1   FME A C    
14  O  O    A FME A 1  ? 0.1904 0.1852 0.1240 -0.0356 -0.0304 0.0508  1   FME A O    
15  O  O    B FME A 1  ? 0.2781 0.2122 0.1838 -0.0804 -0.0792 0.0463  1   FME A O    
16  N  N    . LYS A 2  ? 0.1652 0.1564 0.0997 -0.0102 -0.0469 -0.0090 2   LYS A N    
17  C  CA   . LYS A 2  ? 0.2190 0.1307 0.1257 0.0062  -0.0669 -0.0216 2   LYS A CA   
18  C  C    . LYS A 2  ? 0.1771 0.0908 0.1096 -0.0049 -0.0757 -0.0109 2   LYS A C    
19  O  O    . LYS A 2  ? 0.1792 0.1013 0.1173 -0.0062 -0.0378 -0.0049 2   LYS A O    
20  C  CB   . LYS A 2  ? 0.2001 0.2396 0.1991 0.0811  -0.0714 -0.1002 2   LYS A CB   
21  C  CG   . LYS A 2  ? 0.2864 0.3120 0.2339 0.1063  -0.0901 -0.0750 2   LYS A CG   
22  C  CD   . LYS A 2  ? 0.5452 0.2755 0.3069 0.1023  -0.0687 -0.0373 2   LYS A CD   
23  C  CE   . LYS A 2  ? 0.5057 0.3186 0.3341 0.0448  -0.0786 -0.0288 2   LYS A CE   
24  N  NZ   . LYS A 2  ? 0.4819 0.0559 0.3133 -0.0139 -0.1721 -0.0575 2   LYS A NZ   
25  H  H    . LYS A 2  ? 0.1684 0.1684 0.1684 0.0000  0.0000  0.0000  2   LYS A H    
26  H  HA   . LYS A 2  ? 0.1901 0.1901 0.1901 0.0000  0.0000  0.0000  2   LYS A HA   
27  H  HB2  . LYS A 2  ? 0.2556 0.2556 0.2556 0.0000  0.0000  0.0000  2   LYS A HB2  
28  H  HB3  . LYS A 2  ? 0.2556 0.2556 0.2556 0.0000  0.0000  0.0000  2   LYS A HB3  
29  H  HG2  . LYS A 2  ? 0.3328 0.3328 0.3328 0.0000  0.0000  0.0000  2   LYS A HG2  
30  H  HG3  . LYS A 2  ? 0.3328 0.3328 0.3328 0.0000  0.0000  0.0000  2   LYS A HG3  
31  N  N    . LYS A 3  ? 0.2537 0.0804 0.1288 -0.0246 -0.1073 -0.0051 3   LYS A N    
32  C  CA   . LYS A 3  ? 0.1495 0.0824 0.1191 -0.0269 -0.0766 0.0020  3   LYS A CA   
33  C  C    . LYS A 3  ? 0.1377 0.0697 0.0882 -0.0209 -0.0449 0.0036  3   LYS A C    
34  O  O    . LYS A 3  ? 0.1574 0.0812 0.1030 0.0079  -0.0488 -0.0216 3   LYS A O    
35  C  CB   A LYS A 3  ? 0.1485 0.1140 0.1966 -0.0150 -0.0757 0.0366  3   LYS A CB   
36  C  CB   B LYS A 3  ? 0.1655 0.1291 0.2035 -0.0594 -0.0756 0.0410  3   LYS A CB   
37  C  CG   A LYS A 3  ? 0.1611 0.1022 0.2848 -0.0334 -0.1298 0.0350  3   LYS A CG   
38  C  CG   B LYS A 3  ? 0.1598 0.1871 0.2918 -0.0602 -0.0691 0.0313  3   LYS A CG   
39  C  CD   A LYS A 3  ? 0.1785 0.1322 0.3693 -0.0627 -0.1287 0.0377  3   LYS A CD   
40  C  CD   B LYS A 3  ? 0.1805 0.2357 0.2875 -0.0852 -0.0751 0.0409  3   LYS A CD   
41  C  CE   A LYS A 3  ? 0.1615 0.1334 0.4485 -0.0724 -0.1340 0.0727  3   LYS A CE   
42  C  CE   B LYS A 3  ? 0.3074 0.2689 0.2846 -0.1494 -0.0381 0.0017  3   LYS A CE   
43  N  NZ   A LYS A 3  ? 0.1835 0.1242 0.5003 -0.0288 -0.1909 0.0227  3   LYS A NZ   
44  N  NZ   B LYS A 3  ? 0.3189 0.2709 0.2867 -0.1161 -0.0176 0.0637  3   LYS A NZ   
45  H  H    . LYS A 3  ? 0.1852 0.1852 0.1852 0.0000  0.0000  0.0000  3   LYS A H    
46  H  HA   . LYS A 3  ? 0.1405 0.1405 0.1405 0.0000  0.0000  0.0000  3   LYS A HA   
47  N  N    . TYR A 4  ? 0.1039 0.0720 0.0718 -0.0044 -0.0338 0.0020  4   TYR A N    
48  C  CA   . TYR A 4  ? 0.1009 0.0662 0.0636 -0.0052 -0.0275 -0.0021 4   TYR A CA   
49  C  C    . TYR A 4  ? 0.0848 0.0694 0.0649 -0.0042 -0.0221 -0.0005 4   TYR A C    
50  O  O    . TYR A 4  ? 0.1190 0.1761 0.0768 0.0672  -0.0036 0.0195  4   TYR A O    
51  C  CB   . TYR A 4  ? 0.1107 0.0785 0.0675 -0.0102 -0.0223 -0.0030 4   TYR A CB   
52  C  CG   . TYR A 4  ? 0.1295 0.0541 0.0841 -0.0028 -0.0092 0.0106  4   TYR A CG   
53  C  CD1  . TYR A 4  ? 0.1783 0.0837 0.0721 -0.0058 -0.0180 0.0090  4   TYR A CD1  
54  C  CD2  . TYR A 4  ? 0.1409 0.1186 0.1287 0.0123  0.0199  0.0445  4   TYR A CD2  
55  C  CE1  . TYR A 4  ? 0.2867 0.1263 0.0779 -0.0011 0.0160  0.0125  4   TYR A CE1  
56  C  CE2  . TYR A 4  ? 0.1975 0.1527 0.1990 0.0246  0.0744  0.0631  4   TYR A CE2  
57  C  CZ   . TYR A 4  ? 0.2878 0.1515 0.1317 0.0201  0.0868  0.0124  4   TYR A CZ   
58  O  OH   . TYR A 4  ? 0.4608 0.2435 0.1966 0.0563  0.1840  0.0184  4   TYR A OH   
59  H  H    . TYR A 4  ? 0.0990 0.0990 0.0990 0.0000  0.0000  0.0000  4   TYR A H    
60  H  HA   . TYR A 4  ? 0.0922 0.0922 0.0922 0.0000  0.0000  0.0000  4   TYR A HA   
61  H  HB2  . TYR A 4  ? 0.1026 0.1026 0.1026 0.0000  0.0000  0.0000  4   TYR A HB2  
62  H  HB3  . TYR A 4  ? 0.1026 0.1026 0.1026 0.0000  0.0000  0.0000  4   TYR A HB3  
63  H  HD1  . TYR A 4  ? 0.1336 0.1336 0.1336 0.0000  0.0000  0.0000  4   TYR A HD1  
64  H  HD2  . TYR A 4  ? 0.1553 0.1553 0.1553 0.0000  0.0000  0.0000  4   TYR A HD2  
65  H  HE1  . TYR A 4  ? 0.1963 0.1963 0.1963 0.0000  0.0000  0.0000  4   TYR A HE1  
66  H  HE2  . TYR A 4  ? 0.2197 0.2197 0.2197 0.0000  0.0000  0.0000  4   TYR A HE2  
67  H  HH   . TYR A 4  ? 0.4505 0.4505 0.4505 0.0000  0.0000  0.0000  4   TYR A HH   
68  N  N    . VAL A 5  ? 0.0862 0.0702 0.0553 0.0063  -0.0167 -0.0028 5   VAL A N    
69  C  CA   . VAL A 5  ? 0.0806 0.0697 0.0499 -0.0038 -0.0110 -0.0019 5   VAL A CA   
70  C  C    . VAL A 5  ? 0.0757 0.0548 0.0483 -0.0025 -0.0100 0.0085  5   VAL A C    
71  O  O    . VAL A 5  ? 0.0729 0.0854 0.0612 -0.0015 0.0007  -0.0093 5   VAL A O    
72  C  CB   . VAL A 5  ? 0.1284 0.0773 0.0860 -0.0283 -0.0156 0.0056  5   VAL A CB   
73  C  CG1  . VAL A 5  ? 0.1909 0.0822 0.1517 0.0109  -0.0007 0.0149  5   VAL A CG1  
74  C  CG2  . VAL A 5  ? 0.2179 0.1024 0.0958 -0.0385 0.0047  0.0223  5   VAL A CG2  
75  H  H    . VAL A 5  ? 0.0847 0.0847 0.0847 0.0000  0.0000  0.0000  5   VAL A H    
76  H  HA   . VAL A 5  ? 0.0800 0.0800 0.0800 0.0000  0.0000  0.0000  5   VAL A HA   
77  H  HB   . VAL A 5  ? 0.1166 0.1166 0.1166 0.0000  0.0000  0.0000  5   VAL A HB   
78  H  HG11 . VAL A 5  ? 0.2124 0.2124 0.2124 0.0000  0.0000  0.0000  5   VAL A HG11 
79  H  HG12 . VAL A 5  ? 0.2124 0.2124 0.2124 0.0000  0.0000  0.0000  5   VAL A HG12 
80  H  HG13 . VAL A 5  ? 0.2124 0.2124 0.2124 0.0000  0.0000  0.0000  5   VAL A HG13 
81  H  HG21 . VAL A 5  ? 0.2081 0.2081 0.2081 0.0000  0.0000  0.0000  5   VAL A HG21 
82  H  HG22 . VAL A 5  ? 0.2081 0.2081 0.2081 0.0000  0.0000  0.0000  5   VAL A HG22 
83  H  HG23 . VAL A 5  ? 0.2081 0.2081 0.2081 0.0000  0.0000  0.0000  5   VAL A HG23 
84  N  N    . CYS A 6  ? 0.0616 0.0642 0.0501 0.0004  -0.0126 -0.0011 6   CYS A N    
85  C  CA   . CYS A 6  ? 0.0598 0.0557 0.0483 -0.0033 -0.0107 0.0077  6   CYS A CA   
86  C  C    . CYS A 6  ? 0.0661 0.0530 0.0435 0.0017  -0.0114 -0.0008 6   CYS A C    
87  O  O    . CYS A 6  ? 0.0792 0.0699 0.0671 -0.0051 -0.0074 0.0184  6   CYS A O    
88  C  CB   . CYS A 6  ? 0.0674 0.0606 0.0549 0.0043  -0.0126 0.0022  6   CYS A CB   
89  S  SG   . CYS A 6  ? 0.0752 0.0596 0.0573 0.0035  -0.0113 -0.0029 6   CYS A SG   
90  H  H    . CYS A 6  ? 0.0704 0.0704 0.0704 0.0000  0.0000  0.0000  6   CYS A H    
91  H  HA   . CYS A 6  ? 0.0656 0.0656 0.0656 0.0000  0.0000  0.0000  6   CYS A HA   
92  H  HB2  . CYS A 6  ? 0.0731 0.0731 0.0731 0.0000  0.0000  0.0000  6   CYS A HB2  
93  H  HB3  . CYS A 6  ? 0.0731 0.0731 0.0731 0.0000  0.0000  0.0000  6   CYS A HB3  
94  N  N    . THR A 7  ? 0.0679 0.0602 0.0481 0.0036  -0.0089 0.0064  7   THR A N    
95  C  CA   . THR A 7  ? 0.0751 0.0557 0.0567 0.0084  -0.0130 0.0043  7   THR A CA   
96  C  C    . THR A 7  ? 0.0690 0.0609 0.0528 0.0060  -0.0133 0.0106  7   THR A C    
97  O  O    . THR A 7  ? 0.1092 0.0697 0.0653 0.0207  -0.0276 0.0031  7   THR A O    
98  C  CB   . THR A 7  ? 0.0939 0.0788 0.0680 0.0240  -0.0084 0.0048  7   THR A CB   
99  O  OG1  . THR A 7  ? 0.0731 0.1204 0.0810 0.0114  -0.0034 0.0144  7   THR A OG1  
100 C  CG2  . THR A 7  ? 0.1320 0.1029 0.0812 0.0322  0.0020  -0.0130 7   THR A CG2  
101 H  H    . THR A 7  ? 0.0704 0.0704 0.0704 0.0000  0.0000  0.0000  7   THR A H    
102 H  HA   . THR A 7  ? 0.0750 0.0750 0.0750 0.0000  0.0000  0.0000  7   THR A HA   
103 H  HB   . THR A 7  ? 0.0963 0.0963 0.0963 0.0000  0.0000  0.0000  7   THR A HB   
104 H  HG1  . THR A 7  ? 0.1372 0.1372 0.1372 0.0000  0.0000  0.0000  7   THR A HG1  
105 H  HG21 . THR A 7  ? 0.1581 0.1581 0.1581 0.0000  0.0000  0.0000  7   THR A HG21 
106 H  HG22 . THR A 7  ? 0.1581 0.1581 0.1581 0.0000  0.0000  0.0000  7   THR A HG22 
107 H  HG23 . THR A 7  ? 0.1581 0.1581 0.1581 0.0000  0.0000  0.0000  7   THR A HG23 
108 N  N    . VAL A 8  ? 0.0759 0.0616 0.0494 0.0130  -0.0133 0.0027  8   VAL A N    
109 C  CA   . VAL A 8  ? 0.0753 0.0706 0.0494 0.0144  -0.0145 0.0034  8   VAL A CA   
110 C  C    . VAL A 8  ? 0.0857 0.0635 0.0503 0.0120  -0.0094 0.0011  8   VAL A C    
111 O  O    . VAL A 8  ? 0.1100 0.1210 0.0631 0.0219  -0.0089 0.0314  8   VAL A O    
112 C  CB   . VAL A 8  ? 0.0774 0.0661 0.0587 0.0101  -0.0161 -0.0030 8   VAL A CB   
113 C  CG1  . VAL A 8  ? 0.1382 0.0937 0.0739 -0.0036 -0.0161 -0.0164 8   VAL A CG1  
114 C  CG2  . VAL A 8  ? 0.0832 0.0855 0.1084 0.0037  -0.0164 -0.0040 8   VAL A CG2  
115 H  H    . VAL A 8  ? 0.0747 0.0747 0.0747 0.0000  0.0000  0.0000  8   VAL A H    
116 H  HA   . VAL A 8  ? 0.0780 0.0780 0.0780 0.0000  0.0000  0.0000  8   VAL A HA   
117 H  HB   . VAL A 8  ? 0.0808 0.0808 0.0808 0.0000  0.0000  0.0000  8   VAL A HB   
118 H  HG11 . VAL A 8  ? 0.1529 0.1529 0.1529 0.0000  0.0000  0.0000  8   VAL A HG11 
119 H  HG12 . VAL A 8  ? 0.1529 0.1529 0.1529 0.0000  0.0000  0.0000  8   VAL A HG12 
120 H  HG13 . VAL A 8  ? 0.1529 0.1529 0.1529 0.0000  0.0000  0.0000  8   VAL A HG13 
121 H  HG21 . VAL A 8  ? 0.1386 0.1386 0.1386 0.0000  0.0000  0.0000  8   VAL A HG21 
122 H  HG22 . VAL A 8  ? 0.1386 0.1386 0.1386 0.0000  0.0000  0.0000  8   VAL A HG22 
123 H  HG23 . VAL A 8  ? 0.1386 0.1386 0.1386 0.0000  0.0000  0.0000  8   VAL A HG23 
124 N  N    . CYS A 9  ? 0.0813 0.0756 0.0516 -0.0024 -0.0100 0.0156  9   CYS A N    
125 C  CA   . CYS A 9  ? 0.0821 0.0777 0.0472 0.0032  -0.0003 0.0144  9   CYS A CA   
126 C  C    . CYS A 9  ? 0.0907 0.0687 0.0621 -0.0046 -0.0024 0.0149  9   CYS A C    
127 O  O    . CYS A 9  ? 0.1076 0.1146 0.0848 -0.0292 0.0198  0.0052  9   CYS A O    
128 C  CB   . CYS A 9  ? 0.0928 0.0820 0.0558 -0.0049 -0.0024 0.0046  9   CYS A CB   
129 S  SG   . CYS A 9  ? 0.0841 0.0718 0.0722 -0.0004 -0.0082 0.0121  9   CYS A SG   
130 H  H    . CYS A 9  ? 0.0835 0.0835 0.0835 0.0000  0.0000  0.0000  9   CYS A H    
131 H  HA   . CYS A 9  ? 0.0828 0.0828 0.0828 0.0000  0.0000  0.0000  9   CYS A HA   
132 H  HB2  . CYS A 9  ? 0.0922 0.0922 0.0922 0.0000  0.0000  0.0000  9   CYS A HB2  
133 H  HB3  . CYS A 9  ? 0.0922 0.0922 0.0922 0.0000  0.0000  0.0000  9   CYS A HB3  
134 N  N    . GLY A 10 ? 0.0857 0.0657 0.0612 -0.0041 -0.0029 0.0121  10  GLY A N    
135 C  CA   . GLY A 10 ? 0.1000 0.0657 0.0797 -0.0113 -0.0138 0.0099  10  GLY A CA   
136 C  C    . GLY A 10 ? 0.0923 0.0751 0.0707 -0.0153 -0.0088 0.0052  10  GLY A C    
137 O  O    . GLY A 10 ? 0.1258 0.0857 0.1105 -0.0218 -0.0391 0.0102  10  GLY A O    
138 H  H    . GLY A 10 ? 0.0851 0.0851 0.0851 0.0000  0.0000  0.0000  10  GLY A H    
139 H  HA2  . GLY A 10 ? 0.0982 0.0982 0.0982 0.0000  0.0000  0.0000  10  GLY A HA2  
140 H  HA3  . GLY A 10 ? 0.0982 0.0982 0.0982 0.0000  0.0000  0.0000  10  GLY A HA3  
141 N  N    . TYR A 11 ? 0.0877 0.0716 0.0719 -0.0072 -0.0181 0.0078  11  TYR A N    
142 C  CA   . TYR A 11 ? 0.0766 0.0887 0.0717 -0.0039 -0.0159 0.0131  11  TYR A CA   
143 C  C    . TYR A 11 ? 0.0625 0.0678 0.0740 -0.0080 -0.0091 0.0110  11  TYR A C    
144 O  O    . TYR A 11 ? 0.0724 0.1083 0.0819 -0.0035 -0.0141 -0.0053 11  TYR A O    
145 C  CB   . TYR A 11 ? 0.0891 0.0861 0.0824 0.0068  -0.0162 0.0069  11  TYR A CB   
146 C  CG   . TYR A 11 ? 0.0936 0.0822 0.0822 0.0075  -0.0162 -0.0015 11  TYR A CG   
147 C  CD1  . TYR A 11 ? 0.1020 0.1230 0.0899 0.0274  -0.0110 0.0043  11  TYR A CD1  
148 C  CD2  . TYR A 11 ? 0.1051 0.0872 0.0922 -0.0015 -0.0055 0.0030  11  TYR A CD2  
149 C  CE1  . TYR A 11 ? 0.1237 0.1255 0.1242 0.0510  -0.0213 0.0056  11  TYR A CE1  
150 C  CE2  . TYR A 11 ? 0.1523 0.0794 0.0957 -0.0071 -0.0188 0.0061  11  TYR A CE2  
151 C  CZ   . TYR A 11 ? 0.1663 0.0891 0.0943 0.0161  -0.0367 0.0074  11  TYR A CZ   
152 O  OH   . TYR A 11 ? 0.2578 0.1195 0.1165 0.0301  -0.0834 0.0170  11  TYR A OH   
153 H  H    . TYR A 11 ? 0.0925 0.0925 0.0925 0.0000  0.0000  0.0000  11  TYR A H    
154 H  HA   . TYR A 11 ? 0.0949 0.0949 0.0949 0.0000  0.0000  0.0000  11  TYR A HA   
155 H  HB2  . TYR A 11 ? 0.1030 0.1030 0.1030 0.0000  0.0000  0.0000  11  TYR A HB2  
156 H  HB3  . TYR A 11 ? 0.1030 0.1030 0.1030 0.0000  0.0000  0.0000  11  TYR A HB3  
157 H  HD1  . TYR A 11 ? 0.1259 0.1259 0.1259 0.0000  0.0000  0.0000  11  TYR A HD1  
158 H  HD2  . TYR A 11 ? 0.1137 0.1137 0.1137 0.0000  0.0000  0.0000  11  TYR A HD2  
159 H  HE1  . TYR A 11 ? 0.1493 0.1493 0.1493 0.0000  0.0000  0.0000  11  TYR A HE1  
160 H  HE2  . TYR A 11 ? 0.1310 0.1310 0.1310 0.0000  0.0000  0.0000  11  TYR A HE2  
161 H  HH   . TYR A 11 ? 0.2470 0.2470 0.2470 0.0000  0.0000  0.0000  11  TYR A HH   
162 N  N    . GLU A 12 ? 0.0650 0.0951 0.0696 -0.0141 -0.0131 0.0129  12  GLU A N    
163 C  CA   . GLU A 12 ? 0.0805 0.0901 0.0750 -0.0055 -0.0173 0.0137  12  GLU A CA   
164 C  C    . GLU A 12 ? 0.0768 0.1082 0.0636 -0.0032 -0.0201 0.0105  12  GLU A C    
165 O  O    . GLU A 12 ? 0.0725 0.1617 0.1147 0.0171  -0.0061 0.0367  12  GLU A O    
166 C  CB   A GLU A 12 ? 0.1756 0.0921 0.1498 -0.0116 -0.0652 -0.0241 12  GLU A CB   
167 C  CB   B GLU A 12 ? 0.1355 0.1148 0.0868 -0.0369 -0.0206 0.0088  12  GLU A CB   
168 C  CG   A GLU A 12 ? 0.3000 0.0926 0.1984 0.0040  -0.0739 -0.0079 12  GLU A CG   
169 C  CG   B GLU A 12 ? 0.3405 0.1462 0.0866 -0.0669 -0.0072 -0.0154 12  GLU A CG   
170 C  CD   A GLU A 12 ? 0.5334 0.1105 0.3360 -0.0521 -0.1515 -0.0354 12  GLU A CD   
171 C  CD   B GLU A 12 ? 0.3381 0.1510 0.1817 -0.0918 -0.0057 -0.0241 12  GLU A CD   
172 O  OE1  A GLU A 12 ? 0.4875 0.2137 0.3933 -0.1626 -0.1471 -0.0031 12  GLU A OE1  
173 O  OE1  B GLU A 12 ? 0.3223 0.2721 0.2723 -0.1019 -0.0778 -0.0213 12  GLU A OE1  
174 O  OE2  A GLU A 12 ? 0.7345 0.1198 0.6452 -0.0544 -0.2567 0.0303  12  GLU A OE2  
175 O  OE2  B GLU A 12 ? 0.3436 0.1558 0.4834 -0.0770 -0.0488 -0.0461 12  GLU A OE2  
176 H  H    . GLU A 12 ? 0.0918 0.0918 0.0918 0.0000  0.0000  0.0000  12  GLU A H    
177 H  HA   . GLU A 12 ? 0.0983 0.0983 0.0983 0.0000  0.0000  0.0000  12  GLU A HA   
178 N  N    . TYR A 13 ? 0.0729 0.0924 0.0665 0.0004  -0.0218 0.0146  13  TYR A N    
179 C  CA   . TYR A 13 ? 0.0766 0.0858 0.0667 -0.0004 -0.0225 0.0101  13  TYR A CA   
180 C  C    . TYR A 13 ? 0.0937 0.0744 0.0642 0.0013  -0.0191 0.0131  13  TYR A C    
181 O  O    . TYR A 13 ? 0.1114 0.0937 0.0914 0.0147  -0.0339 -0.0036 13  TYR A O    
182 C  CB   . TYR A 13 ? 0.0866 0.0981 0.0784 -0.0130 -0.0230 0.0106  13  TYR A CB   
183 C  CG   . TYR A 13 ? 0.0841 0.0839 0.0749 -0.0201 -0.0141 0.0095  13  TYR A CG   
184 C  CD1  . TYR A 13 ? 0.1148 0.0861 0.0650 -0.0125 -0.0075 0.0030  13  TYR A CD1  
185 C  CD2  . TYR A 13 ? 0.0903 0.0746 0.0855 -0.0062 -0.0039 0.0079  13  TYR A CD2  
186 C  CE1  . TYR A 13 ? 0.1369 0.0711 0.0793 -0.0031 0.0004  -0.0020 13  TYR A CE1  
187 C  CE2  . TYR A 13 ? 0.0954 0.0804 0.0683 -0.0087 -0.0051 0.0045  13  TYR A CE2  
188 C  CZ   . TYR A 13 ? 0.0984 0.0502 0.0765 -0.0197 -0.0101 0.0007  13  TYR A CZ   
189 O  OH   . TYR A 13 ? 0.1382 0.0799 0.0825 0.0153  -0.0010 0.0168  13  TYR A OH   
190 H  H    . TYR A 13 ? 0.0927 0.0927 0.0927 0.0000  0.0000  0.0000  13  TYR A H    
191 H  HA   . TYR A 13 ? 0.0916 0.0916 0.0916 0.0000  0.0000  0.0000  13  TYR A HA   
192 H  HB2  . TYR A 13 ? 0.1052 0.1052 0.1052 0.0000  0.0000  0.0000  13  TYR A HB2  
193 H  HB3  . TYR A 13 ? 0.1052 0.1052 0.1052 0.0000  0.0000  0.0000  13  TYR A HB3  
194 H  HD1  . TYR A 13 ? 0.1064 0.1064 0.1064 0.0000  0.0000  0.0000  13  TYR A HD1  
195 H  HD2  . TYR A 13 ? 0.1002 0.1002 0.1002 0.0000  0.0000  0.0000  13  TYR A HD2  
196 H  HE1  . TYR A 13 ? 0.1150 0.1150 0.1150 0.0000  0.0000  0.0000  13  TYR A HE1  
197 H  HE2  . TYR A 13 ? 0.0976 0.0976 0.0976 0.0000  0.0000  0.0000  13  TYR A HE2  
198 H  HH   . TYR A 13 ? 0.1502 0.1502 0.1502 0.0000  0.0000  0.0000  13  TYR A HH   
199 N  N    . ASP A 14 ? 0.0795 0.0777 0.0723 -0.0039 -0.0284 0.0015  14  ASP A N    
200 C  CA   . ASP A 14 ? 0.0935 0.0655 0.0767 -0.0085 -0.0276 0.0040  14  ASP A CA   
201 C  C    . ASP A 14 ? 0.0776 0.0696 0.0701 -0.0184 -0.0222 0.0020  14  ASP A C    
202 O  O    . ASP A 14 ? 0.0970 0.0778 0.0729 -0.0023 -0.0247 0.0026  14  ASP A O    
203 C  CB   . ASP A 14 ? 0.1003 0.0852 0.0935 -0.0243 -0.0256 0.0133  14  ASP A CB   
204 C  CG   . ASP A 14 ? 0.1225 0.0690 0.0958 -0.0354 -0.0217 0.0107  14  ASP A CG   
205 O  OD1  . ASP A 14 ? 0.1478 0.1054 0.1061 -0.0456 -0.0327 -0.0033 14  ASP A OD1  
206 O  OD2  . ASP A 14 ? 0.1305 0.1214 0.1507 -0.0568 -0.0099 -0.0173 14  ASP A OD2  
207 H  H    . ASP A 14 ? 0.0918 0.0918 0.0918 0.0000  0.0000  0.0000  14  ASP A H    
208 H  HA   . ASP A 14 ? 0.0942 0.0942 0.0942 0.0000  0.0000  0.0000  14  ASP A HA   
209 H  HB2  . ASP A 14 ? 0.1116 0.1116 0.1116 0.0000  0.0000  0.0000  14  ASP A HB2  
210 H  HB3  . ASP A 14 ? 0.1116 0.1116 0.1116 0.0000  0.0000  0.0000  14  ASP A HB3  
211 N  N    . PRO A 15 ? 0.0786 0.0551 0.0754 -0.0113 -0.0200 -0.0063 15  PRO A N    
212 C  CA   . PRO A 15 ? 0.1037 0.0673 0.0763 -0.0155 -0.0098 0.0099  15  PRO A CA   
213 C  C    . PRO A 15 ? 0.1101 0.0719 0.0733 -0.0098 -0.0229 0.0090  15  PRO A C    
214 O  O    . PRO A 15 ? 0.1288 0.0803 0.1322 -0.0106 -0.0305 0.0394  15  PRO A O    
215 C  CB   A PRO A 15 ? 0.1224 0.0967 0.0955 -0.0084 0.0021  0.0081  15  PRO A CB   
216 C  CB   B PRO A 15 ? 0.1305 0.1080 0.0950 -0.0015 0.0181  0.0286  15  PRO A CB   
217 C  CG   A PRO A 15 ? 0.1077 0.1174 0.0920 0.0017  -0.0061 -0.0008 15  PRO A CG   
218 C  CG   B PRO A 15 ? 0.1150 0.0996 0.0851 0.0112  -0.0102 -0.0170 15  PRO A CG   
219 C  CD   A PRO A 15 ? 0.0992 0.0891 0.0943 0.0043  -0.0101 -0.0033 15  PRO A CD   
220 C  CD   B PRO A 15 ? 0.1298 0.1093 0.0875 0.0277  0.0193  0.0209  15  PRO A CD   
221 H  HA   . PRO A 15 ? 0.0989 0.0989 0.0989 0.0000  0.0000  0.0000  15  PRO A HA   
222 N  N    . ALA A 16 ? 0.1025 0.0680 0.0764 -0.0131 -0.0306 0.0040  16  ALA A N    
223 C  CA   . ALA A 16 ? 0.1105 0.0811 0.0776 -0.0081 -0.0447 0.0033  16  ALA A CA   
224 C  C    . ALA A 16 ? 0.0984 0.0889 0.0828 -0.0122 -0.0378 0.0036  16  ALA A C    
225 O  O    . ALA A 16 ? 0.1306 0.1398 0.1107 0.0314  -0.0568 -0.0215 16  ALA A O    
226 C  CB   . ALA A 16 ? 0.1177 0.0941 0.1413 -0.0247 -0.0487 -0.0123 16  ALA A CB   
227 H  H    . ALA A 16 ? 0.0988 0.0988 0.0988 0.0000  0.0000  0.0000  16  ALA A H    
228 H  HA   . ALA A 16 ? 0.1077 0.1077 0.1077 0.0000  0.0000  0.0000  16  ALA A HA   
229 H  HB1  . ALA A 16 ? 0.1766 0.1766 0.1766 0.0000  0.0000  0.0000  16  ALA A HB1  
230 H  HB2  . ALA A 16 ? 0.1766 0.1766 0.1766 0.0000  0.0000  0.0000  16  ALA A HB2  
231 H  HB3  . ALA A 16 ? 0.1766 0.1766 0.1766 0.0000  0.0000  0.0000  16  ALA A HB3  
232 N  N    . GLU A 17 ? 0.0895 0.0915 0.0836 -0.0065 -0.0251 0.0068  17  GLU A N    
233 C  CA   . GLU A 17 ? 0.0942 0.1157 0.0911 -0.0047 -0.0125 -0.0105 17  GLU A CA   
234 C  C    . GLU A 17 ? 0.1035 0.0988 0.0839 -0.0047 -0.0162 0.0009  17  GLU A C    
235 O  O    . GLU A 17 ? 0.1158 0.1056 0.1349 0.0115  -0.0039 -0.0043 17  GLU A O    
236 C  CB   A GLU A 17 ? 0.1219 0.1301 0.0967 -0.0198 -0.0055 0.0153  17  GLU A CB   
237 C  CB   B GLU A 17 ? 0.2779 0.0957 0.0971 -0.0187 0.0385  -0.0017 17  GLU A CB   
238 C  CG   A GLU A 17 ? 0.1513 0.1664 0.1812 -0.0434 0.0264  0.0134  17  GLU A CG   
239 C  CG   B GLU A 17 ? 0.2645 0.1648 0.1520 -0.0463 0.0459  0.0146  17  GLU A CG   
240 C  CD   A GLU A 17 ? 0.2854 0.1547 0.2160 -0.0207 0.1165  0.0362  17  GLU A CD   
241 C  CD   B GLU A 17 ? 0.2787 0.1808 0.1971 -0.0236 0.0615  0.0055  17  GLU A CD   
242 O  OE1  A GLU A 17 ? 0.3908 0.2662 0.1497 0.0719  0.0692  0.0546  17  GLU A OE1  
243 O  OE1  B GLU A 17 ? 0.3212 0.2471 0.3575 -0.0341 -0.0657 0.0535  17  GLU A OE1  
244 O  OE2  A GLU A 17 ? 0.4021 0.2160 0.4366 -0.0779 0.1987  0.0654  17  GLU A OE2  
245 O  OE2  B GLU A 17 ? 0.2647 0.2123 0.4943 -0.0451 0.0897  0.0571  17  GLU A OE2  
246 H  H    . GLU A 17 ? 0.1059 0.1059 0.1059 0.0000  0.0000  0.0000  17  GLU A H    
247 H  HA   . GLU A 17 ? 0.1203 0.1203 0.1203 0.0000  0.0000  0.0000  17  GLU A HA   
248 N  N    . GLY A 18 ? 0.0995 0.0782 0.0988 -0.0094 -0.0021 -0.0028 18  GLY A N    
249 C  CA   . GLY A 18 ? 0.1043 0.0722 0.0932 -0.0042 -0.0119 0.0013  18  GLY A CA   
250 C  C    . GLY A 18 ? 0.0814 0.0690 0.0837 0.0076  -0.0072 0.0064  18  GLY A C    
251 O  O    . GLY A 18 ? 0.1296 0.0701 0.0960 0.0108  -0.0087 0.0140  18  GLY A O    
252 H  H    . GLY A 18 ? 0.1106 0.1106 0.1106 0.0000  0.0000  0.0000  18  GLY A H    
253 H  HA2  . GLY A 18 ? 0.1078 0.1078 0.1078 0.0000  0.0000  0.0000  18  GLY A HA2  
254 H  HA3  . GLY A 18 ? 0.1078 0.1078 0.1078 0.0000  0.0000  0.0000  18  GLY A HA3  
255 N  N    . ASP A 19 ? 0.0964 0.0622 0.0775 0.0068  -0.0063 0.0048  19  ASP A N    
256 C  CA   . ASP A 19 ? 0.0826 0.0718 0.0755 0.0123  -0.0011 0.0076  19  ASP A CA   
257 C  C    . ASP A 19 ? 0.0801 0.0728 0.0695 0.0053  -0.0029 0.0014  19  ASP A C    
258 O  O    . ASP A 19 ? 0.0752 0.0683 0.0964 0.0050  -0.0088 -0.0055 19  ASP A O    
259 C  CB   . ASP A 19 ? 0.0913 0.0819 0.0826 0.0227  -0.0083 0.0001  19  ASP A CB   
260 C  CG   . ASP A 19 ? 0.0925 0.1207 0.0870 0.0292  -0.0159 -0.0012 19  ASP A CG   
261 O  OD1  . ASP A 19 ? 0.1280 0.3379 0.0913 0.0066  0.0059  -0.0152 19  ASP A OD1  
262 O  OD2  . ASP A 19 ? 0.1168 0.1362 0.1174 0.0121  -0.0310 -0.0139 19  ASP A OD2  
263 H  H    . ASP A 19 ? 0.0945 0.0945 0.0945 0.0000  0.0000  0.0000  19  ASP A H    
264 H  HA   . ASP A 19 ? 0.0919 0.0919 0.0919 0.0000  0.0000  0.0000  19  ASP A HA   
265 H  HB2  . ASP A 19 ? 0.1023 0.1023 0.1023 0.0000  0.0000  0.0000  19  ASP A HB2  
266 H  HB3  . ASP A 19 ? 0.1023 0.1023 0.1023 0.0000  0.0000  0.0000  19  ASP A HB3  
267 N  N    . PRO A 20 ? 0.0721 0.0749 0.0820 0.0069  -0.0049 0.0086  20  PRO A N    
268 C  CA   . PRO A 20 ? 0.0746 0.0697 0.0793 0.0100  -0.0037 0.0153  20  PRO A CA   
269 C  C    . PRO A 20 ? 0.0747 0.0797 0.0843 0.0168  -0.0102 0.0099  20  PRO A C    
270 O  O    . PRO A 20 ? 0.0977 0.0691 0.1023 0.0175  -0.0185 0.0118  20  PRO A O    
271 C  CB   . PRO A 20 ? 0.0761 0.0971 0.1090 0.0035  -0.0089 0.0270  20  PRO A CB   
272 C  CG   . PRO A 20 ? 0.0764 0.1108 0.1042 -0.0054 -0.0021 0.0154  20  PRO A CG   
273 C  CD   . PRO A 20 ? 0.0837 0.0821 0.1016 -0.0068 -0.0006 0.0106  20  PRO A CD   
274 H  HA   . PRO A 20 ? 0.0894 0.0894 0.0894 0.0000  0.0000  0.0000  20  PRO A HA   
275 H  HB2  . PRO A 20 ? 0.1128 0.1128 0.1128 0.0000  0.0000  0.0000  20  PRO A HB2  
276 H  HB3  . PRO A 20 ? 0.1128 0.1128 0.1128 0.0000  0.0000  0.0000  20  PRO A HB3  
277 H  HG2  . PRO A 20 ? 0.1165 0.1165 0.1165 0.0000  0.0000  0.0000  20  PRO A HG2  
278 H  HG3  . PRO A 20 ? 0.1165 0.1165 0.1165 0.0000  0.0000  0.0000  20  PRO A HG3  
279 H  HD2  . PRO A 20 ? 0.1069 0.1069 0.1069 0.0000  0.0000  0.0000  20  PRO A HD2  
280 H  HD3  . PRO A 20 ? 0.1069 0.1069 0.1069 0.0000  0.0000  0.0000  20  PRO A HD3  
281 N  N    . ASP A 21 ? 0.1121 0.0825 0.0816 0.0220  -0.0116 0.0002  21  ASP A N    
282 C  CA   . ASP A 21 ? 0.1351 0.1126 0.0904 0.0276  -0.0186 -0.0229 21  ASP A CA   
283 C  C    . ASP A 21 ? 0.1290 0.1245 0.1297 0.0456  -0.0460 -0.0467 21  ASP A C    
284 O  O    . ASP A 21 ? 0.1410 0.1959 0.3141 0.0206  -0.0325 -0.1730 21  ASP A O    
285 C  CB   A ASP A 21 ? 0.1795 0.1807 0.0902 0.0506  -0.0009 -0.0219 21  ASP A CB   
286 C  CB   B ASP A 21 ? 0.2758 0.1465 0.0772 0.0741  -0.0280 -0.0217 21  ASP A CB   
287 C  CG   A ASP A 21 ? 0.1265 0.1860 0.1272 0.0027  0.0079  0.0207  21  ASP A CG   
288 C  CG   B ASP A 21 ? 0.3302 0.1766 0.0470 0.0275  -0.0087 0.0049  21  ASP A CG   
289 O  OD1  A ASP A 21 ? 0.2036 0.2748 0.1892 0.0913  0.0311  0.0642  21  ASP A OD1  
290 O  OD1  B ASP A 21 ? 0.2560 0.2546 0.1558 -0.1039 -0.0272 0.0849  21  ASP A OD1  
291 O  OD2  A ASP A 21 ? 0.2331 0.2904 0.1165 -0.0073 0.0155  0.0442  21  ASP A OD2  
292 O  OD2  B ASP A 21 ? 0.5414 0.2903 0.1467 0.0166  0.0279  0.1051  21  ASP A OD2  
293 H  H    . ASP A 21 ? 0.1104 0.1104 0.1104 0.0000  0.0000  0.0000  21  ASP A H    
294 H  HA   . ASP A 21 ? 0.1353 0.1353 0.1353 0.0000  0.0000  0.0000  21  ASP A HA   
295 N  N    . ASN A 22 ? 0.1090 0.0947 0.1042 0.0238  -0.0344 -0.0171 22  ASN A N    
296 C  CA   . ASN A 22 ? 0.1148 0.1069 0.1371 0.0247  -0.0440 -0.0378 22  ASN A CA   
297 C  C    . ASN A 22 ? 0.0944 0.0923 0.1581 0.0003  -0.0163 -0.0365 22  ASN A C    
298 O  O    . ASN A 22 ? 0.1072 0.1479 0.1861 -0.0090 -0.0095 -0.0265 22  ASN A O    
299 C  CB   . ASN A 22 ? 0.1143 0.1419 0.2057 0.0340  -0.0661 -0.0172 22  ASN A CB   
300 C  CG   . ASN A 22 ? 0.1869 0.1973 0.2031 0.0536  -0.1311 -0.0429 22  ASN A CG   
301 O  OD1  . ASN A 22 ? 0.3272 0.2312 0.2770 0.0474  -0.1928 -0.0773 22  ASN A OD1  
302 N  ND2  . ASN A 22 ? 0.3619 0.2231 0.1715 0.0367  -0.1375 -0.0093 22  ASN A ND2  
303 H  H    . ASN A 22 ? 0.1232 0.1232 0.1232 0.0000  0.0000  0.0000  22  ASN A H    
304 H  HA   . ASN A 22 ? 0.1435 0.1435 0.1435 0.0000  0.0000  0.0000  22  ASN A HA   
305 H  HB2  . ASN A 22 ? 0.1848 0.1848 0.1848 0.0000  0.0000  0.0000  22  ASN A HB2  
306 H  HB3  . ASN A 22 ? 0.1848 0.1848 0.1848 0.0000  0.0000  0.0000  22  ASN A HB3  
307 H  HD21 . ASN A 22 ? 0.3026 0.3026 0.3026 0.0000  0.0000  0.0000  22  ASN A HD21 
308 H  HD22 . ASN A 22 ? 0.3026 0.3026 0.3026 0.0000  0.0000  0.0000  22  ASN A HD22 
309 N  N    . GLY A 23 ? 0.1054 0.0735 0.1096 -0.0007 0.0000  -0.0096 23  GLY A N    
310 C  CA   . GLY A 23 ? 0.1330 0.0676 0.1341 0.0041  0.0093  -0.0050 23  GLY A CA   
311 C  C    . GLY A 23 ? 0.0888 0.0741 0.1022 -0.0006 -0.0083 0.0071  23  GLY A C    
312 O  O    . GLY A 23 ? 0.1254 0.0797 0.1202 0.0007  0.0062  0.0165  23  GLY A O    
313 H  H    . GLY A 23 ? 0.1154 0.1154 0.1154 0.0000  0.0000  0.0000  23  GLY A H    
314 H  HA2  . GLY A 23 ? 0.1339 0.1339 0.1339 0.0000  0.0000  0.0000  23  GLY A HA2  
315 H  HA3  . GLY A 23 ? 0.1339 0.1339 0.1339 0.0000  0.0000  0.0000  23  GLY A HA3  
316 N  N    . VAL A 24 ? 0.0863 0.0620 0.0912 -0.0044 -0.0048 -0.0020 24  VAL A N    
317 C  CA   . VAL A 24 ? 0.0825 0.0691 0.0783 -0.0062 -0.0089 0.0041  24  VAL A CA   
318 C  C    . VAL A 24 ? 0.0810 0.0630 0.0812 -0.0038 -0.0129 0.0092  24  VAL A C    
319 O  O    . VAL A 24 ? 0.0866 0.0870 0.0902 -0.0134 -0.0154 0.0181  24  VAL A O    
320 C  CB   . VAL A 24 ? 0.0782 0.0797 0.0951 0.0045  -0.0110 -0.0097 24  VAL A CB   
321 C  CG1  . VAL A 24 ? 0.1085 0.0825 0.1498 0.0152  -0.0299 -0.0279 24  VAL A CG1  
322 C  CG2  . VAL A 24 ? 0.0899 0.1091 0.1316 0.0056  -0.0329 -0.0226 24  VAL A CG2  
323 H  H    . VAL A 24 ? 0.0957 0.0957 0.0957 0.0000  0.0000  0.0000  24  VAL A H    
324 H  HA   . VAL A 24 ? 0.0919 0.0919 0.0919 0.0000  0.0000  0.0000  24  VAL A HA   
325 H  HB   . VAL A 24 ? 0.1012 0.1012 0.1012 0.0000  0.0000  0.0000  24  VAL A HB   
326 H  HG11 . VAL A 24 ? 0.1703 0.1703 0.1703 0.0000  0.0000  0.0000  24  VAL A HG11 
327 H  HG12 . VAL A 24 ? 0.1703 0.1703 0.1703 0.0000  0.0000  0.0000  24  VAL A HG12 
328 H  HG13 . VAL A 24 ? 0.1703 0.1703 0.1703 0.0000  0.0000  0.0000  24  VAL A HG13 
329 H  HG21 . VAL A 24 ? 0.1653 0.1653 0.1653 0.0000  0.0000  0.0000  24  VAL A HG21 
330 H  HG22 . VAL A 24 ? 0.1653 0.1653 0.1653 0.0000  0.0000  0.0000  24  VAL A HG22 
331 H  HG23 . VAL A 24 ? 0.1653 0.1653 0.1653 0.0000  0.0000  0.0000  24  VAL A HG23 
332 N  N    . LYS A 25 ? 0.0943 0.0793 0.0803 -0.0109 -0.0180 0.0144  25  LYS A N    
333 C  CA   . LYS A 25 ? 0.0893 0.0852 0.0849 -0.0031 -0.0181 0.0054  25  LYS A CA   
334 C  C    . LYS A 25 ? 0.0899 0.0810 0.0782 -0.0018 -0.0260 0.0166  25  LYS A C    
335 O  O    . LYS A 25 ? 0.0791 0.0793 0.0988 -0.0001 -0.0169 0.0075  25  LYS A O    
336 C  CB   . LYS A 25 ? 0.1293 0.0898 0.1044 -0.0029 -0.0260 0.0201  25  LYS A CB   
337 C  CG   . LYS A 25 ? 0.1346 0.1203 0.1002 0.0020  -0.0164 0.0235  25  LYS A CG   
338 C  CD   A LYS A 25 ? 0.1143 0.1732 0.1137 -0.0295 -0.0301 0.0603  25  LYS A CD   
339 C  CD   B LYS A 25 ? 0.1947 0.1755 0.0877 0.0034  -0.0321 0.0280  25  LYS A CD   
340 C  CE   A LYS A 25 ? 0.1447 0.2056 0.1249 -0.0247 -0.0270 0.0552  25  LYS A CE   
341 C  CE   B LYS A 25 ? 0.1707 0.1525 0.1129 -0.0547 -0.0346 0.0379  25  LYS A CE   
342 N  NZ   A LYS A 25 ? 0.1307 0.1876 0.1575 -0.0274 -0.0050 0.0284  25  LYS A NZ   
343 N  NZ   B LYS A 25 ? 0.2188 0.0975 0.0914 -0.0285 -0.0382 0.0106  25  LYS A NZ   
344 H  H    . LYS A 25 ? 0.1016 0.1016 0.1016 0.0000  0.0000  0.0000  25  LYS A H    
345 H  HA   . LYS A 25 ? 0.1037 0.1037 0.1037 0.0000  0.0000  0.0000  25  LYS A HA   
346 H  HB2  . LYS A 25 ? 0.1294 0.1294 0.1294 0.0000  0.0000  0.0000  25  LYS A HB2  
347 H  HB3  . LYS A 25 ? 0.1294 0.1294 0.1294 0.0000  0.0000  0.0000  25  LYS A HB3  
348 N  N    . PRO A 26 ? 0.0811 0.0876 0.1075 -0.0077 -0.0153 0.0156  26  PRO A N    
349 C  CA   . PRO A 26 ? 0.0865 0.0795 0.1154 -0.0061 -0.0217 0.0170  26  PRO A CA   
350 C  C    . PRO A 26 ? 0.0853 0.0487 0.1197 -0.0090 -0.0467 0.0000  26  PRO A C    
351 O  O    . PRO A 26 ? 0.1232 0.1001 0.1104 0.0153  -0.0337 0.0173  26  PRO A O    
352 C  CB   . PRO A 26 ? 0.0939 0.1008 0.1974 -0.0172 -0.0127 0.0143  26  PRO A CB   
353 C  CG   . PRO A 26 ? 0.1063 0.1420 0.2059 -0.0082 0.0177  0.0145  26  PRO A CG   
354 C  CD   . PRO A 26 ? 0.0858 0.1177 0.1377 -0.0040 -0.0025 -0.0028 26  PRO A CD   
355 H  HA   . PRO A 26 ? 0.1126 0.1126 0.1126 0.0000  0.0000  0.0000  26  PRO A HA   
356 H  HB2  . PRO A 26 ? 0.1568 0.1568 0.1568 0.0000  0.0000  0.0000  26  PRO A HB2  
357 H  HB3  . PRO A 26 ? 0.1568 0.1568 0.1568 0.0000  0.0000  0.0000  26  PRO A HB3  
358 H  HG2  . PRO A 26 ? 0.1817 0.1817 0.1817 0.0000  0.0000  0.0000  26  PRO A HG2  
359 H  HG3  . PRO A 26 ? 0.1817 0.1817 0.1817 0.0000  0.0000  0.0000  26  PRO A HG3  
360 H  HD2  . PRO A 26 ? 0.1365 0.1365 0.1365 0.0000  0.0000  0.0000  26  PRO A HD2  
361 H  HD3  . PRO A 26 ? 0.1365 0.1365 0.1365 0.0000  0.0000  0.0000  26  PRO A HD3  
362 N  N    . GLY A 27 ? 0.1016 0.0815 0.1078 -0.0040 -0.0318 -0.0015 27  GLY A N    
363 C  CA   . GLY A 27 ? 0.1138 0.0908 0.1248 0.0111  -0.0536 -0.0195 27  GLY A CA   
364 C  C    . GLY A 27 ? 0.1223 0.1071 0.0970 -0.0009 -0.0108 -0.0191 27  GLY A C    
365 O  O    . GLY A 27 ? 0.1668 0.2606 0.1598 -0.0276 -0.0066 -0.0997 27  GLY A O    
366 H  H    . GLY A 27 ? 0.1164 0.1164 0.1164 0.0000  0.0000  0.0000  27  GLY A H    
367 H  HA2  . GLY A 27 ? 0.1317 0.1317 0.1317 0.0000  0.0000  0.0000  27  GLY A HA2  
368 H  HA3  . GLY A 27 ? 0.1317 0.1317 0.1317 0.0000  0.0000  0.0000  27  GLY A HA3  
369 N  N    . THR A 28 ? 0.0909 0.1220 0.0777 0.0031  -0.0220 -0.0032 28  THR A N    
370 C  CA   . THR A 28 ? 0.0963 0.0991 0.0720 0.0029  -0.0104 0.0140  28  THR A CA   
371 C  C    . THR A 28 ? 0.0874 0.0855 0.0687 -0.0039 -0.0116 0.0080  28  THR A C    
372 O  O    . THR A 28 ? 0.1067 0.0880 0.0744 -0.0024 -0.0089 0.0147  28  THR A O    
373 C  CB   . THR A 28 ? 0.0962 0.0831 0.0912 0.0016  -0.0088 0.0089  28  THR A CB   
374 O  OG1  . THR A 28 ? 0.1013 0.1029 0.1331 0.0146  0.0004  0.0240  28  THR A OG1  
375 C  CG2  . THR A 28 ? 0.1006 0.1037 0.1312 0.0004  0.0054  -0.0008 28  THR A CG2  
376 H  H    . THR A 28 ? 0.1163 0.1163 0.1163 0.0000  0.0000  0.0000  28  THR A H    
377 H  HA   . THR A 28 ? 0.1069 0.1069 0.1069 0.0000  0.0000  0.0000  28  THR A HA   
378 H  HB   . THR A 28 ? 0.1082 0.1082 0.1082 0.0000  0.0000  0.0000  28  THR A HB   
379 H  HG1  . THR A 28 ? 0.1687 0.1687 0.1687 0.0000  0.0000  0.0000  28  THR A HG1  
380 H  HG21 . THR A 28 ? 0.1677 0.1677 0.1677 0.0000  0.0000  0.0000  28  THR A HG21 
381 H  HG22 . THR A 28 ? 0.1677 0.1677 0.1677 0.0000  0.0000  0.0000  28  THR A HG22 
382 H  HG23 . THR A 28 ? 0.1677 0.1677 0.1677 0.0000  0.0000  0.0000  28  THR A HG23 
383 N  N    . SER A 29 ? 0.0998 0.0956 0.0665 0.0058  -0.0108 0.0082  29  SER A N    
384 C  CA   . SER A 29 ? 0.1099 0.0851 0.0787 0.0072  -0.0083 0.0033  29  SER A CA   
385 C  C    . SER A 29 ? 0.0841 0.0708 0.0823 -0.0016 -0.0010 0.0037  29  SER A C    
386 O  O    . SER A 29 ? 0.0886 0.0673 0.1049 0.0034  -0.0089 0.0118  29  SER A O    
387 C  CB   A SER A 29 ? 0.1281 0.1294 0.0896 0.0361  -0.0018 -0.0096 29  SER A CB   
388 C  CB   B SER A 29 ? 0.1344 0.0712 0.0926 0.0087  0.0095  -0.0114 29  SER A CB   
389 O  OG   A SER A 29 ? 0.1769 0.1646 0.1185 0.0132  0.0339  0.0059  29  SER A OG   
390 O  OG   B SER A 29 ? 0.1699 0.1515 0.0807 0.0524  -0.0119 -0.0317 29  SER A OG   
391 H  H    . SER A 29 ? 0.1047 0.1047 0.1047 0.0000  0.0000  0.0000  29  SER A H    
392 H  HA   . SER A 29 ? 0.1094 0.1094 0.1094 0.0000  0.0000  0.0000  29  SER A HA   
393 N  N    . PHE A 30 ? 0.0909 0.0632 0.0797 -0.0022 0.0010  0.0046  30  PHE A N    
394 C  CA   . PHE A 30 ? 0.0871 0.0649 0.0768 0.0019  -0.0025 0.0132  30  PHE A CA   
395 C  C    . PHE A 30 ? 0.0833 0.0667 0.0792 0.0081  -0.0025 0.0167  30  PHE A C    
396 O  O    . PHE A 30 ? 0.1032 0.0744 0.0970 -0.0172 -0.0165 0.0179  30  PHE A O    
397 C  CB   . PHE A 30 ? 0.1057 0.0583 0.0951 -0.0030 -0.0058 0.0162  30  PHE A CB   
398 C  CG   . PHE A 30 ? 0.1178 0.0642 0.1118 -0.0097 -0.0295 0.0346  30  PHE A CG   
399 C  CD1  . PHE A 30 ? 0.1894 0.0777 0.1067 -0.0222 -0.0333 0.0254  30  PHE A CD1  
400 C  CD2  . PHE A 30 ? 0.1202 0.1201 0.1900 -0.0020 -0.0339 0.0581  30  PHE A CD2  
401 C  CE1  . PHE A 30 ? 0.2920 0.1101 0.1164 -0.0387 -0.0737 0.0432  30  PHE A CE1  
402 C  CE2  . PHE A 30 ? 0.1532 0.1399 0.2808 -0.0112 -0.0954 0.0539  30  PHE A CE2  
403 C  CZ   . PHE A 30 ? 0.2604 0.1148 0.2218 -0.0554 -0.1420 0.0699  30  PHE A CZ   
404 H  H    . PHE A 30 ? 0.0935 0.0935 0.0935 0.0000  0.0000  0.0000  30  PHE A H    
405 H  HA   . PHE A 30 ? 0.0914 0.0914 0.0914 0.0000  0.0000  0.0000  30  PHE A HA   
406 H  HB2  . PHE A 30 ? 0.1036 0.1036 0.1036 0.0000  0.0000  0.0000  30  PHE A HB2  
407 H  HB3  . PHE A 30 ? 0.1036 0.1036 0.1036 0.0000  0.0000  0.0000  30  PHE A HB3  
408 H  HD1  . PHE A 30 ? 0.1494 0.1494 0.1494 0.0000  0.0000  0.0000  30  PHE A HD1  
409 H  HD2  . PHE A 30 ? 0.1721 0.1721 0.1721 0.0000  0.0000  0.0000  30  PHE A HD2  
410 H  HE1  . PHE A 30 ? 0.2073 0.2073 0.2073 0.0000  0.0000  0.0000  30  PHE A HE1  
411 H  HE2  . PHE A 30 ? 0.2296 0.2296 0.2296 0.0000  0.0000  0.0000  30  PHE A HE2  
412 H  HZ   . PHE A 30 ? 0.2389 0.2389 0.2389 0.0000  0.0000  0.0000  30  PHE A HZ   
413 N  N    . ASP A 31 ? 0.0875 0.0712 0.0955 0.0026  0.0123  0.0112  31  ASP A N    
414 C  CA   . ASP A 31 ? 0.0925 0.0891 0.1356 0.0112  0.0317  0.0306  31  ASP A CA   
415 C  C    . ASP A 31 ? 0.0944 0.0801 0.1060 0.0021  0.0203  0.0168  31  ASP A C    
416 O  O    . ASP A 31 ? 0.0975 0.0994 0.1952 -0.0087 0.0282  0.0372  31  ASP A O    
417 C  CB   . ASP A 31 ? 0.1570 0.0964 0.1793 0.0154  0.0917  0.0156  31  ASP A CB   
418 C  CG   . ASP A 31 ? 0.3055 0.1814 0.2121 0.1125  0.1641  0.0752  31  ASP A CG   
419 O  OD1  . ASP A 31 ? 0.3476 0.2728 0.3332 0.1635  0.0229  0.0739  31  ASP A OD1  
420 O  OD2  . ASP A 31 ? 0.4522 0.2009 0.3162 0.1431  0.2066  0.0382  31  ASP A OD2  
421 H  H    . ASP A 31 ? 0.1017 0.1017 0.1017 0.0000  0.0000  0.0000  31  ASP A H    
422 H  HA   . ASP A 31 ? 0.1269 0.1269 0.1269 0.0000  0.0000  0.0000  31  ASP A HA   
423 H  HB2  . ASP A 31 ? 0.1730 0.1730 0.1730 0.0000  0.0000  0.0000  31  ASP A HB2  
424 H  HB3  . ASP A 31 ? 0.1730 0.1730 0.1730 0.0000  0.0000  0.0000  31  ASP A HB3  
425 N  N    . ASP A 32 ? 0.0928 0.0656 0.0825 -0.0043 0.0065  0.0136  32  ASP A N    
426 C  CA   . ASP A 32 ? 0.1051 0.0666 0.0787 -0.0011 0.0024  0.0202  32  ASP A CA   
427 C  C    . ASP A 32 ? 0.0920 0.0574 0.0934 -0.0072 -0.0038 0.0135  32  ASP A C    
428 O  O    . ASP A 32 ? 0.1396 0.0649 0.1086 0.0100  -0.0120 0.0155  32  ASP A O    
429 C  CB   . ASP A 32 ? 0.1320 0.0930 0.0811 0.0066  -0.0122 0.0211  32  ASP A CB   
430 C  CG   . ASP A 32 ? 0.1501 0.1291 0.0902 -0.0096 -0.0044 0.0180  32  ASP A CG   
431 O  OD1  . ASP A 32 ? 0.2083 0.2583 0.1068 -0.0842 0.0302  -0.0103 32  ASP A OD1  
432 O  OD2  . ASP A 32 ? 0.2215 0.3909 0.1163 -0.1152 0.0312  -0.0697 32  ASP A OD2  
433 H  H    . ASP A 32 ? 0.0964 0.0964 0.0964 0.0000  0.0000  0.0000  32  ASP A H    
434 H  HA   . ASP A 32 ? 0.1002 0.1002 0.1002 0.0000  0.0000  0.0000  32  ASP A HA   
435 H  HB2  . ASP A 32 ? 0.1225 0.1225 0.1225 0.0000  0.0000  0.0000  32  ASP A HB2  
436 H  HB3  . ASP A 32 ? 0.1225 0.1225 0.1225 0.0000  0.0000  0.0000  32  ASP A HB3  
437 N  N    . LEU A 33 ? 0.0953 0.0594 0.0854 -0.0003 -0.0097 0.0079  33  LEU A N    
438 C  CA   . LEU A 33 ? 0.0869 0.0641 0.0872 -0.0071 -0.0102 0.0003  33  LEU A CA   
439 C  C    . LEU A 33 ? 0.0975 0.0732 0.0793 -0.0067 -0.0127 0.0110  33  LEU A C    
440 O  O    . LEU A 33 ? 0.1054 0.0880 0.1073 -0.0178 0.0034  -0.0012 33  LEU A O    
441 C  CB   . LEU A 33 ? 0.0921 0.0741 0.0798 -0.0069 -0.0075 -0.0006 33  LEU A CB   
442 C  CG   . LEU A 33 ? 0.0986 0.0656 0.0956 -0.0100 -0.0044 0.0041  33  LEU A CG   
443 C  CD1  . LEU A 33 ? 0.1671 0.0793 0.0948 -0.0191 -0.0036 0.0142  33  LEU A CD1  
444 C  CD2  . LEU A 33 ? 0.1098 0.0929 0.2276 -0.0046 0.0478  0.0280  33  LEU A CD2  
445 H  H    . LEU A 33 ? 0.0960 0.0960 0.0960 0.0000  0.0000  0.0000  33  LEU A H    
446 H  HA   . LEU A 33 ? 0.0954 0.0954 0.0954 0.0000  0.0000  0.0000  33  LEU A HA   
447 H  HB2  . LEU A 33 ? 0.0984 0.0984 0.0984 0.0000  0.0000  0.0000  33  LEU A HB2  
448 H  HB3  . LEU A 33 ? 0.0984 0.0984 0.0984 0.0000  0.0000  0.0000  33  LEU A HB3  
449 H  HG   . LEU A 33 ? 0.1040 0.1040 0.1040 0.0000  0.0000  0.0000  33  LEU A HG   
450 H  HD11 . LEU A 33 ? 0.1705 0.1705 0.1705 0.0000  0.0000  0.0000  33  LEU A HD11 
451 H  HD12 . LEU A 33 ? 0.1705 0.1705 0.1705 0.0000  0.0000  0.0000  33  LEU A HD12 
452 H  HD13 . LEU A 33 ? 0.1705 0.1705 0.1705 0.0000  0.0000  0.0000  33  LEU A HD13 
453 H  HD21 . LEU A 33 ? 0.2152 0.2152 0.2152 0.0000  0.0000  0.0000  33  LEU A HD21 
454 H  HD22 . LEU A 33 ? 0.2152 0.2152 0.2152 0.0000  0.0000  0.0000  33  LEU A HD22 
455 H  HD23 . LEU A 33 ? 0.2152 0.2152 0.2152 0.0000  0.0000  0.0000  33  LEU A HD23 
456 N  N    . PRO A 34 ? 0.1078 0.0645 0.0846 -0.0136 -0.0123 0.0018  34  PRO A N    
457 C  CA   . PRO A 34 ? 0.1169 0.0494 0.0850 -0.0232 -0.0265 0.0063  34  PRO A CA   
458 C  C    . PRO A 34 ? 0.1147 0.0461 0.0767 -0.0253 -0.0219 0.0123  34  PRO A C    
459 O  O    . PRO A 34 ? 0.1373 0.0740 0.0850 -0.0235 -0.0211 0.0279  34  PRO A O    
460 C  CB   . PRO A 34 ? 0.1459 0.0759 0.1129 0.0007  -0.0346 -0.0071 34  PRO A CB   
461 C  CG   . PRO A 34 ? 0.1371 0.0894 0.1762 0.0125  -0.0313 -0.0357 34  PRO A CG   
462 C  CD   . PRO A 34 ? 0.1100 0.0835 0.1132 -0.0044 -0.0153 -0.0004 34  PRO A CD   
463 H  HA   . PRO A 34 ? 0.1085 0.1085 0.1085 0.0000  0.0000  0.0000  34  PRO A HA   
464 H  HB2  . PRO A 34 ? 0.1339 0.1339 0.1339 0.0000  0.0000  0.0000  34  PRO A HB2  
465 H  HB3  . PRO A 34 ? 0.1339 0.1339 0.1339 0.0000  0.0000  0.0000  34  PRO A HB3  
466 H  HG2  . PRO A 34 ? 0.1611 0.1611 0.1611 0.0000  0.0000  0.0000  34  PRO A HG2  
467 H  HG3  . PRO A 34 ? 0.1611 0.1611 0.1611 0.0000  0.0000  0.0000  34  PRO A HG3  
468 H  HD2  . PRO A 34 ? 0.1227 0.1227 0.1227 0.0000  0.0000  0.0000  34  PRO A HD2  
469 H  HD3  . PRO A 34 ? 0.1227 0.1227 0.1227 0.0000  0.0000  0.0000  34  PRO A HD3  
470 N  N    . ALA A 35 ? 0.1092 0.0701 0.0693 -0.0152 -0.0236 0.0292  35  ALA A N    
471 C  CA   . ALA A 35 ? 0.1045 0.0916 0.0917 0.0019  -0.0041 0.0302  35  ALA A CA   
472 C  C    . ALA A 35 ? 0.0890 0.0951 0.0958 -0.0171 -0.0211 0.0388  35  ALA A C    
473 O  O    . ALA A 35 ? 0.1127 0.1345 0.1245 -0.0004 -0.0315 0.0466  35  ALA A O    
474 C  CB   . ALA A 35 ? 0.1129 0.1552 0.1036 -0.0219 0.0043  0.0324  35  ALA A CB   
475 H  H    . ALA A 35 ? 0.1074 0.1074 0.1074 0.0000  0.0000  0.0000  35  ALA A H    
476 H  HA   . ALA A 35 ? 0.1151 0.1151 0.1151 0.0000  0.0000  0.0000  35  ALA A HA   
477 H  HB1  . ALA A 35 ? 0.1858 0.1858 0.1858 0.0000  0.0000  0.0000  35  ALA A HB1  
478 H  HB2  . ALA A 35 ? 0.1858 0.1858 0.1858 0.0000  0.0000  0.0000  35  ALA A HB2  
479 H  HB3  . ALA A 35 ? 0.1858 0.1858 0.1858 0.0000  0.0000  0.0000  35  ALA A HB3  
480 N  N    . ASP A 36 ? 0.0934 0.0889 0.0764 -0.0248 -0.0175 0.0279  36  ASP A N    
481 C  CA   . ASP A 36 ? 0.1136 0.1012 0.0805 -0.0418 -0.0243 0.0257  36  ASP A CA   
482 C  C    . ASP A 36 ? 0.1477 0.0858 0.0711 -0.0460 -0.0228 0.0257  36  ASP A C    
483 O  O    . ASP A 36 ? 0.1974 0.1256 0.0727 -0.0767 -0.0095 0.0100  36  ASP A O    
484 C  CB   . ASP A 36 ? 0.1104 0.0927 0.0942 -0.0477 -0.0229 0.0171  36  ASP A CB   
485 C  CG   . ASP A 36 ? 0.1021 0.1026 0.1013 -0.0371 -0.0144 0.0116  36  ASP A CG   
486 O  OD1  . ASP A 36 ? 0.1231 0.1162 0.1384 -0.0347 -0.0438 -0.0048 36  ASP A OD1  
487 O  OD2  . ASP A 36 ? 0.1226 0.1094 0.1686 -0.0353 -0.0233 -0.0083 36  ASP A OD2  
488 H  H    . ASP A 36 ? 0.1035 0.1035 0.1035 0.0000  0.0000  0.0000  36  ASP A H    
489 H  HA   . ASP A 36 ? 0.1182 0.1182 0.1182 0.0000  0.0000  0.0000  36  ASP A HA   
490 H  HB2  . ASP A 36 ? 0.1189 0.1189 0.1189 0.0000  0.0000  0.0000  36  ASP A HB2  
491 H  HB3  . ASP A 36 ? 0.1189 0.1189 0.1189 0.0000  0.0000  0.0000  36  ASP A HB3  
492 N  N    . TRP A 37 ? 0.1207 0.0882 0.0715 -0.0448 -0.0163 0.0205  37  TRP A N    
493 C  CA   . TRP A 37 ? 0.1044 0.0744 0.0736 -0.0257 -0.0136 0.0250  37  TRP A CA   
494 C  C    . TRP A 37 ? 0.0869 0.0812 0.0701 -0.0215 -0.0077 0.0103  37  TRP A C    
495 O  O    . TRP A 37 ? 0.0961 0.1022 0.0969 -0.0073 0.0127  0.0148  37  TRP A O    
496 C  CB   . TRP A 37 ? 0.1126 0.1011 0.0806 -0.0340 -0.0258 0.0263  37  TRP A CB   
497 C  CG   . TRP A 37 ? 0.1020 0.0859 0.0807 -0.0315 -0.0235 0.0183  37  TRP A CG   
498 C  CD1  . TRP A 37 ? 0.1054 0.0913 0.1049 -0.0144 -0.0374 0.0142  37  TRP A CD1  
499 C  CD2  . TRP A 37 ? 0.0868 0.0859 0.0708 -0.0204 -0.0112 0.0103  37  TRP A CD2  
500 N  NE1  . TRP A 37 ? 0.0853 0.1073 0.1104 -0.0186 -0.0179 0.0040  37  TRP A NE1  
501 C  CE2  . TRP A 37 ? 0.0918 0.0935 0.0721 -0.0239 -0.0116 0.0062  37  TRP A CE2  
502 C  CE3  . TRP A 37 ? 0.0924 0.1027 0.0881 -0.0138 -0.0017 0.0213  37  TRP A CE3  
503 C  CZ2  . TRP A 37 ? 0.1055 0.1094 0.0833 -0.0445 -0.0016 0.0032  37  TRP A CZ2  
504 C  CZ3  . TRP A 37 ? 0.1181 0.0910 0.1014 -0.0116 -0.0048 0.0200  37  TRP A CZ3  
505 C  CH2  . TRP A 37 ? 0.1334 0.0796 0.0966 -0.0254 -0.0115 0.0155  37  TRP A CH2  
506 H  H    . TRP A 37 ? 0.1121 0.1121 0.1121 0.0000  0.0000  0.0000  37  TRP A H    
507 H  HA   . TRP A 37 ? 0.1009 0.1009 0.1009 0.0000  0.0000  0.0000  37  TRP A HA   
508 H  HB2  . TRP A 37 ? 0.1178 0.1178 0.1178 0.0000  0.0000  0.0000  37  TRP A HB2  
509 H  HB3  . TRP A 37 ? 0.1178 0.1178 0.1178 0.0000  0.0000  0.0000  37  TRP A HB3  
510 H  HD1  . TRP A 37 ? 0.1207 0.1207 0.1207 0.0000  0.0000  0.0000  37  TRP A HD1  
511 H  HE1  . TRP A 37 ? 0.1212 0.1212 0.1212 0.0000  0.0000  0.0000  37  TRP A HE1  
512 H  HE3  . TRP A 37 ? 0.1132 0.1132 0.1132 0.0000  0.0000  0.0000  37  TRP A HE3  
513 H  HZ2  . TRP A 37 ? 0.1192 0.1192 0.1192 0.0000  0.0000  0.0000  37  TRP A HZ2  
514 H  HZ3  . TRP A 37 ? 0.1242 0.1242 0.1242 0.0000  0.0000  0.0000  37  TRP A HZ3  
515 H  HH2  . TRP A 37 ? 0.1239 0.1239 0.1239 0.0000  0.0000  0.0000  37  TRP A HH2  
516 N  N    . VAL A 38 ? 0.0809 0.0678 0.0726 -0.0024 -0.0074 0.0206  38  VAL A N    
517 C  CA   . VAL A 38 ? 0.0892 0.0685 0.0750 -0.0068 -0.0154 0.0180  38  VAL A CA   
518 C  C    . VAL A 38 ? 0.0826 0.0674 0.0610 0.0067  -0.0050 0.0185  38  VAL A C    
519 O  O    . VAL A 38 ? 0.0833 0.0807 0.0935 0.0053  -0.0073 0.0313  38  VAL A O    
520 C  CB   . VAL A 38 ? 0.1291 0.0832 0.0941 -0.0215 -0.0410 0.0229  38  VAL A CB   
521 C  CG1  . VAL A 38 ? 0.1652 0.1238 0.1496 -0.0546 -0.0613 0.0263  38  VAL A CG1  
522 C  CG2  . VAL A 38 ? 0.2172 0.1099 0.0972 0.0011  -0.0176 -0.0124 38  VAL A CG2  
523 H  H    . VAL A 38 ? 0.0885 0.0885 0.0885 0.0000  0.0000  0.0000  38  VAL A H    
524 H  HA   . VAL A 38 ? 0.0931 0.0931 0.0931 0.0000  0.0000  0.0000  38  VAL A HA   
525 H  HB   . VAL A 38 ? 0.1226 0.1226 0.1226 0.0000  0.0000  0.0000  38  VAL A HB   
526 H  HG11 . VAL A 38 ? 0.2194 0.2194 0.2194 0.0000  0.0000  0.0000  38  VAL A HG11 
527 H  HG12 . VAL A 38 ? 0.2194 0.2194 0.2194 0.0000  0.0000  0.0000  38  VAL A HG12 
528 H  HG13 . VAL A 38 ? 0.2194 0.2194 0.2194 0.0000  0.0000  0.0000  38  VAL A HG13 
529 H  HG21 . VAL A 38 ? 0.2121 0.2121 0.2121 0.0000  0.0000  0.0000  38  VAL A HG21 
530 H  HG22 . VAL A 38 ? 0.2121 0.2121 0.2121 0.0000  0.0000  0.0000  38  VAL A HG22 
531 H  HG23 . VAL A 38 ? 0.2121 0.2121 0.2121 0.0000  0.0000  0.0000  38  VAL A HG23 
532 N  N    . CYS A 39 ? 0.0788 0.0677 0.0684 0.0008  -0.0091 0.0225  39  CYS A N    
533 C  CA   . CYS A 39 ? 0.0791 0.0578 0.0590 0.0018  -0.0055 0.0119  39  CYS A CA   
534 C  C    . CYS A 39 ? 0.0863 0.0556 0.0558 0.0065  -0.0036 0.0114  39  CYS A C    
535 O  O    . CYS A 39 ? 0.1078 0.0722 0.0693 0.0078  -0.0095 -0.0031 39  CYS A O    
536 C  CB   . CYS A 39 ? 0.0763 0.0574 0.0584 0.0035  -0.0024 0.0138  39  CYS A CB   
537 S  SG   . CYS A 39 ? 0.0784 0.0594 0.0644 0.0035  -0.0047 0.0131  39  CYS A SG   
538 H  H    . CYS A 39 ? 0.0860 0.0860 0.0860 0.0000  0.0000  0.0000  39  CYS A H    
539 H  HA   . CYS A 39 ? 0.0784 0.0784 0.0784 0.0000  0.0000  0.0000  39  CYS A HA   
540 H  HB2  . CYS A 39 ? 0.0768 0.0768 0.0768 0.0000  0.0000  0.0000  39  CYS A HB2  
541 H  HB3  . CYS A 39 ? 0.0768 0.0768 0.0768 0.0000  0.0000  0.0000  39  CYS A HB3  
542 N  N    . PRO A 40 ? 0.0833 0.0686 0.0684 0.0086  -0.0052 0.0090  40  PRO A N    
543 C  CA   . PRO A 40 ? 0.0953 0.0826 0.0997 0.0242  0.0044  0.0086  40  PRO A CA   
544 C  C    . PRO A 40 ? 0.0979 0.0968 0.0873 0.0283  0.0176  -0.0021 40  PRO A C    
545 O  O    . PRO A 40 ? 0.2417 0.1192 0.1427 0.0673  0.0822  0.0098  40  PRO A O    
546 C  CB   . PRO A 40 ? 0.1069 0.1800 0.1365 0.0563  -0.0227 -0.0045 40  PRO A CB   
547 C  CG   . PRO A 40 ? 0.1026 0.2261 0.1507 0.0373  -0.0428 -0.0378 40  PRO A CG   
548 C  CD   . PRO A 40 ? 0.0924 0.1093 0.0822 0.0097  -0.0206 0.0053  40  PRO A CD   
549 H  HA   . PRO A 40 ? 0.1111 0.1111 0.1111 0.0000  0.0000  0.0000  40  PRO A HA   
550 H  HB2  . PRO A 40 ? 0.1695 0.1695 0.1695 0.0000  0.0000  0.0000  40  PRO A HB2  
551 H  HB3  . PRO A 40 ? 0.1695 0.1695 0.1695 0.0000  0.0000  0.0000  40  PRO A HB3  
552 H  HG2  . PRO A 40 ? 0.1918 0.1918 0.1918 0.0000  0.0000  0.0000  40  PRO A HG2  
553 H  HG3  . PRO A 40 ? 0.1918 0.1918 0.1918 0.0000  0.0000  0.0000  40  PRO A HG3  
554 H  HD2  . PRO A 40 ? 0.1136 0.1136 0.1136 0.0000  0.0000  0.0000  40  PRO A HD2  
555 H  HD3  . PRO A 40 ? 0.1136 0.1136 0.1136 0.0000  0.0000  0.0000  40  PRO A HD3  
556 N  N    . VAL A 41 ? 0.0913 0.0880 0.0733 0.0132  0.0190  0.0024  41  VAL A N    
557 C  CA   . VAL A 41 ? 0.0853 0.0967 0.0680 0.0134  0.0204  -0.0002 41  VAL A CA   
558 C  C    . VAL A 41 ? 0.1001 0.0883 0.0596 0.0021  0.0173  -0.0083 41  VAL A C    
559 O  O    . VAL A 41 ? 0.1216 0.1693 0.0761 -0.0178 0.0255  -0.0252 41  VAL A O    
560 C  CB   . VAL A 41 ? 0.0898 0.1035 0.0781 -0.0018 0.0114  -0.0015 41  VAL A CB   
561 C  CG1  . VAL A 41 ? 0.1493 0.1117 0.0945 -0.0213 0.0195  0.0099  41  VAL A CG1  
562 C  CG2  . VAL A 41 ? 0.1054 0.1522 0.1181 -0.0167 0.0033  -0.0139 41  VAL A CG2  
563 H  H    . VAL A 41 ? 0.1011 0.1011 0.1011 0.0000  0.0000  0.0000  41  VAL A H    
564 H  HA   . VAL A 41 ? 0.0999 0.0999 0.0999 0.0000  0.0000  0.0000  41  VAL A HA   
565 H  HB   . VAL A 41 ? 0.1087 0.1087 0.1087 0.0000  0.0000  0.0000  41  VAL A HB   
566 H  HG11 . VAL A 41 ? 0.1777 0.1777 0.1777 0.0000  0.0000  0.0000  41  VAL A HG11 
567 H  HG12 . VAL A 41 ? 0.1777 0.1777 0.1777 0.0000  0.0000  0.0000  41  VAL A HG12 
568 H  HG13 . VAL A 41 ? 0.1777 0.1777 0.1777 0.0000  0.0000  0.0000  41  VAL A HG13 
569 H  HG21 . VAL A 41 ? 0.1878 0.1878 0.1878 0.0000  0.0000  0.0000  41  VAL A HG21 
570 H  HG22 . VAL A 41 ? 0.1878 0.1878 0.1878 0.0000  0.0000  0.0000  41  VAL A HG22 
571 H  HG23 . VAL A 41 ? 0.1878 0.1878 0.1878 0.0000  0.0000  0.0000  41  VAL A HG23 
572 N  N    . CYS A 42 ? 0.1002 0.0912 0.0545 0.0089  0.0093  0.0008  42  CYS A N    
573 C  CA   . CYS A 42 ? 0.1076 0.0817 0.0496 0.0038  -0.0025 -0.0079 42  CYS A CA   
574 C  C    . CYS A 42 ? 0.1098 0.0651 0.0624 0.0122  -0.0086 -0.0097 42  CYS A C    
575 O  O    . CYS A 42 ? 0.1394 0.0912 0.0783 -0.0126 -0.0334 0.0007  42  CYS A O    
576 C  CB   . CYS A 42 ? 0.1130 0.0757 0.0572 0.0047  -0.0121 0.0055  42  CYS A CB   
577 S  SG   . CYS A 42 ? 0.0856 0.0508 0.0689 -0.0041 -0.0109 -0.0110 42  CYS A SG   
578 H  H    . CYS A 42 ? 0.0984 0.0984 0.0984 0.0000  0.0000  0.0000  42  CYS A H    
579 H  HA   . CYS A 42 ? 0.0955 0.0955 0.0955 0.0000  0.0000  0.0000  42  CYS A HA   
580 H  HB2  . CYS A 42 ? 0.0984 0.0984 0.0984 0.0000  0.0000  0.0000  42  CYS A HB2  
581 H  HB3  . CYS A 42 ? 0.0984 0.0984 0.0984 0.0000  0.0000  0.0000  42  CYS A HB3  
582 N  N    . GLY A 43 ? 0.1089 0.0727 0.0637 0.0084  -0.0086 -0.0055 43  GLY A N    
583 C  CA   . GLY A 43 ? 0.1357 0.0686 0.0714 -0.0083 -0.0112 0.0009  43  GLY A CA   
584 C  C    . GLY A 43 ? 0.1079 0.0791 0.0728 -0.0113 -0.0204 0.0061  43  GLY A C    
585 O  O    . GLY A 43 ? 0.1370 0.1041 0.1121 -0.0303 -0.0196 0.0168  43  GLY A O    
586 H  H    . GLY A 43 ? 0.0980 0.0980 0.0980 0.0000  0.0000  0.0000  43  GLY A H    
587 H  HA2  . GLY A 43 ? 0.1103 0.1103 0.1103 0.0000  0.0000  0.0000  43  GLY A HA2  
588 H  HA3  . GLY A 43 ? 0.1103 0.1103 0.1103 0.0000  0.0000  0.0000  43  GLY A HA3  
589 N  N    . ALA A 44 ? 0.0992 0.0807 0.0799 -0.0064 -0.0058 0.0083  44  ALA A N    
590 C  CA   . ALA A 44 ? 0.0854 0.1038 0.0900 -0.0024 -0.0039 0.0202  44  ALA A CA   
591 C  C    . ALA A 44 ? 0.0835 0.0826 0.0878 -0.0020 -0.0081 0.0084  44  ALA A C    
592 O  O    . ALA A 44 ? 0.0858 0.1013 0.0943 0.0083  -0.0155 0.0112  44  ALA A O    
593 C  CB   . ALA A 44 ? 0.1222 0.1026 0.1616 0.0312  0.0400  0.0438  44  ALA A CB   
594 H  H    . ALA A 44 ? 0.1040 0.1040 0.1040 0.0000  0.0000  0.0000  44  ALA A H    
595 H  HA   . ALA A 44 ? 0.1117 0.1117 0.1117 0.0000  0.0000  0.0000  44  ALA A HA   
596 H  HB1  . ALA A 44 ? 0.1931 0.1931 0.1931 0.0000  0.0000  0.0000  44  ALA A HB1  
597 H  HB2  . ALA A 44 ? 0.1931 0.1931 0.1931 0.0000  0.0000  0.0000  44  ALA A HB2  
598 H  HB3  . ALA A 44 ? 0.1931 0.1931 0.1931 0.0000  0.0000  0.0000  44  ALA A HB3  
599 N  N    A PRO A 45 ? 0.0766 0.1007 0.0860 0.0053  -0.0057 0.0173  45  PRO A N    
600 N  N    B PRO A 45 ? 0.0836 0.1034 0.0995 -0.0395 -0.0206 0.0166  45  PRO A N    
601 C  CA   A PRO A 45 ? 0.0745 0.0722 0.0872 -0.0027 -0.0031 0.0132  45  PRO A CA   
602 C  CA   B PRO A 45 ? 0.1259 0.1208 0.0957 -0.0183 0.0131  0.0160  45  PRO A CA   
603 C  C    A PRO A 45 ? 0.0567 0.0592 0.0951 -0.0026 -0.0145 0.0225  45  PRO A C    
604 C  C    B PRO A 45 ? 0.0871 0.1184 0.1010 -0.0006 0.0209  0.0161  45  PRO A C    
605 O  O    A PRO A 45 ? 0.0712 0.0693 0.0769 0.0025  -0.0041 0.0233  45  PRO A O    
606 O  O    B PRO A 45 ? 0.0953 0.1148 0.0932 0.0132  -0.0154 0.0222  45  PRO A O    
607 C  CB   A PRO A 45 ? 0.0798 0.1063 0.1045 -0.0272 -0.0114 0.0041  45  PRO A CB   
608 C  CB   B PRO A 45 ? 0.1411 0.1297 0.1345 -0.0345 0.0287  0.0156  45  PRO A CB   
609 C  CG   A PRO A 45 ? 0.0738 0.1398 0.1223 -0.0090 -0.0132 0.0146  45  PRO A CG   
610 C  CG   B PRO A 45 ? 0.0979 0.1799 0.1498 -0.0367 0.0096  0.0130  45  PRO A CG   
611 C  CD   A PRO A 45 ? 0.0786 0.1746 0.0993 0.0052  -0.0132 0.0250  45  PRO A CD   
612 C  CD   B PRO A 45 ? 0.0769 0.1478 0.1242 -0.0243 -0.0111 0.0206  45  PRO A CD   
613 N  N    A LYS A 46 ? 0.0723 0.0599 0.0824 0.0006  -0.0121 0.0217  46  LYS A N    
614 N  N    B LYS A 46 ? 0.1306 0.1004 0.1211 0.0087  -0.0425 0.0212  46  LYS A N    
615 C  CA   A LYS A 46 ? 0.0683 0.0591 0.0831 -0.0092 -0.0172 0.0155  46  LYS A CA   
616 C  CA   B LYS A 46 ? 0.1296 0.1209 0.1274 0.0135  -0.0411 0.0120  46  LYS A CA   
617 C  C    A LYS A 46 ? 0.0810 0.0658 0.0706 -0.0102 -0.0065 0.0233  46  LYS A C    
618 C  C    B LYS A 46 ? 0.1149 0.1110 0.0839 0.0013  -0.0402 0.0195  46  LYS A C    
619 O  O    A LYS A 46 ? 0.0907 0.0654 0.0829 -0.0016 -0.0205 0.0064  46  LYS A O    
620 O  O    B LYS A 46 ? 0.1333 0.1022 0.1159 -0.0159 -0.0283 0.0269  46  LYS A O    
621 C  CB   A LYS A 46 ? 0.0785 0.0820 0.0829 0.0015  -0.0035 0.0212  46  LYS A CB   
622 C  CB   B LYS A 46 ? 0.1748 0.1337 0.1252 0.0324  -0.0735 0.0131  46  LYS A CB   
623 C  CG   A LYS A 46 ? 0.0913 0.0980 0.1086 0.0157  -0.0166 0.0274  46  LYS A CG   
624 C  CG   B LYS A 46 ? 0.1567 0.0971 0.1691 0.0133  -0.0370 0.0564  46  LYS A CG   
625 C  CD   A LYS A 46 ? 0.1354 0.1128 0.1162 0.0310  -0.0390 0.0496  46  LYS A CD   
626 C  CD   B LYS A 46 ? 0.1514 0.1240 0.1381 -0.0071 -0.0580 0.0529  46  LYS A CD   
627 C  CE   A LYS A 46 ? 0.1684 0.1358 0.1447 0.0183  0.0033  0.0678  46  LYS A CE   
628 C  CE   B LYS A 46 ? 0.1282 0.1255 0.1352 0.0183  0.0092  0.0430  46  LYS A CE   
629 N  NZ   A LYS A 46 ? 0.2584 0.1651 0.2794 -0.0251 0.0004  -0.0349 46  LYS A NZ   
630 N  NZ   B LYS A 46 ? 0.0453 0.0664 0.1226 0.0170  0.0271  0.0629  46  LYS A NZ   
631 N  N    A SER A 47 ? 0.0645 0.0676 0.0736 -0.0056 -0.0026 0.0215  47  SER A N    
632 N  N    B SER A 47 ? 0.1156 0.1171 0.1004 -0.0121 -0.0115 0.0328  47  SER A N    
633 C  CA   A SER A 47 ? 0.0737 0.0789 0.0722 0.0017  0.0052  0.0210  47  SER A CA   
634 C  CA   B SER A 47 ? 0.1178 0.1309 0.1137 -0.0080 0.0110  0.0395  47  SER A CA   
635 C  C    A SER A 47 ? 0.0583 0.0647 0.0884 0.0046  0.0051  0.0102  47  SER A C    
636 C  C    B SER A 47 ? 0.1272 0.1002 0.0875 0.0059  0.0078  0.0023  47  SER A C    
637 O  O    A SER A 47 ? 0.0998 0.0909 0.1224 0.0238  0.0349  0.0038  47  SER A O    
638 O  O    B SER A 47 ? 0.1719 0.1310 0.1639 0.0481  0.0426  0.0178  47  SER A O    
639 C  CB   A SER A 47 ? 0.0689 0.1096 0.0929 -0.0110 0.0152  0.0175  47  SER A CB   
640 C  CB   B SER A 47 ? 0.1195 0.1444 0.1382 -0.0061 0.0388  0.0066  47  SER A CB   
641 O  OG   A SER A 47 ? 0.0748 0.1113 0.1224 -0.0007 -0.0065 -0.0188 47  SER A OG   
642 O  OG   B SER A 47 ? 0.1352 0.1720 0.1548 -0.0526 0.0270  -0.0015 47  SER A OG   
643 N  N    A GLU A 48 ? 0.0623 0.0612 0.0574 0.0028  -0.0091 0.0135  48  GLU A N    
644 N  N    B GLU A 48 ? 0.0841 0.0902 0.0889 -0.0211 -0.0072 0.0154  48  GLU A N    
645 C  CA   A GLU A 48 ? 0.0792 0.0622 0.0523 -0.0013 -0.0144 0.0155  48  GLU A CA   
646 C  CA   B GLU A 48 ? 0.0753 0.0737 0.0923 0.0141  -0.0252 0.0087  48  GLU A CA   
647 C  C    A GLU A 48 ? 0.0748 0.0507 0.0675 0.0000  -0.0085 0.0053  48  GLU A C    
648 C  C    B GLU A 48 ? 0.1118 0.0476 0.0627 -0.0058 -0.0112 -0.0017 48  GLU A C    
649 O  O    A GLU A 48 ? 0.0889 0.0743 0.0831 -0.0175 -0.0214 0.0267  48  GLU A O    
650 O  O    B GLU A 48 ? 0.2062 0.1108 0.0623 -0.0701 -0.0090 0.0083  48  GLU A O    
651 C  CB   A GLU A 48 ? 0.0932 0.0789 0.0545 -0.0098 -0.0121 0.0063  48  GLU A CB   
652 C  CB   B GLU A 48 ? 0.1054 0.1156 0.0887 -0.0411 -0.0323 0.0188  48  GLU A CB   
653 C  CG   A GLU A 48 ? 0.0982 0.1443 0.0815 -0.0323 -0.0179 -0.0084 48  GLU A CG   
654 C  CG   B GLU A 48 ? 0.1062 0.1391 0.1114 -0.0152 -0.0396 0.0069  48  GLU A CG   
655 C  CD   A GLU A 48 ? 0.1011 0.0984 0.0791 -0.0318 -0.0223 0.0086  48  GLU A CD   
656 C  CD   B GLU A 48 ? 0.1276 0.1839 0.1341 -0.0248 -0.0563 -0.0230 48  GLU A CD   
657 O  OE1  A GLU A 48 ? 0.0959 0.3660 0.0880 -0.0328 -0.0170 -0.0756 48  GLU A OE1  
658 O  OE1  B GLU A 48 ? 0.1392 0.1610 0.1006 -0.0208 -0.0556 -0.0186 48  GLU A OE1  
659 O  OE2  A GLU A 48 ? 0.1083 0.2453 0.1309 -0.0604 -0.0210 -0.0438 48  GLU A OE2  
660 O  OE2  B GLU A 48 ? 0.1567 0.2544 0.1571 0.0354  -0.0975 -0.0261 48  GLU A OE2  
661 N  N    . PHE A 49 ? 0.0809 0.0686 0.0628 -0.0144 -0.0082 0.0082  49  PHE A N    
662 C  CA   . PHE A 49 ? 0.0746 0.0624 0.0613 -0.0072 -0.0066 0.0003  49  PHE A CA   
663 C  C    . PHE A 49 ? 0.0751 0.0834 0.0732 -0.0036 0.0077  -0.0069 49  PHE A C    
664 O  O    . PHE A 49 ? 0.1326 0.1121 0.1534 -0.0265 0.0609  -0.0415 49  PHE A O    
665 C  CB   . PHE A 49 ? 0.0872 0.0710 0.0655 -0.0073 -0.0141 -0.0001 49  PHE A CB   
666 C  CG   . PHE A 49 ? 0.0842 0.0572 0.0582 -0.0026 -0.0124 0.0106  49  PHE A CG   
667 C  CD1  . PHE A 49 ? 0.0845 0.0708 0.0849 -0.0129 0.0000  -0.0037 49  PHE A CD1  
668 C  CD2  . PHE A 49 ? 0.0915 0.0773 0.0665 -0.0064 -0.0201 0.0003  49  PHE A CD2  
669 C  CE1  . PHE A 49 ? 0.1144 0.0666 0.0883 -0.0064 -0.0007 -0.0067 49  PHE A CE1  
670 C  CE2  . PHE A 49 ? 0.0804 0.0998 0.0829 0.0093  -0.0072 0.0014  49  PHE A CE2  
671 C  CZ   . PHE A 49 ? 0.0999 0.0735 0.0835 0.0168  0.0020  0.0051  49  PHE A CZ   
672 H  H    . PHE A 49 ? 0.0849 0.0849 0.0849 0.0000  0.0000  0.0000  49  PHE A H    
673 H  HA   . PHE A 49 ? 0.0793 0.0793 0.0793 0.0000  0.0000  0.0000  49  PHE A HA   
674 H  HB2  . PHE A 49 ? 0.0895 0.0895 0.0895 0.0000  0.0000  0.0000  49  PHE A HB2  
675 H  HB3  . PHE A 49 ? 0.0895 0.0895 0.0895 0.0000  0.0000  0.0000  49  PHE A HB3  
676 H  HD1  . PHE A 49 ? 0.0961 0.0961 0.0961 0.0000  0.0000  0.0000  49  PHE A HD1  
677 H  HD2  . PHE A 49 ? 0.0941 0.0941 0.0941 0.0000  0.0000  0.0000  49  PHE A HD2  
678 H  HE1  . PHE A 49 ? 0.1078 0.1078 0.1078 0.0000  0.0000  0.0000  49  PHE A HE1  
679 H  HE2  . PHE A 49 ? 0.1052 0.1052 0.1052 0.0000  0.0000  0.0000  49  PHE A HE2  
680 H  HZ   . PHE A 49 ? 0.1027 0.1027 0.1027 0.0000  0.0000  0.0000  49  PHE A HZ   
681 N  N    . GLU A 50 ? 0.0891 0.0655 0.0785 0.0038  0.0054  -0.0075 50  GLU A N    
682 C  CA   . GLU A 50 ? 0.1055 0.0746 0.0909 0.0076  0.0101  -0.0083 50  GLU A CA   
683 C  C    . GLU A 50 ? 0.1031 0.0557 0.0673 0.0109  0.0072  -0.0005 50  GLU A C    
684 O  O    . GLU A 50 ? 0.1056 0.0902 0.0721 0.0123  -0.0069 -0.0090 50  GLU A O    
685 C  CB   . GLU A 50 ? 0.1202 0.0869 0.1313 0.0320  -0.0227 -0.0134 50  GLU A CB   
686 C  CG   . GLU A 50 ? 0.1572 0.0840 0.1138 0.0317  -0.0226 0.0080  50  GLU A CG   
687 C  CD   . GLU A 50 ? 0.1473 0.1314 0.1578 0.0191  -0.0176 0.0296  50  GLU A CD   
688 O  OE1  . GLU A 50 ? 0.2257 0.2602 0.4158 0.1274  0.0638  0.1889  50  GLU A OE1  
689 O  OE2  . GLU A 50 ? 0.2253 0.1396 0.1550 0.0031  -0.0246 0.0623  50  GLU A OE2  
690 H  H    . GLU A 50 ? 0.0932 0.0932 0.0932 0.0000  0.0000  0.0000  50  GLU A H    
691 H  HA   . GLU A 50 ? 0.1084 0.1084 0.1084 0.0000  0.0000  0.0000  50  GLU A HA   
692 H  HB2  . GLU A 50 ? 0.1353 0.1353 0.1353 0.0000  0.0000  0.0000  50  GLU A HB2  
693 H  HB3  . GLU A 50 ? 0.1353 0.1353 0.1353 0.0000  0.0000  0.0000  50  GLU A HB3  
694 H  HG2  . GLU A 50 ? 0.1420 0.1420 0.1420 0.0000  0.0000  0.0000  50  GLU A HG2  
695 H  HG3  . GLU A 50 ? 0.1420 0.1420 0.1420 0.0000  0.0000  0.0000  50  GLU A HG3  
696 N  N    . ALA A 51 ? 0.1427 0.0834 0.0851 0.0036  0.0154  -0.0132 51  ALA A N    
697 C  CA   . ALA A 51 ? 0.1752 0.1077 0.0755 -0.0057 -0.0077 -0.0198 51  ALA A CA   
698 C  C    . ALA A 51 ? 0.1609 0.0744 0.1171 0.0040  -0.0272 -0.0104 51  ALA A C    
699 O  O    . ALA A 51 ? 0.1772 0.0843 0.2002 0.0133  -0.0297 0.0061  51  ALA A O    
700 C  CB   . ALA A 51 ? 0.2666 0.2279 0.0925 -0.0375 0.0259  -0.0598 51  ALA A CB   
701 H  H    . ALA A 51 ? 0.1245 0.1245 0.1245 0.0000  0.0000  0.0000  51  ALA A H    
702 H  HA   . ALA A 51 ? 0.1434 0.1434 0.1434 0.0000  0.0000  0.0000  51  ALA A HA   
703 H  HB1  . ALA A 51 ? 0.2936 0.2936 0.2936 0.0000  0.0000  0.0000  51  ALA A HB1  
704 H  HB2  . ALA A 51 ? 0.2936 0.2936 0.2936 0.0000  0.0000  0.0000  51  ALA A HB2  
705 H  HB3  . ALA A 51 ? 0.2936 0.2936 0.2936 0.0000  0.0000  0.0000  51  ALA A HB3  
706 N  N    . ALA A 52 ? 0.1623 0.0847 0.1484 -0.0101 -0.0312 0.0067  52  ALA A N    
707 C  CA   . ALA A 52 ? 0.1830 0.1107 0.1601 -0.0328 -0.0298 0.0074  52  ALA A CA   
708 C  C    . ALA A 52 ? 0.2636 0.1284 0.2209 -0.0626 -0.0441 -0.0041 52  ALA A C    
709 O  O    . ALA A 52 ? 0.4340 0.2082 0.1962 -0.0981 -0.1198 -0.0136 52  ALA A O    
710 C  CB   . ALA A 52 ? 0.2654 0.2222 0.1767 -0.0570 0.0347  -0.0312 52  ALA A CB   
711 O  OXT  . ALA A 52 ? 0.2878 0.2300 0.2873 -0.1316 -0.0618 0.0024  52  ALA A OXT  
712 H  H    . ALA A 52 ? 0.1582 0.1582 0.1582 0.0000  0.0000  0.0000  52  ALA A H    
713 H  HA   . ALA A 52 ? 0.1815 0.1815 0.1815 0.0000  0.0000  0.0000  52  ALA A HA   
714 H  HB1  . ALA A 52 ? 0.3321 0.3321 0.3321 0.0000  0.0000  0.0000  52  ALA A HB1  
715 H  HB2  . ALA A 52 ? 0.3321 0.3321 0.3321 0.0000  0.0000  0.0000  52  ALA A HB2  
716 H  HB3  . ALA A 52 ? 0.3321 0.3321 0.3321 0.0000  0.0000  0.0000  52  ALA A HB3  
717 FE FE   . FE2 B .  ? 0.0828 0.0529 0.0532 0.0049  -0.0043 0.0057  54  FE2 A FE   
718 S  S    A SO4 C .  ? 0.1100 0.1040 0.1962 -0.0200 -0.0048 0.0418  56  SO4 A S    
719 S  S    B SO4 C .  ? 0.0965 0.0698 0.1573 -0.0248 -0.0157 0.0286  56  SO4 A S    
720 O  O1   A SO4 C .  ? 0.1199 0.1293 0.1637 0.0114  0.0020  0.0108  56  SO4 A O1   
721 O  O1   B SO4 C .  ? 0.1170 0.0572 0.1219 -0.0384 0.0128  0.0483  56  SO4 A O1   
722 O  O2   A SO4 C .  ? 0.2530 0.1983 0.2719 -0.0190 0.0730  0.1452  56  SO4 A O2   
723 O  O2   B SO4 C .  ? 0.1408 0.1688 0.1645 -0.0513 -0.0242 0.0917  56  SO4 A O2   
724 O  O3   A SO4 C .  ? 0.1105 0.0827 0.1799 -0.0058 0.0004  0.0099  56  SO4 A O3   
725 O  O3   B SO4 C .  ? 0.0868 0.0822 0.1648 -0.0242 -0.0303 0.0440  56  SO4 A O3   
726 O  O4   A SO4 C .  ? 0.1461 0.1338 0.4156 -0.0375 -0.0695 -0.0345 56  SO4 A O4   
727 O  O4   B SO4 C .  ? 0.0888 0.0570 0.2469 -0.0225 -0.0180 0.0356  56  SO4 A O4   
728 O  O    . HOH D .  ? 0.1456 0.1009 0.1197 0.0122  -0.0093 0.0085  57  HOH A O    
729 O  O    . HOH D .  ? 0.1455 0.1008 0.1354 0.0251  -0.0480 -0.0104 58  HOH A O    
730 O  O    . HOH D .  ? 0.1893 0.1002 0.1522 -0.0218 -0.0097 -0.0089 59  HOH A O    
731 O  O    . HOH D .  ? 0.1311 0.1554 0.1434 0.0025  0.0099  0.0091  60  HOH A O    
732 O  O    . HOH D .  ? 0.2000 0.1730 0.1224 -0.0446 0.0352  -0.0017 61  HOH A O    
733 O  O    . HOH D .  ? 0.1964 0.1597 0.1618 0.0531  -0.0469 -0.0330 62  HOH A O    
734 O  O    . HOH D .  ? 0.2440 0.2586 0.1272 0.0234  0.0066  0.0797  63  HOH A O    
735 O  O    . HOH D .  ? 0.2110 0.3282 0.1282 -0.1164 0.0028  -0.0521 64  HOH A O    
736 O  O    . HOH D .  ? 0.2056 0.2335 0.2030 -0.0219 0.0043  0.0808  65  HOH A O    
737 O  O    . HOH D .  ? 0.2178 0.1789 0.2967 -0.0453 0.0739  0.0357  66  HOH A O    
738 O  O    . HOH D .  ? 0.1724 0.2951 0.2344 -0.0562 -0.0275 -0.0455 67  HOH A O    
739 O  O    . HOH D .  ? 0.1645 0.2099 0.2487 0.0005  -0.0070 0.0229  68  HOH A O    
740 O  O    . HOH D .  ? 0.1478 0.5913 0.4717 -0.0161 0.0572  -0.0214 69  HOH A O    
741 O  O    . HOH D .  ? 0.3178 0.3115 0.2602 0.0734  -0.0150 -0.0693 70  HOH A O    
742 O  O    . HOH D .  ? 0.2114 0.2825 0.3730 0.0371  0.0348  0.0057  71  HOH A O    
743 O  O    . HOH D .  ? 0.3396 0.3296 0.1401 0.1287  -0.0094 0.0060  72  HOH A O    
744 O  O    . HOH D .  ? 0.2039 0.3700 0.2124 -0.0153 0.0162  0.0512  73  HOH A O    
745 O  O    . HOH D .  ? 0.1177 0.3809 0.2962 -0.0423 0.0406  0.0179  74  HOH A O    
746 O  O    . HOH D .  ? 0.3713 0.1596 0.7555 -0.0721 0.1043  -0.0635 75  HOH A O    
747 O  O    . HOH D .  ? 0.2034 0.3899 0.2760 -0.0332 0.0923  -0.0756 76  HOH A O    
748 O  O    . HOH D .  ? 0.2088 0.3127 0.3262 0.0518  0.0892  0.0257  77  HOH A O    
749 O  O    . HOH D .  ? 0.2902 0.2659 0.1988 -0.0641 0.0075  0.0422  78  HOH A O    
750 O  O    . HOH D .  ? 0.1666 0.3607 0.2189 0.0112  0.0095  -0.0574 79  HOH A O    
751 O  O    . HOH D .  ? 0.3377 0.2557 0.2610 0.0386  0.0484  -0.0744 80  HOH A O    
752 O  O    . HOH D .  ? 0.2708 0.2403 0.4918 0.0480  -0.0407 -0.1763 81  HOH A O    
753 O  O    . HOH D .  ? 0.1858 0.2542 0.5720 0.0386  -0.0028 -0.1016 82  HOH A O    
754 O  O    . HOH D .  ? 0.5506 0.2818 0.2645 -0.1686 -0.1004 -0.0042 83  HOH A O    
755 O  O    . HOH D .  ? 0.3146 0.6560 0.2401 0.0836  -0.0829 -0.1024 84  HOH A O    
756 O  O    . HOH D .  ? 0.4468 0.5284 0.3126 0.0235  -0.0230 0.1557  85  HOH A O    
757 O  O    . HOH D .  ? 0.1243 0.1851 0.2838 -0.0422 0.0035  0.0334  86  HOH A O    
758 O  O    . HOH D .  ? 0.1250 0.1886 0.3044 -0.0061 -0.0079 -0.0095 87  HOH A O    
759 O  O    . HOH D .  ? 0.2180 0.1286 0.1479 0.0000  0.0051  -0.0059 88  HOH A O    
760 O  O    . HOH D .  ? 0.4358 0.1871 0.4193 -0.0123 0.2479  -0.0051 89  HOH A O    
761 O  O    . HOH D .  ? 0.2357 0.1877 0.3154 -0.0115 0.0460  0.0616  90  HOH A O    
762 O  O    . HOH D .  ? 0.1393 0.4488 0.2888 -0.0591 -0.0082 0.1340  91  HOH A O    
763 O  O    . HOH D .  ? 0.4978 0.2614 0.1743 0.1727  -0.0196 -0.0365 92  HOH A O    
764 O  O    . HOH D .  ? 0.2021 0.1893 0.3294 0.0825  -0.0990 -0.0513 93  HOH A O    
765 O  O    . HOH D .  ? 0.2792 0.2311 0.3714 0.1126  0.1494  0.1442  94  HOH A O    
766 O  O    . HOH D .  ? 0.1974 0.2170 0.4069 -0.0244 0.0212  -0.0912 95  HOH A O    
767 O  O    . HOH D .  ? 0.1424 0.2175 0.1684 -0.0328 0.0107  -0.0175 96  HOH A O    
768 O  O    . HOH D .  ? 0.2828 0.2461 0.5469 0.0715  0.1067  0.0851  97  HOH A O    
769 O  O    . HOH D .  ? 0.4839 0.2187 0.3858 -0.1193 -0.1143 -0.0321 98  HOH A O    
770 O  O    . HOH D .  ? 0.1342 0.1583 0.2238 0.0438  -0.0067 0.0443  99  HOH A O    
771 O  O    . HOH D .  ? 0.3202 0.4027 0.2646 -0.1014 -0.0168 0.1129  100 HOH A O    
772 O  O    . HOH D .  ? 0.4151 0.2453 0.1307 -0.1522 0.0886  -0.0694 101 HOH A O    
773 O  O    . HOH D .  ? 0.1938 0.1983 0.4351 -0.0097 0.0092  0.0245  102 HOH A O    
774 O  O    . HOH D .  ? 0.5231 0.3010 0.1680 0.1104  0.0567  0.0589  103 HOH A O    
775 O  O    . HOH D .  ? 0.2119 0.1828 0.3348 0.0495  0.0506  0.0297  104 HOH A O    
776 O  O    . HOH D .  ? 0.6837 0.1847 0.1640 0.2412  0.0139  -0.0112 105 HOH A O    
777 O  O    . HOH D .  ? 0.3900 0.4447 0.1946 -0.0846 0.0412  0.1535  106 HOH A O    
778 O  O    . HOH D .  ? 0.6137 0.1911 0.2600 -0.1817 -0.0434 0.0542  107 HOH A O    
779 O  O    . HOH D .  ? 0.1543 0.2373 0.6950 -0.0450 0.0944  -0.2319 108 HOH A O    
780 O  O    . HOH D .  ? 0.7370 0.2087 0.2246 0.0768  -0.2674 -0.0252 109 HOH A O    
781 O  O    . HOH D .  ? 0.3074 0.1721 0.2492 -0.0742 -0.0192 -0.0533 110 HOH A O    
782 O  O    . HOH D .  ? 0.6456 0.2396 0.1802 0.1407  0.0805  0.0144  111 HOH A O    
783 O  O    . HOH D .  ? 0.1934 0.5332 0.2727 -0.0508 -0.0094 0.0951  112 HOH A O    
784 O  O    . HOH D .  ? 0.5493 0.2784 0.3542 -0.0127 0.0260  0.0502  113 HOH A O    
785 O  O    . HOH D .  ? 0.3274 0.5945 0.3676 -0.1571 0.1431  -0.2471 114 HOH A O    
786 O  O    . HOH D .  ? 0.1443 0.6804 0.2931 0.0278  0.0786  -0.0512 115 HOH A O    
787 O  O    . HOH D .  ? 0.2605 0.4272 0.4630 -0.0640 0.0064  -0.0841 116 HOH A O    
788 O  O    . HOH D .  ? 0.2066 0.4878 0.2941 0.0797  0.0296  0.1233  117 HOH A O    
789 O  O    . HOH D .  ? 0.4931 0.3098 0.2730 0.0750  -0.0418 -0.1569 118 HOH A O    
790 O  O    . HOH D .  ? 0.3621 0.4580 0.2585 -0.0116 -0.0776 0.0883  119 HOH A O    
791 O  O    . HOH D .  ? 0.2825 0.2234 0.3010 0.0933  -0.1218 -0.0231 120 HOH A O    
792 O  O    . HOH D .  ? 0.6046 0.6496 0.5632 -0.1792 0.3278  0.1337  121 HOH A O    
793 O  O    . HOH D .  ? 0.1544 0.8965 0.9695 0.1299  -0.0040 -0.1522 122 HOH A O    
794 O  O    . HOH D .  ? 0.2254 0.3416 0.3014 -0.0251 -0.0313 0.0259  123 HOH A O    
795 O  O    . HOH D .  ? 0.7843 0.2623 0.7096 -0.0325 -0.0276 0.0900  124 HOH A O    
796 O  O    . HOH D .  ? 0.1982 0.1811 0.2735 0.0379  -0.0072 -0.0062 125 HOH A O    
797 O  O    . HOH D .  ? 0.1984 0.0799 0.2274 0.0149  -0.0200 0.0304  126 HOH A O    
798 O  O    . HOH D .  ? 0.1739 0.2156 0.2737 -0.0454 0.0494  -0.0013 127 HOH A O    
799 O  O    . HOH D .  ? 0.2432 0.3805 0.6398 0.0551  0.1769  0.0788  128 HOH A O    
800 O  O    . HOH D .  ? 0.3954 0.6848 0.2702 -0.2031 0.0335  -0.1344 129 HOH A O    
801 O  O    . HOH D .  ? 0.1984 0.1912 0.2382 0.0542  0.0560  0.0655  130 HOH A O    
802 O  O    . HOH D .  ? 0.2695 0.2048 0.6316 0.1154  -0.0491 -0.0332 131 HOH A O    
803 O  O    . HOH D .  ? 0.3827 0.6443 0.2642 -0.0131 0.0653  -0.2545 132 HOH A O    
804 O  O    . HOH D .  ? 0.4363 0.2193 0.3429 -0.0243 0.0682  0.0139  133 HOH A O    
805 O  O    . HOH D .  ? 0.4701 0.4212 0.3311 -0.0060 0.1372  -0.1356 134 HOH A O    
806 O  O    . HOH D .  ? 0.3572 0.3391 0.4950 -0.1313 0.1487  -0.2218 135 HOH A O    
807 O  O    . HOH D .  ? 0.6234 0.3998 0.3027 -0.0229 -0.0402 -0.0292 136 HOH A O    
808 O  O    . HOH D .  ? 0.4692 0.3400 0.4219 0.0984  -0.1631 -0.1298 137 HOH A O    
809 O  O    . HOH D .  ? 0.6680 0.2652 0.5455 0.0797  0.0191  0.0130  138 HOH A O    
810 O  O    . HOH D .  ? 0.3970 0.2617 0.4598 0.0647  0.1097  -0.1139 139 HOH A O    
811 O  O    . HOH D .  ? 0.3919 0.3390 0.4052 -0.0463 -0.0319 -0.1518 140 HOH A O    
812 O  O    . HOH D .  ? 0.5555 0.3018 0.4202 0.0749  -0.0017 -0.0081 141 HOH A O    
813 O  O    . HOH D .  ? 0.5365 0.3981 0.2280 0.0619  0.1694  -0.0036 142 HOH A O    
814 O  O    . HOH D .  ? 0.3913 0.5039 0.3707 0.1592  0.1215  0.1089  143 HOH A O    
815 O  O    . HOH D .  ? 0.3502 0.4273 0.2813 0.0827  -0.0796 0.1251  144 HOH A O    
816 O  O    . HOH D .  ? 0.2546 0.6440 0.5723 -0.0789 0.1277  0.0817  145 HOH A O    
817 O  O    . HOH D .  ? 0.4057 0.4410 0.3266 0.1489  0.0341  0.0677  146 HOH A O    
818 O  O    . HOH D .  ? 0.8529 0.2669 0.4769 -0.0925 -0.1634 -0.1619 147 HOH A O    
819 O  O    . HOH D .  ? 0.4651 0.5506 0.4456 0.1747  0.0335  0.0602  148 HOH A O    
820 O  O    . HOH D .  ? 0.2931 0.4187 0.5622 0.0069  -0.2242 -0.1501 149 HOH A O    
# 
